data_7RE0
#
_entry.id   7RE0
#
_cell.length_a   1.00
_cell.length_b   1.00
_cell.length_c   1.00
_cell.angle_alpha   90.00
_cell.angle_beta   90.00
_cell.angle_gamma   90.00
#
_symmetry.space_group_name_H-M   'P 1'
#
loop_
_entity.id
_entity.type
_entity.pdbx_description
1 polymer 'RNA-directed RNA polymerase'
2 polymer 'Non-structural protein 8'
3 polymer 'Non-structural protein 7'
4 polymer Helicase
5 polymer 'Product RNA'
6 polymer 'Template RNA'
7 non-polymer 'ZINC ION'
8 non-polymer 'MAGNESIUM ION'
9 non-polymer "ADENOSINE-5'-DIPHOSPHATE"
10 non-polymer 'ALUMINUM FLUORIDE'
#
loop_
_entity_poly.entity_id
_entity_poly.type
_entity_poly.pdbx_seq_one_letter_code
_entity_poly.pdbx_strand_id
1 'polypeptide(L)'
;SADAQSFLNRVCGVSAARLTPCGTGTSTDVVYRAFDIYNDKVAGFAKFLKTNCCRFQEKDEDDNLIDSYFVVKRHTFSNY
QHEETIYNLLKDCPAVAKHDFFKFRIDGDMVPHISRQRLTKYTMADLVYALRHFDEGNCDTLKEILVTYNCCDDDYFNKK
DWYDFVENPDILRVYANLGERVRQALLKTVQFCDAMRNAGIVGVLTLDNQDLNGNWYDFGDFIQTTPGSGVPVVDSYYSL
LMPILTLTRALTAESHVDTDLTKPYIKWDLLKYDFTEERLKLFDRYFKYWDQTYHPNCVNCLDDRCILHCANFNVLFSTV
FPPTSFGPLVRKIFVDGVPFVVSTGYHFRELGVVHNQDVNLHSSRLSFKELLVYAADPAMHAASGNLLLDKRTTCFSVAA
LTNNVAFQTVKPGNFNKDFYDFAVSKGFFKEGSSVELKHFFFAQDGNAAISDYDYYRYNLPTMCDIRQLLFVVEVVDKYF
DCYDGGCINANQVIVNNLDKSAGFPFNKWGKARLYYDSMSYEDQDALFAYTKRNVIPTITQMNLKYAISAKNRARTVAGV
SICSTMTNRQFHQKLLKSIAATRGATVVIGTSKFYGGWHNMLKTVYSDVENPHLMGWDYPKCDRAMPNMLRIMASLVLAR
KHTTCCSLSHRFYRLANECAQVLSEMVMCGGSLYVKPGGTSSGDATTAYANSVFNICQAVTANVNALLSTDGNKIADKYV
RNLQHRLYECLYRNRDVDTDFVNEFYAYLRKHFSMMILSDDAVVCFNSTYASQGLVASIKNFKSVLYYQNNVFMSEAKCW
TETDLTKGPHEFCSQHTMLVKQGDDYVYLPYPDPSRILGAGCFVDDIVKTDGTLMIERFVSLAIDAYPLTKHPNQEYADV
FHLYLQYIRKLHDELTGHMLDMYSVMLTNDNTSRYWEPEFYEAMYTPHTVLQ
;
A
2 'polypeptide(L)'
;MAIASEFSSLPSYAAFATAQEAYEQAVANGDSEVVLKKLKKSLNVAKSEFDRDAAMQRKLEKMADQAMTQMYKQARSEDK
RAKVTSAMQTMLFTMLRKLDNDALNNIINNARDGCVPLNIIPLTTAAKLMVVIPDYNTYKNTCDGTTFTYASALWEIQQV
VDADSKIVQLSEISMDNSPNLAWPLIVTALRANSAVKLQ
;
B,D
3 'polypeptide(L)'
;GPVDMSKMSDVKCTSVVLLSVLQQLRVESSSKLWAQCVQLHNDILLAKDTTEAFEKMVSLLSVLLSMQGAVDINKLCEEM
LDNRATLQ
;
C
4 'polypeptide(L)'
;GPHMAVGACVLCNSQTSLRCGACIRRPFLCCKCCYDHVISTSHKLVLSVNPYVCNAPGCDVTDVTQLYLGGMSYYCKSHK
PPISFPLCANGQVFGLYKNTCVGSDNVTDFNAIATCDWTNAGDYILANTCTERLKLFAAETLKATEETFKLSYGIATVRE
VLSDRELHLSWEVGKPRPPLNRNYVFTGYRVTKNSKVQIGEYTFEKGDYGDAVVYRGTTTYKLNVGDYFVLTSHTVMPLS
APTLVPQEHYVRITGLYPTLNISDEFSSNVANYQKVGMQKYSTLQGPPGTGKSHFAIGLALYYPSARIVYTACSHAAVDA
LCEKALKYLPIDKCSRIIPARARVECFDKFKVNSTLEQYVFCTVNALPETTADIVVFDEISMATNYDLSVVNARLRAKHY
VYIGDPAQLPAPRTLLTKGTLEPEYFNSVCRLMKTIGPDMFLGTCRRCPAEIVDTVSALVYDNKLKAHKDKSAQCFKMFY
KGVITHDVSSAINRPQIGVVREFLTRNPAWRKAVFISPYNSQNAVASKILGLPTQTVDSSQGSEYDYVIFTQTTETAHSC
NVNRFNVAITRAKVGILCIMSDRDLYDKLQFTSLEIPRRNVATLQ
;
E,F
5 'polyribonucleotide' CGCGUAGCAUGCUACGUCAUUCUCCUAAGAAGCUA P
6 'polyribonucleotide' CUAUCCCCAUGUGAUUUUAAUAGCUUCUUAGGAGAAUGACGUAGCAUGCUACGCG T
#
# COMPACT_ATOMS: atom_id res chain seq x y z
N ASP A 3 51.90 -35.28 -68.89
CA ASP A 3 51.34 -33.95 -69.09
C ASP A 3 50.28 -33.66 -68.03
N ALA A 4 50.04 -32.38 -67.79
CA ALA A 4 49.04 -31.95 -66.83
C ALA A 4 47.64 -31.94 -67.39
N GLN A 5 47.48 -32.21 -68.69
CA GLN A 5 46.17 -32.34 -69.30
C GLN A 5 45.65 -33.76 -69.25
N SER A 6 46.52 -34.74 -69.45
CA SER A 6 46.11 -36.14 -69.33
C SER A 6 45.74 -36.47 -67.89
N PHE A 7 46.45 -35.87 -66.94
CA PHE A 7 46.07 -36.01 -65.54
C PHE A 7 44.68 -35.44 -65.29
N LEU A 8 44.36 -34.32 -65.94
CA LEU A 8 43.02 -33.75 -65.83
C LEU A 8 41.97 -34.67 -66.44
N ASN A 9 42.29 -35.28 -67.58
CA ASN A 9 41.37 -36.22 -68.21
C ASN A 9 41.11 -37.42 -67.30
N ARG A 10 42.15 -37.93 -66.65
CA ARG A 10 41.95 -39.07 -65.76
C ARG A 10 41.19 -38.65 -64.50
N VAL A 11 41.42 -37.44 -64.00
CA VAL A 11 40.66 -36.98 -62.85
C VAL A 11 39.19 -36.83 -63.20
N CYS A 12 38.89 -36.43 -64.44
CA CYS A 12 37.51 -36.38 -64.90
C CYS A 12 36.86 -37.76 -64.85
N GLY A 13 37.57 -38.77 -65.35
CA GLY A 13 37.09 -40.13 -65.23
C GLY A 13 35.89 -40.42 -66.12
N VAL A 14 35.19 -41.50 -65.76
CA VAL A 14 33.98 -41.87 -66.49
C VAL A 14 32.87 -40.87 -66.24
N SER A 15 32.86 -40.21 -65.09
CA SER A 15 31.88 -39.17 -64.82
C SER A 15 32.01 -38.04 -65.83
N ALA A 16 30.87 -37.58 -66.34
CA ALA A 16 30.85 -36.48 -67.30
C ALA A 16 31.03 -35.19 -66.51
N ALA A 17 32.27 -34.76 -66.37
CA ALA A 17 32.61 -33.58 -65.59
C ALA A 17 33.55 -32.69 -66.40
N ARG A 18 33.29 -31.39 -66.37
CA ARG A 18 34.17 -30.40 -66.95
C ARG A 18 34.97 -29.76 -65.82
N LEU A 19 36.29 -29.95 -65.85
CA LEU A 19 37.15 -29.59 -64.72
C LEU A 19 38.22 -28.62 -65.17
N THR A 20 38.58 -27.69 -64.27
CA THR A 20 39.69 -26.78 -64.48
C THR A 20 40.58 -26.80 -63.24
N PRO A 21 41.90 -26.79 -63.41
CA PRO A 21 42.79 -27.00 -62.25
C PRO A 21 42.82 -25.79 -61.33
N CYS A 22 42.60 -26.04 -60.03
CA CYS A 22 42.74 -24.98 -59.04
C CYS A 22 44.20 -24.65 -58.79
N GLY A 23 45.10 -25.60 -59.05
CA GLY A 23 46.53 -25.34 -58.96
C GLY A 23 47.12 -25.06 -60.32
N THR A 24 48.26 -25.68 -60.63
CA THR A 24 48.91 -25.49 -61.91
C THR A 24 49.91 -26.60 -62.22
N GLY A 25 49.71 -27.28 -63.35
CA GLY A 25 50.69 -28.21 -63.87
C GLY A 25 50.91 -29.47 -63.05
N THR A 26 49.88 -30.31 -62.94
CA THR A 26 49.87 -31.58 -62.18
C THR A 26 50.69 -31.50 -60.89
N SER A 27 50.46 -30.42 -60.14
CA SER A 27 51.15 -30.19 -58.89
C SER A 27 50.14 -29.92 -57.79
N THR A 28 50.51 -30.29 -56.58
CA THR A 28 49.63 -30.15 -55.43
C THR A 28 49.26 -28.69 -55.18
N ASP A 29 47.99 -28.47 -54.88
CA ASP A 29 47.48 -27.16 -54.50
C ASP A 29 47.51 -27.03 -52.98
N VAL A 30 48.14 -25.98 -52.47
CA VAL A 30 48.36 -25.79 -51.05
C VAL A 30 47.29 -24.84 -50.52
N VAL A 31 46.55 -25.29 -49.51
CA VAL A 31 45.44 -24.48 -49.00
C VAL A 31 45.45 -24.46 -47.48
N TYR A 32 45.04 -23.35 -46.91
CA TYR A 32 45.04 -23.11 -45.47
C TYR A 32 43.68 -23.53 -44.92
N ARG A 33 43.62 -24.69 -44.27
CA ARG A 33 42.37 -25.27 -43.80
C ARG A 33 42.38 -25.38 -42.29
N ALA A 34 41.34 -25.99 -41.72
CA ALA A 34 40.94 -25.78 -40.33
C ALA A 34 40.84 -27.11 -39.57
N PHE A 35 41.92 -27.88 -39.57
CA PHE A 35 41.87 -29.26 -39.10
C PHE A 35 41.57 -29.38 -37.61
N ASP A 36 41.02 -30.52 -37.24
CA ASP A 36 40.88 -30.97 -35.86
C ASP A 36 41.71 -32.24 -35.75
N ILE A 37 42.87 -32.14 -35.13
CA ILE A 37 43.91 -33.16 -35.28
C ILE A 37 44.33 -33.64 -33.91
N TYR A 38 44.77 -34.89 -33.86
CA TYR A 38 45.33 -35.48 -32.65
C TYR A 38 46.18 -36.66 -33.08
N ASN A 39 47.49 -36.55 -32.90
CA ASN A 39 48.39 -37.65 -33.21
C ASN A 39 49.47 -37.68 -32.13
N ASP A 40 50.56 -38.41 -32.41
CA ASP A 40 51.60 -38.61 -31.40
C ASP A 40 52.33 -37.31 -31.06
N LYS A 41 52.34 -36.35 -31.98
CA LYS A 41 53.10 -35.12 -31.77
C LYS A 41 52.23 -33.87 -31.62
N VAL A 42 51.20 -33.70 -32.43
CA VAL A 42 50.40 -32.48 -32.43
C VAL A 42 48.98 -32.82 -32.00
N ALA A 43 48.26 -31.80 -31.54
CA ALA A 43 46.87 -31.94 -31.15
C ALA A 43 46.20 -30.58 -31.18
N GLY A 44 44.89 -30.57 -31.34
CA GLY A 44 44.14 -29.33 -31.23
C GLY A 44 43.27 -29.10 -32.45
N PHE A 45 42.47 -28.05 -32.35
CA PHE A 45 41.54 -27.62 -33.39
C PHE A 45 42.11 -26.34 -33.98
N ALA A 46 42.94 -26.47 -35.01
CA ALA A 46 43.74 -25.36 -35.48
C ALA A 46 43.76 -25.30 -36.99
N LYS A 47 44.10 -24.11 -37.50
CA LYS A 47 44.19 -23.87 -38.93
C LYS A 47 45.60 -24.23 -39.39
N PHE A 48 45.72 -25.34 -40.10
CA PHE A 48 46.97 -25.78 -40.68
C PHE A 48 46.99 -25.47 -42.17
N LEU A 49 48.02 -25.93 -42.84
CA LEU A 49 48.27 -25.63 -44.26
C LEU A 49 48.48 -26.94 -44.99
N LYS A 50 47.42 -27.48 -45.60
CA LYS A 50 47.48 -28.81 -46.20
C LYS A 50 48.05 -28.72 -47.60
N THR A 51 48.99 -29.61 -47.90
CA THR A 51 49.80 -29.64 -49.11
C THR A 51 49.89 -31.05 -49.67
N ASN A 52 48.81 -31.83 -49.57
CA ASN A 52 48.84 -33.20 -50.05
C ASN A 52 47.80 -33.49 -51.13
N CYS A 53 47.02 -32.49 -51.55
CA CYS A 53 45.88 -32.71 -52.42
C CYS A 53 46.01 -31.84 -53.67
N CYS A 54 45.78 -32.45 -54.83
CA CYS A 54 45.56 -31.70 -56.06
C CYS A 54 44.08 -31.38 -56.18
N ARG A 55 43.75 -30.12 -56.39
CA ARG A 55 42.36 -29.68 -56.43
C ARG A 55 41.99 -29.19 -57.81
N PHE A 56 40.82 -29.61 -58.28
CA PHE A 56 40.23 -29.15 -59.53
C PHE A 56 38.83 -28.67 -59.22
N GLN A 57 38.38 -27.63 -59.92
CA GLN A 57 37.03 -27.13 -59.75
C GLN A 57 36.20 -27.46 -60.99
N GLU A 58 34.99 -27.91 -60.76
CA GLU A 58 34.08 -28.26 -61.84
C GLU A 58 33.32 -27.03 -62.30
N LYS A 59 33.09 -26.95 -63.60
CA LYS A 59 32.26 -25.91 -64.20
C LYS A 59 31.08 -26.58 -64.90
N ASP A 60 29.89 -26.08 -64.65
CA ASP A 60 28.73 -26.51 -65.43
C ASP A 60 28.80 -25.85 -66.79
N GLU A 61 28.37 -26.59 -67.82
CA GLU A 61 28.21 -26.02 -69.16
C GLU A 61 27.45 -24.71 -69.07
N ASP A 62 27.85 -23.76 -69.92
CA ASP A 62 27.88 -22.30 -69.75
C ASP A 62 29.15 -21.92 -69.00
N ASP A 63 29.99 -22.90 -68.63
CA ASP A 63 31.35 -22.67 -68.13
C ASP A 63 31.39 -21.81 -66.87
N ASN A 64 30.41 -21.96 -65.99
CA ASN A 64 30.46 -21.25 -64.72
C ASN A 64 30.98 -22.15 -63.62
N LEU A 65 31.88 -21.61 -62.81
CA LEU A 65 32.50 -22.37 -61.73
C LEU A 65 31.50 -22.56 -60.60
N ILE A 66 31.30 -23.81 -60.18
CA ILE A 66 30.37 -24.14 -59.12
C ILE A 66 31.13 -24.66 -57.92
N ASP A 67 30.41 -24.89 -56.83
CA ASP A 67 30.99 -25.31 -55.55
C ASP A 67 31.07 -26.84 -55.51
N SER A 68 31.87 -27.39 -56.42
CA SER A 68 32.10 -28.83 -56.47
C SER A 68 33.50 -29.06 -56.98
N TYR A 69 34.31 -29.78 -56.20
CA TYR A 69 35.72 -29.93 -56.47
C TYR A 69 36.11 -31.39 -56.49
N PHE A 70 37.14 -31.71 -57.25
CA PHE A 70 37.69 -33.06 -57.37
C PHE A 70 39.05 -33.04 -56.68
N VAL A 71 39.12 -33.61 -55.49
CA VAL A 71 40.32 -33.56 -54.66
C VAL A 71 41.07 -34.88 -54.83
N VAL A 72 42.31 -34.80 -55.31
CA VAL A 72 43.02 -35.95 -55.86
C VAL A 72 44.24 -36.30 -55.03
N LYS A 73 44.10 -36.23 -53.71
CA LYS A 73 45.17 -36.51 -52.74
C LYS A 73 46.06 -37.69 -53.16
N ARG A 74 47.37 -37.45 -53.14
CA ARG A 74 48.36 -38.47 -53.41
C ARG A 74 49.18 -38.74 -52.17
N HIS A 75 49.49 -40.00 -51.93
CA HIS A 75 50.17 -40.44 -50.72
C HIS A 75 50.85 -41.78 -51.02
N THR A 76 51.26 -42.49 -49.97
CA THR A 76 51.95 -43.76 -50.10
C THR A 76 51.01 -44.83 -50.66
N PHE A 77 51.62 -45.92 -51.12
CA PHE A 77 50.88 -46.99 -51.77
C PHE A 77 50.13 -47.85 -50.77
N SER A 78 50.70 -48.08 -49.58
CA SER A 78 50.01 -48.85 -48.56
C SER A 78 48.76 -48.13 -48.07
N ASN A 79 48.85 -46.82 -47.88
CA ASN A 79 47.66 -46.03 -47.53
C ASN A 79 46.64 -46.08 -48.66
N TYR A 80 47.10 -46.08 -49.90
CA TYR A 80 46.20 -46.19 -51.05
C TYR A 80 45.41 -47.50 -51.02
N GLN A 81 46.11 -48.62 -50.81
CA GLN A 81 45.43 -49.90 -50.76
C GLN A 81 44.47 -49.99 -49.57
N HIS A 82 44.92 -49.54 -48.41
CA HIS A 82 44.09 -49.63 -47.21
C HIS A 82 42.83 -48.79 -47.35
N GLU A 83 42.97 -47.56 -47.85
CA GLU A 83 41.81 -46.70 -48.02
C GLU A 83 40.90 -47.22 -49.13
N GLU A 84 41.47 -47.89 -50.15
CA GLU A 84 40.64 -48.50 -51.16
C GLU A 84 39.77 -49.61 -50.57
N THR A 85 40.34 -50.46 -49.72
CA THR A 85 39.56 -51.53 -49.11
C THR A 85 38.50 -50.95 -48.17
N ILE A 86 38.85 -49.95 -47.37
CA ILE A 86 37.87 -49.35 -46.46
C ILE A 86 36.75 -48.68 -47.25
N TYR A 87 37.07 -48.10 -48.40
CA TYR A 87 36.02 -47.52 -49.24
C TYR A 87 35.12 -48.61 -49.82
N ASN A 88 35.71 -49.69 -50.32
CA ASN A 88 34.90 -50.78 -50.86
C ASN A 88 33.96 -51.36 -49.81
N LEU A 89 34.35 -51.31 -48.54
CA LEU A 89 33.41 -51.71 -47.49
C LEU A 89 32.30 -50.68 -47.32
N LEU A 90 32.63 -49.40 -47.36
CA LEU A 90 31.68 -48.32 -47.11
C LEU A 90 31.13 -47.70 -48.38
N LYS A 91 31.32 -48.35 -49.53
CA LYS A 91 30.97 -47.75 -50.81
C LYS A 91 29.48 -47.49 -50.92
N ASP A 92 28.65 -48.40 -50.40
CA ASP A 92 27.21 -48.35 -50.65
C ASP A 92 26.50 -47.29 -49.82
N CYS A 93 27.12 -46.75 -48.80
CA CYS A 93 26.48 -45.73 -47.99
C CYS A 93 26.28 -44.47 -48.81
N PRO A 94 25.11 -43.85 -48.78
CA PRO A 94 24.93 -42.59 -49.52
C PRO A 94 25.66 -41.42 -48.91
N ALA A 95 25.99 -41.45 -47.62
CA ALA A 95 26.71 -40.36 -46.99
C ALA A 95 28.22 -40.58 -47.05
N VAL A 96 28.72 -40.91 -48.23
CA VAL A 96 30.14 -41.14 -48.46
C VAL A 96 30.46 -40.54 -49.82
N ALA A 97 31.48 -39.70 -49.86
CA ALA A 97 31.89 -39.09 -51.12
C ALA A 97 32.36 -40.16 -52.09
N LYS A 98 32.20 -39.87 -53.38
CA LYS A 98 32.59 -40.82 -54.41
C LYS A 98 34.11 -40.79 -54.56
N HIS A 99 34.75 -41.94 -54.46
CA HIS A 99 36.19 -42.04 -54.61
C HIS A 99 36.53 -42.75 -55.91
N ASP A 100 37.62 -42.32 -56.53
CA ASP A 100 38.18 -42.99 -57.70
C ASP A 100 39.65 -43.25 -57.41
N PHE A 101 40.07 -44.50 -57.50
CA PHE A 101 41.44 -44.88 -57.18
C PHE A 101 42.17 -45.22 -58.47
N PHE A 102 43.26 -44.52 -58.75
CA PHE A 102 44.04 -44.82 -59.93
C PHE A 102 45.51 -44.62 -59.62
N LYS A 103 46.35 -45.07 -60.55
CA LYS A 103 47.80 -44.91 -60.46
C LYS A 103 48.27 -44.25 -61.75
N PHE A 104 48.75 -43.02 -61.65
CA PHE A 104 49.13 -42.24 -62.80
C PHE A 104 50.63 -42.01 -62.80
N ARG A 105 51.24 -42.16 -63.98
CA ARG A 105 52.68 -41.94 -64.13
C ARG A 105 52.93 -40.44 -64.06
N ILE A 106 53.39 -39.97 -62.90
CA ILE A 106 53.48 -38.52 -62.69
C ILE A 106 54.72 -37.96 -63.39
N ASP A 107 55.90 -38.42 -63.01
CA ASP A 107 57.13 -38.02 -63.69
C ASP A 107 57.78 -39.19 -64.39
N GLY A 108 58.15 -40.23 -63.65
CA GLY A 108 58.66 -41.44 -64.22
C GLY A 108 58.20 -42.63 -63.41
N ASP A 109 57.31 -42.36 -62.45
CA ASP A 109 56.82 -43.38 -61.53
C ASP A 109 55.31 -43.30 -61.45
N MET A 110 54.68 -44.46 -61.29
CA MET A 110 53.23 -44.59 -61.19
C MET A 110 52.83 -44.23 -59.76
N VAL A 111 52.56 -42.96 -59.53
CA VAL A 111 52.13 -42.50 -58.22
C VAL A 111 50.66 -42.88 -58.03
N PRO A 112 50.28 -43.45 -56.88
CA PRO A 112 48.88 -43.79 -56.63
C PRO A 112 48.10 -42.59 -56.10
N HIS A 113 47.05 -42.21 -56.82
CA HIS A 113 46.17 -41.11 -56.42
C HIS A 113 44.79 -41.66 -56.07
N ILE A 114 44.18 -41.06 -55.06
CA ILE A 114 42.77 -41.26 -54.76
C ILE A 114 42.08 -39.92 -54.98
N SER A 115 40.92 -39.96 -55.63
CA SER A 115 40.26 -38.77 -56.15
C SER A 115 38.86 -38.70 -55.57
N ARG A 116 38.61 -37.74 -54.71
CA ARG A 116 37.30 -37.57 -54.10
C ARG A 116 36.51 -36.57 -54.93
N GLN A 117 35.30 -36.94 -55.33
CA GLN A 117 34.59 -36.25 -56.38
C GLN A 117 33.44 -35.41 -55.82
N ARG A 118 33.34 -34.18 -56.32
CA ARG A 118 32.23 -33.28 -56.03
C ARG A 118 32.11 -32.96 -54.54
N LEU A 119 33.25 -32.68 -53.92
CA LEU A 119 33.27 -32.11 -52.59
C LEU A 119 33.06 -30.60 -52.68
N THR A 120 32.70 -29.97 -51.58
CA THR A 120 32.59 -28.53 -51.54
C THR A 120 33.98 -27.91 -51.39
N LYS A 121 34.04 -26.58 -51.38
CA LYS A 121 35.31 -25.92 -51.17
C LYS A 121 35.78 -26.08 -49.72
N TYR A 122 34.88 -25.84 -48.78
CA TYR A 122 35.18 -25.93 -47.37
C TYR A 122 34.51 -27.14 -46.77
N THR A 123 34.93 -27.47 -45.55
CA THR A 123 34.44 -28.61 -44.82
C THR A 123 33.67 -28.12 -43.59
N MET A 124 33.12 -29.06 -42.83
CA MET A 124 32.43 -28.68 -41.61
C MET A 124 33.39 -28.09 -40.59
N ALA A 125 34.65 -28.53 -40.61
CA ALA A 125 35.64 -27.98 -39.69
C ALA A 125 35.90 -26.51 -39.99
N ASP A 126 35.92 -26.14 -41.26
CA ASP A 126 36.11 -24.75 -41.63
C ASP A 126 34.96 -23.88 -41.15
N LEU A 127 33.73 -24.36 -41.29
CA LEU A 127 32.58 -23.60 -40.81
C LEU A 127 32.60 -23.46 -39.29
N VAL A 128 32.90 -24.57 -38.60
CA VAL A 128 32.93 -24.54 -37.14
C VAL A 128 34.05 -23.63 -36.64
N TYR A 129 35.21 -23.68 -37.29
CA TYR A 129 36.31 -22.80 -36.92
C TYR A 129 35.98 -21.34 -37.19
N ALA A 130 35.38 -21.06 -38.34
CA ALA A 130 35.05 -19.67 -38.68
C ALA A 130 34.04 -19.08 -37.70
N LEU A 131 33.11 -19.90 -37.23
CA LEU A 131 32.13 -19.38 -36.28
C LEU A 131 32.61 -19.45 -34.83
N ARG A 132 33.64 -20.25 -34.54
CA ARG A 132 34.13 -20.42 -33.17
C ARG A 132 35.38 -19.59 -32.87
N HIS A 133 36.09 -19.15 -33.90
CA HIS A 133 37.27 -18.33 -33.72
C HIS A 133 37.10 -17.04 -34.51
N PHE A 134 35.94 -16.41 -34.34
CA PHE A 134 35.56 -15.29 -35.17
C PHE A 134 36.45 -14.08 -34.94
N ASP A 135 36.83 -13.43 -36.04
CA ASP A 135 37.59 -12.19 -36.01
C ASP A 135 37.04 -11.33 -37.14
N GLU A 136 36.45 -10.19 -36.79
CA GLU A 136 35.77 -9.39 -37.81
C GLU A 136 36.74 -8.75 -38.78
N GLY A 137 38.01 -8.63 -38.42
CA GLY A 137 38.99 -8.12 -39.37
C GLY A 137 39.49 -9.17 -40.33
N ASN A 138 39.43 -10.45 -39.93
CA ASN A 138 39.83 -11.56 -40.78
C ASN A 138 38.72 -12.61 -40.74
N CYS A 139 37.69 -12.40 -41.57
CA CYS A 139 36.61 -13.37 -41.76
C CYS A 139 36.36 -13.44 -43.26
N ASP A 140 37.09 -14.30 -43.95
CA ASP A 140 36.90 -14.48 -45.39
C ASP A 140 36.35 -15.83 -45.76
N THR A 141 36.59 -16.86 -44.93
CA THR A 141 35.94 -18.14 -45.15
C THR A 141 34.50 -18.10 -44.69
N LEU A 142 34.20 -17.35 -43.63
CA LEU A 142 32.81 -17.20 -43.22
C LEU A 142 32.01 -16.45 -44.25
N LYS A 143 32.58 -15.36 -44.80
CA LYS A 143 31.90 -14.63 -45.86
C LYS A 143 31.71 -15.50 -47.09
N GLU A 144 32.72 -16.28 -47.45
CA GLU A 144 32.61 -17.12 -48.63
C GLU A 144 31.60 -18.24 -48.44
N ILE A 145 31.56 -18.81 -47.23
CA ILE A 145 30.56 -19.84 -46.94
C ILE A 145 29.15 -19.26 -46.98
N LEU A 146 28.96 -18.07 -46.40
CA LEU A 146 27.65 -17.45 -46.40
C LEU A 146 27.21 -17.08 -47.80
N VAL A 147 28.13 -16.59 -48.63
CA VAL A 147 27.77 -16.19 -49.99
C VAL A 147 27.48 -17.41 -50.85
N THR A 148 28.30 -18.45 -50.77
CA THR A 148 28.19 -19.56 -51.70
C THR A 148 26.97 -20.43 -51.43
N TYR A 149 26.36 -20.33 -50.25
CA TYR A 149 25.17 -21.10 -49.91
C TYR A 149 23.95 -20.20 -49.75
N ASN A 150 23.98 -19.02 -50.36
CA ASN A 150 22.83 -18.14 -50.50
C ASN A 150 22.25 -17.73 -49.15
N CYS A 151 23.11 -17.57 -48.14
CA CYS A 151 22.65 -16.98 -46.89
C CYS A 151 22.45 -15.48 -47.03
N CYS A 152 23.38 -14.82 -47.73
CA CYS A 152 23.29 -13.39 -47.99
C CYS A 152 23.77 -13.14 -49.42
N ASP A 153 23.96 -11.87 -49.77
CA ASP A 153 24.10 -11.47 -51.17
C ASP A 153 25.43 -10.77 -51.47
N ASP A 154 26.42 -10.90 -50.58
CA ASP A 154 27.79 -10.44 -50.78
C ASP A 154 27.91 -8.92 -50.71
N ASP A 155 26.76 -8.23 -50.64
CA ASP A 155 26.72 -6.82 -50.28
C ASP A 155 26.26 -6.63 -48.84
N TYR A 156 25.78 -7.71 -48.22
CA TYR A 156 25.37 -7.67 -46.82
C TYR A 156 26.51 -7.27 -45.91
N PHE A 157 27.75 -7.50 -46.35
CA PHE A 157 28.93 -7.18 -45.58
C PHE A 157 29.37 -5.74 -45.77
N ASN A 158 28.73 -5.00 -46.67
CA ASN A 158 28.95 -3.56 -46.74
C ASN A 158 28.37 -2.82 -45.55
N LYS A 159 27.48 -3.46 -44.80
CA LYS A 159 26.96 -2.89 -43.56
C LYS A 159 28.09 -2.73 -42.55
N LYS A 160 27.98 -1.70 -41.72
CA LYS A 160 29.10 -1.33 -40.85
C LYS A 160 29.43 -2.43 -39.86
N ASP A 161 28.44 -2.89 -39.10
CA ASP A 161 28.61 -4.00 -38.16
C ASP A 161 27.57 -5.05 -38.53
N TRP A 162 27.88 -5.88 -39.51
CA TRP A 162 26.95 -6.94 -39.88
C TRP A 162 27.06 -8.13 -38.94
N TYR A 163 28.23 -8.34 -38.36
CA TYR A 163 28.48 -9.45 -37.46
C TYR A 163 27.93 -9.23 -36.07
N ASP A 164 27.70 -7.97 -35.68
CA ASP A 164 27.29 -7.67 -34.32
C ASP A 164 25.90 -8.21 -34.04
N PHE A 165 25.77 -8.95 -32.94
CA PHE A 165 24.49 -9.55 -32.62
C PHE A 165 23.48 -8.55 -32.08
N VAL A 166 23.94 -7.48 -31.43
CA VAL A 166 23.03 -6.52 -30.83
C VAL A 166 22.86 -5.26 -31.68
N GLU A 167 23.80 -4.97 -32.56
CA GLU A 167 23.63 -3.86 -33.48
C GLU A 167 22.94 -4.28 -34.77
N ASN A 168 23.15 -5.52 -35.20
CA ASN A 168 22.50 -6.08 -36.38
C ASN A 168 21.96 -7.46 -36.03
N PRO A 169 20.79 -7.53 -35.38
CA PRO A 169 20.22 -8.84 -35.05
C PRO A 169 19.85 -9.66 -36.26
N ASP A 170 19.69 -9.03 -37.43
CA ASP A 170 19.35 -9.75 -38.65
C ASP A 170 20.39 -10.79 -39.03
N ILE A 171 21.61 -10.67 -38.50
CA ILE A 171 22.64 -11.67 -38.76
C ILE A 171 22.17 -13.05 -38.30
N LEU A 172 21.33 -13.11 -37.27
CA LEU A 172 20.76 -14.38 -36.85
C LEU A 172 20.00 -15.03 -38.00
N ARG A 173 19.13 -14.24 -38.66
CA ARG A 173 18.42 -14.74 -39.82
C ARG A 173 19.38 -15.24 -40.89
N VAL A 174 20.54 -14.61 -41.03
CA VAL A 174 21.52 -15.08 -42.00
C VAL A 174 22.12 -16.41 -41.54
N TYR A 175 22.48 -16.51 -40.27
CA TYR A 175 23.11 -17.73 -39.78
C TYR A 175 22.16 -18.91 -39.84
N ALA A 176 20.88 -18.67 -39.55
CA ALA A 176 19.88 -19.72 -39.63
C ALA A 176 19.70 -20.23 -41.06
N ASN A 177 20.11 -19.47 -42.07
CA ASN A 177 20.05 -19.97 -43.44
C ASN A 177 21.04 -21.10 -43.68
N LEU A 178 22.02 -21.27 -42.79
CA LEU A 178 22.89 -22.44 -42.84
C LEU A 178 22.27 -23.64 -42.14
N GLY A 179 21.20 -23.44 -41.37
CA GLY A 179 20.75 -24.48 -40.46
C GLY A 179 20.39 -25.78 -41.15
N GLU A 180 19.58 -25.69 -42.21
CA GLU A 180 19.19 -26.90 -42.91
C GLU A 180 20.36 -27.55 -43.63
N ARG A 181 21.40 -26.79 -43.95
CA ARG A 181 22.61 -27.42 -44.47
C ARG A 181 23.38 -28.12 -43.37
N VAL A 182 23.33 -27.59 -42.14
CA VAL A 182 23.98 -28.26 -41.02
C VAL A 182 23.22 -29.52 -40.64
N ARG A 183 21.89 -29.42 -40.54
CA ARG A 183 21.09 -30.54 -40.06
C ARG A 183 21.21 -31.74 -40.98
N GLN A 184 21.18 -31.52 -42.30
CA GLN A 184 21.39 -32.61 -43.24
C GLN A 184 22.73 -33.28 -42.99
N ALA A 185 23.78 -32.47 -42.73
CA ALA A 185 25.08 -33.02 -42.38
C ALA A 185 24.96 -33.96 -41.21
N LEU A 186 24.23 -33.54 -40.16
CA LEU A 186 24.03 -34.40 -38.99
C LEU A 186 23.42 -35.72 -39.41
N LEU A 187 22.40 -35.68 -40.26
CA LEU A 187 21.75 -36.92 -40.69
C LEU A 187 22.73 -37.80 -41.43
N LYS A 188 23.57 -37.18 -42.28
CA LYS A 188 24.57 -37.95 -43.01
C LYS A 188 25.50 -38.67 -42.05
N THR A 189 25.89 -38.00 -40.95
CA THR A 189 26.75 -38.63 -39.97
C THR A 189 26.11 -39.88 -39.42
N VAL A 190 24.82 -39.80 -39.08
CA VAL A 190 24.15 -40.95 -38.48
C VAL A 190 24.04 -42.09 -39.48
N GLN A 191 24.04 -41.78 -40.77
CA GLN A 191 24.12 -42.86 -41.74
C GLN A 191 25.51 -43.45 -41.76
N PHE A 192 26.52 -42.58 -41.80
CA PHE A 192 27.90 -43.03 -41.93
C PHE A 192 28.30 -43.87 -40.74
N CYS A 193 27.97 -43.41 -39.54
CA CYS A 193 28.18 -44.20 -38.33
C CYS A 193 27.56 -45.58 -38.48
N ASP A 194 26.30 -45.65 -38.92
CA ASP A 194 25.66 -46.93 -39.13
C ASP A 194 26.45 -47.76 -40.14
N ALA A 195 26.88 -47.14 -41.23
CA ALA A 195 27.66 -47.85 -42.24
C ALA A 195 28.95 -48.40 -41.66
N MET A 196 29.54 -47.69 -40.70
CA MET A 196 30.72 -48.25 -40.04
C MET A 196 30.32 -49.38 -39.11
N ARG A 197 29.25 -49.18 -38.34
CA ARG A 197 28.87 -50.16 -37.32
C ARG A 197 28.52 -51.50 -37.95
N ASN A 198 27.85 -51.48 -39.10
CA ASN A 198 27.50 -52.71 -39.78
C ASN A 198 28.62 -53.27 -40.62
N ALA A 199 29.70 -52.52 -40.85
CA ALA A 199 30.83 -53.01 -41.61
C ALA A 199 31.99 -53.47 -40.74
N GLY A 200 31.95 -53.17 -39.45
CA GLY A 200 33.05 -53.48 -38.57
C GLY A 200 34.25 -52.63 -38.90
N ILE A 201 34.11 -51.32 -38.76
CA ILE A 201 35.18 -50.38 -39.07
C ILE A 201 35.29 -49.41 -37.90
N VAL A 202 36.46 -49.36 -37.27
CA VAL A 202 36.71 -48.51 -36.11
C VAL A 202 37.47 -47.28 -36.58
N GLY A 203 37.01 -46.10 -36.17
CA GLY A 203 37.67 -44.88 -36.58
C GLY A 203 37.07 -43.69 -35.89
N VAL A 204 37.87 -42.63 -35.81
CA VAL A 204 37.45 -41.37 -35.20
C VAL A 204 36.88 -40.48 -36.28
N LEU A 205 35.70 -39.93 -36.04
CA LEU A 205 35.07 -39.00 -36.96
C LEU A 205 35.49 -37.59 -36.61
N THR A 206 36.09 -36.88 -37.57
CA THR A 206 36.52 -35.51 -37.39
C THR A 206 35.75 -34.62 -38.35
N LEU A 207 35.60 -33.35 -37.97
CA LEU A 207 34.84 -32.42 -38.78
C LEU A 207 35.50 -32.13 -40.12
N ASP A 208 36.82 -32.24 -40.21
CA ASP A 208 37.54 -31.89 -41.42
C ASP A 208 37.43 -32.95 -42.51
N ASN A 209 36.79 -34.09 -42.23
CA ASN A 209 36.59 -35.13 -43.22
C ASN A 209 35.16 -35.13 -43.75
N GLN A 210 34.40 -34.08 -43.50
CA GLN A 210 33.03 -33.97 -43.97
C GLN A 210 32.85 -32.62 -44.63
N ASP A 211 32.50 -32.62 -45.92
CA ASP A 211 32.23 -31.35 -46.58
C ASP A 211 30.86 -30.83 -46.18
N LEU A 212 30.55 -29.63 -46.65
CA LEU A 212 29.32 -28.97 -46.24
C LEU A 212 28.09 -29.59 -46.87
N ASN A 213 28.25 -30.39 -47.92
CA ASN A 213 27.14 -31.25 -48.36
C ASN A 213 26.83 -32.30 -47.31
N GLY A 214 27.85 -32.91 -46.73
CA GLY A 214 27.65 -33.89 -45.67
C GLY A 214 28.41 -35.18 -45.89
N ASN A 215 29.05 -35.33 -47.04
CA ASN A 215 29.73 -36.57 -47.39
C ASN A 215 31.06 -36.70 -46.64
N TRP A 216 31.54 -37.93 -46.56
CA TRP A 216 32.74 -38.27 -45.80
C TRP A 216 33.78 -38.89 -46.73
N TYR A 217 35.06 -38.53 -46.54
CA TYR A 217 36.05 -38.94 -47.53
C TYR A 217 37.43 -39.35 -47.00
N ASP A 218 37.66 -39.46 -45.70
CA ASP A 218 39.01 -39.75 -45.19
C ASP A 218 38.99 -41.02 -44.38
N PHE A 219 39.58 -42.09 -44.93
CA PHE A 219 39.58 -43.41 -44.31
C PHE A 219 40.99 -43.88 -43.98
N GLY A 220 41.94 -42.95 -43.82
CA GLY A 220 43.31 -43.34 -43.61
C GLY A 220 43.56 -44.00 -42.26
N ASP A 221 42.92 -43.49 -41.21
CA ASP A 221 43.08 -44.00 -39.86
C ASP A 221 41.89 -44.84 -39.44
N PHE A 222 41.31 -45.57 -40.38
CA PHE A 222 40.20 -46.48 -40.11
C PHE A 222 40.75 -47.90 -40.12
N ILE A 223 40.58 -48.61 -39.01
CA ILE A 223 40.95 -50.02 -38.92
C ILE A 223 39.67 -50.83 -38.88
N GLN A 224 39.67 -51.98 -39.54
CA GLN A 224 38.47 -52.80 -39.64
C GLN A 224 38.53 -53.97 -38.67
N THR A 225 37.40 -54.24 -38.05
CA THR A 225 37.19 -55.36 -37.13
C THR A 225 36.14 -56.27 -37.73
N THR A 226 35.66 -57.23 -36.94
CA THR A 226 34.62 -58.12 -37.41
C THR A 226 33.36 -57.32 -37.73
N PRO A 227 32.67 -57.63 -38.83
CA PRO A 227 31.51 -56.82 -39.22
C PRO A 227 30.37 -56.94 -38.24
N GLY A 228 29.59 -55.87 -38.14
CA GLY A 228 28.52 -55.78 -37.18
C GLY A 228 28.95 -55.26 -35.82
N SER A 229 30.24 -55.03 -35.62
CA SER A 229 30.75 -54.63 -34.31
C SER A 229 31.79 -53.52 -34.44
N GLY A 230 31.67 -52.66 -35.44
CA GLY A 230 32.51 -51.50 -35.53
C GLY A 230 32.06 -50.46 -34.53
N VAL A 231 32.83 -49.37 -34.47
CA VAL A 231 32.50 -48.29 -33.54
C VAL A 231 33.04 -46.97 -34.06
N PRO A 232 32.19 -46.02 -34.40
CA PRO A 232 32.66 -44.67 -34.70
C PRO A 232 32.80 -43.83 -33.45
N VAL A 233 33.94 -43.15 -33.30
CA VAL A 233 34.19 -42.31 -32.13
C VAL A 233 33.82 -40.88 -32.50
N VAL A 234 32.70 -40.40 -31.98
CA VAL A 234 32.13 -39.12 -32.39
C VAL A 234 32.18 -38.12 -31.26
N ASP A 235 33.16 -38.27 -30.36
CA ASP A 235 33.20 -37.41 -29.18
C ASP A 235 33.58 -35.99 -29.54
N SER A 236 34.63 -35.82 -30.34
CA SER A 236 35.07 -34.50 -30.74
C SER A 236 34.31 -33.94 -31.93
N TYR A 237 33.71 -34.81 -32.75
CA TYR A 237 32.88 -34.34 -33.85
C TYR A 237 31.68 -33.57 -33.33
N TYR A 238 30.85 -34.20 -32.52
CA TYR A 238 29.61 -33.57 -32.08
C TYR A 238 29.89 -32.40 -31.15
N SER A 239 30.92 -32.50 -30.32
CA SER A 239 31.11 -31.51 -29.27
C SER A 239 31.60 -30.18 -29.83
N LEU A 240 32.52 -30.22 -30.80
CA LEU A 240 32.95 -29.00 -31.45
C LEU A 240 31.80 -28.36 -32.24
N LEU A 241 30.90 -29.18 -32.79
CA LEU A 241 29.79 -28.69 -33.58
C LEU A 241 28.71 -28.04 -32.73
N MET A 242 28.62 -28.36 -31.45
CA MET A 242 27.45 -27.99 -30.65
C MET A 242 27.14 -26.50 -30.61
N PRO A 243 28.10 -25.57 -30.46
CA PRO A 243 27.73 -24.15 -30.52
C PRO A 243 27.14 -23.73 -31.85
N ILE A 244 27.36 -24.49 -32.92
CA ILE A 244 26.84 -24.14 -34.23
C ILE A 244 25.43 -24.68 -34.46
N LEU A 245 25.00 -25.67 -33.68
CA LEU A 245 23.67 -26.23 -33.87
C LEU A 245 22.57 -25.29 -33.39
N THR A 246 22.89 -24.32 -32.54
CA THR A 246 21.93 -23.31 -32.13
C THR A 246 22.20 -21.94 -32.72
N LEU A 247 23.45 -21.65 -33.09
CA LEU A 247 23.73 -20.41 -33.81
C LEU A 247 23.05 -20.43 -35.18
N THR A 248 23.07 -21.57 -35.85
CA THR A 248 22.42 -21.72 -37.13
C THR A 248 21.00 -22.25 -37.02
N ARG A 249 20.50 -22.47 -35.80
CA ARG A 249 19.16 -22.99 -35.55
C ARG A 249 18.88 -24.21 -36.42
N ALA A 250 19.73 -25.23 -36.24
CA ALA A 250 19.74 -26.35 -37.17
C ALA A 250 18.45 -27.17 -37.11
N LEU A 251 17.79 -27.20 -35.95
CA LEU A 251 16.65 -28.07 -35.74
C LEU A 251 15.32 -27.34 -35.89
N THR A 252 15.28 -26.27 -36.68
CA THR A 252 14.02 -25.59 -36.93
C THR A 252 13.13 -26.37 -37.88
N ALA A 253 13.69 -27.32 -38.63
CA ALA A 253 12.87 -28.19 -39.47
C ALA A 253 12.12 -29.23 -38.67
N GLU A 254 12.44 -29.39 -37.39
CA GLU A 254 11.73 -30.31 -36.52
C GLU A 254 10.44 -29.73 -35.99
N SER A 255 10.25 -28.42 -36.09
CA SER A 255 8.99 -27.79 -35.72
C SER A 255 7.93 -27.91 -36.80
N HIS A 256 8.29 -28.43 -37.97
CA HIS A 256 7.37 -28.57 -39.09
C HIS A 256 6.91 -30.00 -39.23
N VAL A 257 5.72 -30.18 -39.77
CA VAL A 257 5.14 -31.52 -39.89
C VAL A 257 5.89 -32.30 -40.96
N ASP A 258 6.21 -33.55 -40.64
CA ASP A 258 7.02 -34.44 -41.48
C ASP A 258 8.43 -33.91 -41.71
N THR A 259 8.90 -33.04 -40.82
CA THR A 259 10.27 -32.50 -40.85
C THR A 259 10.58 -31.86 -42.21
N ASP A 260 9.62 -31.16 -42.77
CA ASP A 260 9.76 -30.51 -44.07
C ASP A 260 9.56 -29.02 -43.88
N LEU A 261 10.59 -28.23 -44.24
CA LEU A 261 10.55 -26.80 -43.99
C LEU A 261 9.44 -26.09 -44.77
N THR A 262 8.95 -26.69 -45.85
CA THR A 262 7.83 -26.10 -46.58
C THR A 262 6.50 -26.35 -45.87
N LYS A 263 6.36 -27.51 -45.23
CA LYS A 263 5.11 -27.88 -44.58
C LYS A 263 4.85 -27.02 -43.35
N PRO A 264 3.59 -26.86 -42.95
CA PRO A 264 3.27 -25.98 -41.83
C PRO A 264 3.77 -26.54 -40.49
N TYR A 265 3.78 -25.67 -39.50
CA TYR A 265 4.26 -26.03 -38.17
C TYR A 265 3.37 -27.10 -37.55
N ILE A 266 3.97 -27.89 -36.67
CA ILE A 266 3.21 -28.90 -35.93
C ILE A 266 2.33 -28.18 -34.91
N LYS A 267 1.04 -28.52 -34.92
CA LYS A 267 0.10 -27.99 -33.93
C LYS A 267 0.05 -28.99 -32.78
N TRP A 268 0.90 -28.77 -31.78
CA TRP A 268 0.90 -29.60 -30.59
C TRP A 268 -0.32 -29.28 -29.73
N ASP A 269 -0.76 -30.28 -28.98
CA ASP A 269 -1.79 -30.05 -27.98
C ASP A 269 -1.29 -29.06 -26.95
N LEU A 270 -2.13 -28.07 -26.62
CA LEU A 270 -1.71 -27.03 -25.68
C LEU A 270 -1.46 -27.60 -24.30
N LEU A 271 -2.30 -28.54 -23.87
CA LEU A 271 -2.18 -29.14 -22.55
C LEU A 271 -0.96 -30.03 -22.40
N LYS A 272 -0.29 -30.36 -23.50
CA LYS A 272 0.88 -31.22 -23.45
C LYS A 272 2.07 -30.49 -22.87
N TYR A 273 2.75 -31.12 -21.91
CA TYR A 273 3.95 -30.55 -21.32
C TYR A 273 5.09 -31.54 -21.19
N ASP A 274 4.87 -32.82 -21.46
CA ASP A 274 5.87 -33.86 -21.23
C ASP A 274 6.37 -34.35 -22.58
N PHE A 275 7.46 -33.74 -23.05
CA PHE A 275 8.04 -34.08 -24.34
C PHE A 275 9.23 -35.04 -24.20
N THR A 276 9.18 -35.93 -23.21
CA THR A 276 10.30 -36.84 -22.98
C THR A 276 10.52 -37.78 -24.16
N GLU A 277 9.44 -38.34 -24.71
CA GLU A 277 9.58 -39.24 -25.84
C GLU A 277 10.03 -38.48 -27.08
N GLU A 278 9.57 -37.25 -27.25
CA GLU A 278 10.04 -36.42 -28.37
C GLU A 278 11.51 -36.09 -28.24
N ARG A 279 11.96 -35.77 -27.02
CA ARG A 279 13.37 -35.51 -26.79
C ARG A 279 14.21 -36.75 -27.05
N LEU A 280 13.73 -37.92 -26.64
CA LEU A 280 14.47 -39.14 -26.87
C LEU A 280 14.53 -39.48 -28.36
N LYS A 281 13.45 -39.21 -29.09
CA LYS A 281 13.48 -39.40 -30.54
C LYS A 281 14.46 -38.46 -31.21
N LEU A 282 14.50 -37.20 -30.77
CA LEU A 282 15.47 -36.25 -31.32
C LEU A 282 16.90 -36.71 -31.05
N PHE A 283 17.18 -37.15 -29.82
CA PHE A 283 18.52 -37.62 -29.50
C PHE A 283 18.90 -38.85 -30.31
N ASP A 284 17.97 -39.79 -30.47
CA ASP A 284 18.29 -40.99 -31.24
C ASP A 284 18.33 -40.73 -32.73
N ARG A 285 17.78 -39.61 -33.19
CA ARG A 285 17.84 -39.29 -34.61
C ARG A 285 19.09 -38.53 -34.99
N TYR A 286 19.55 -37.60 -34.15
CA TYR A 286 20.72 -36.79 -34.52
C TYR A 286 21.99 -37.23 -33.82
N PHE A 287 21.96 -37.34 -32.49
CA PHE A 287 23.13 -37.77 -31.73
C PHE A 287 22.99 -39.24 -31.34
N LYS A 288 22.95 -40.10 -32.36
CA LYS A 288 22.68 -41.51 -32.08
C LYS A 288 23.87 -42.20 -31.43
N TYR A 289 25.08 -41.96 -31.92
CA TYR A 289 26.27 -42.65 -31.43
C TYR A 289 27.04 -41.86 -30.39
N TRP A 290 26.48 -40.74 -29.93
CA TRP A 290 26.95 -40.10 -28.72
C TRP A 290 26.67 -41.04 -27.55
N ASP A 291 27.73 -41.61 -26.96
CA ASP A 291 27.57 -42.80 -26.13
C ASP A 291 27.43 -42.50 -24.66
N GLN A 292 27.36 -41.25 -24.24
CA GLN A 292 27.02 -40.98 -22.85
C GLN A 292 25.50 -40.97 -22.68
N THR A 293 25.06 -41.42 -21.51
CA THR A 293 23.64 -41.54 -21.24
C THR A 293 22.98 -40.16 -21.18
N TYR A 294 21.82 -40.04 -21.81
CA TYR A 294 21.07 -38.80 -21.84
C TYR A 294 19.79 -38.96 -21.04
N HIS A 295 19.55 -38.02 -20.13
CA HIS A 295 18.33 -37.99 -19.32
C HIS A 295 17.52 -36.78 -19.73
N PRO A 296 16.37 -36.96 -20.40
CA PRO A 296 15.56 -35.79 -20.78
C PRO A 296 15.14 -34.94 -19.60
N ASN A 297 14.83 -35.57 -18.48
CA ASN A 297 14.53 -34.87 -17.24
C ASN A 297 15.75 -34.99 -16.34
N CYS A 298 16.33 -33.86 -15.97
CA CYS A 298 17.58 -33.85 -15.22
C CYS A 298 17.39 -34.18 -13.75
N VAL A 299 16.20 -34.62 -13.34
CA VAL A 299 16.01 -35.13 -11.99
C VAL A 299 16.60 -36.53 -11.84
N ASN A 300 16.96 -37.17 -12.94
CA ASN A 300 17.54 -38.51 -12.93
C ASN A 300 19.04 -38.52 -13.12
N CYS A 301 19.68 -37.35 -13.13
CA CYS A 301 21.11 -37.28 -13.38
C CYS A 301 21.89 -37.74 -12.16
N LEU A 302 23.11 -38.24 -12.42
CA LEU A 302 23.89 -38.90 -11.37
C LEU A 302 24.71 -37.92 -10.55
N ASP A 303 25.08 -36.78 -11.11
CA ASP A 303 25.81 -35.75 -10.40
C ASP A 303 25.66 -34.45 -11.18
N ASP A 304 26.40 -33.41 -10.79
CA ASP A 304 26.33 -32.15 -11.51
C ASP A 304 27.11 -32.17 -12.81
N ARG A 305 28.02 -33.13 -12.98
CA ARG A 305 28.64 -33.34 -14.29
C ARG A 305 27.68 -33.96 -15.28
N CYS A 306 26.65 -34.64 -14.79
CA CYS A 306 25.61 -35.19 -15.64
C CYS A 306 24.44 -34.24 -15.83
N ILE A 307 24.22 -33.33 -14.88
CA ILE A 307 23.19 -32.31 -15.06
C ILE A 307 23.56 -31.37 -16.20
N LEU A 308 24.84 -31.00 -16.29
CA LEU A 308 25.28 -30.09 -17.33
C LEU A 308 25.18 -30.72 -18.71
N HIS A 309 25.55 -31.99 -18.84
CA HIS A 309 25.51 -32.68 -20.12
C HIS A 309 24.09 -32.80 -20.65
N CYS A 310 23.19 -33.33 -19.82
CA CYS A 310 21.81 -33.52 -20.23
C CYS A 310 21.07 -32.19 -20.37
N ALA A 311 21.42 -31.20 -19.54
CA ALA A 311 20.84 -29.88 -19.70
C ALA A 311 21.31 -29.21 -20.98
N ASN A 312 22.55 -29.47 -21.38
CA ASN A 312 23.06 -28.95 -22.64
C ASN A 312 22.31 -29.54 -23.82
N PHE A 313 21.98 -30.83 -23.76
CA PHE A 313 21.14 -31.39 -24.82
C PHE A 313 19.72 -30.85 -24.76
N ASN A 314 19.18 -30.65 -23.55
CA ASN A 314 17.83 -30.14 -23.43
C ASN A 314 17.71 -28.71 -23.92
N VAL A 315 18.78 -27.93 -23.83
CA VAL A 315 18.77 -26.57 -24.37
C VAL A 315 18.52 -26.61 -25.87
N LEU A 316 19.19 -27.53 -26.57
CA LEU A 316 18.96 -27.69 -28.00
C LEU A 316 17.55 -28.20 -28.29
N PHE A 317 17.13 -29.23 -27.57
CA PHE A 317 15.87 -29.87 -27.92
C PHE A 317 14.65 -29.06 -27.51
N SER A 318 14.80 -28.10 -26.61
CA SER A 318 13.67 -27.29 -26.18
C SER A 318 13.32 -26.19 -27.17
N THR A 319 14.14 -25.98 -28.20
CA THR A 319 13.85 -24.98 -29.21
C THR A 319 12.82 -25.45 -30.23
N VAL A 320 12.47 -26.73 -30.24
CA VAL A 320 11.53 -27.28 -31.20
C VAL A 320 10.15 -27.50 -30.62
N PHE A 321 9.94 -27.16 -29.35
CA PHE A 321 8.70 -27.35 -28.62
C PHE A 321 8.01 -26.00 -28.40
N PRO A 322 6.69 -25.99 -28.25
CA PRO A 322 5.98 -24.71 -28.09
C PRO A 322 6.40 -24.01 -26.83
N PRO A 323 6.52 -22.68 -26.86
CA PRO A 323 6.92 -21.93 -25.66
C PRO A 323 5.88 -21.89 -24.57
N THR A 324 4.63 -22.25 -24.86
CA THR A 324 3.59 -22.29 -23.85
C THR A 324 3.65 -23.54 -22.98
N SER A 325 4.46 -24.53 -23.36
CA SER A 325 4.55 -25.77 -22.61
C SER A 325 5.56 -25.71 -21.47
N PHE A 326 6.35 -24.67 -21.40
CA PHE A 326 7.32 -24.50 -20.33
C PHE A 326 6.74 -23.63 -19.23
N GLY A 327 7.45 -23.54 -18.12
CA GLY A 327 6.98 -22.78 -16.99
C GLY A 327 6.35 -23.66 -15.94
N PRO A 328 5.69 -23.05 -14.97
CA PRO A 328 5.08 -23.83 -13.88
C PRO A 328 3.97 -24.73 -14.41
N LEU A 329 3.81 -25.87 -13.76
CA LEU A 329 2.74 -26.81 -14.08
C LEU A 329 1.71 -26.75 -12.96
N VAL A 330 0.55 -26.19 -13.25
CA VAL A 330 -0.43 -25.94 -12.22
C VAL A 330 -1.41 -27.10 -12.12
N ARG A 331 -2.06 -27.20 -10.97
CA ARG A 331 -2.96 -28.28 -10.65
C ARG A 331 -3.98 -27.73 -9.66
N LYS A 332 -5.22 -28.23 -9.76
CA LYS A 332 -6.30 -27.75 -8.92
C LYS A 332 -6.35 -28.59 -7.64
N ILE A 333 -6.04 -27.95 -6.52
CA ILE A 333 -6.13 -28.58 -5.22
C ILE A 333 -7.28 -27.95 -4.45
N PHE A 334 -7.63 -28.54 -3.32
CA PHE A 334 -8.72 -28.05 -2.48
C PHE A 334 -8.21 -27.81 -1.08
N VAL A 335 -8.41 -26.60 -0.56
CA VAL A 335 -8.13 -26.31 0.84
C VAL A 335 -9.44 -25.85 1.48
N ASP A 336 -9.79 -26.47 2.61
CA ASP A 336 -11.09 -26.37 3.28
C ASP A 336 -12.26 -26.36 2.31
N GLY A 337 -12.17 -27.13 1.23
CA GLY A 337 -13.25 -27.26 0.27
C GLY A 337 -13.21 -26.30 -0.89
N VAL A 338 -12.47 -25.20 -0.80
CA VAL A 338 -12.40 -24.23 -1.89
C VAL A 338 -11.24 -24.61 -2.81
N PRO A 339 -11.43 -24.60 -4.13
CA PRO A 339 -10.39 -25.04 -5.07
C PRO A 339 -9.40 -23.94 -5.42
N PHE A 340 -8.16 -24.12 -4.97
CA PHE A 340 -7.02 -23.34 -5.43
C PHE A 340 -6.44 -23.97 -6.69
N VAL A 341 -5.73 -23.16 -7.46
CA VAL A 341 -4.91 -23.66 -8.56
C VAL A 341 -3.47 -23.28 -8.24
N VAL A 342 -2.64 -24.28 -7.94
CA VAL A 342 -1.30 -24.04 -7.44
C VAL A 342 -0.30 -24.81 -8.29
N SER A 343 0.93 -24.32 -8.32
CA SER A 343 1.97 -24.96 -9.12
C SER A 343 2.53 -26.17 -8.38
N THR A 344 2.43 -27.34 -9.01
CA THR A 344 2.93 -28.58 -8.45
C THR A 344 4.13 -29.11 -9.22
N GLY A 345 4.82 -28.24 -9.96
CA GLY A 345 5.94 -28.68 -10.75
C GLY A 345 6.48 -27.54 -11.58
N TYR A 346 7.27 -27.91 -12.57
CA TYR A 346 7.87 -26.97 -13.50
C TYR A 346 8.32 -27.73 -14.73
N HIS A 347 8.39 -27.02 -15.85
CA HIS A 347 8.94 -27.56 -17.08
C HIS A 347 10.05 -26.59 -17.52
N PHE A 348 11.28 -26.92 -17.19
CA PHE A 348 12.42 -26.10 -17.58
C PHE A 348 12.86 -26.47 -18.98
N ARG A 349 13.26 -25.46 -19.76
CA ARG A 349 13.83 -25.72 -21.07
C ARG A 349 15.16 -26.44 -20.96
N GLU A 350 15.87 -26.27 -19.84
CA GLU A 350 17.15 -26.92 -19.61
C GLU A 350 17.03 -28.18 -18.76
N LEU A 351 16.15 -28.17 -17.76
CA LEU A 351 16.07 -29.25 -16.78
C LEU A 351 14.94 -30.22 -17.04
N GLY A 352 14.12 -30.00 -18.07
CA GLY A 352 13.04 -30.95 -18.29
C GLY A 352 11.91 -30.78 -17.29
N VAL A 353 11.16 -31.85 -17.09
CA VAL A 353 9.97 -31.82 -16.25
C VAL A 353 10.37 -32.18 -14.82
N VAL A 354 9.94 -31.36 -13.86
CA VAL A 354 10.18 -31.59 -12.44
C VAL A 354 8.85 -31.53 -11.73
N HIS A 355 8.56 -32.54 -10.91
CA HIS A 355 7.34 -32.58 -10.12
C HIS A 355 7.65 -32.38 -8.65
N ASN A 356 6.74 -31.70 -7.94
CA ASN A 356 6.92 -31.54 -6.51
C ASN A 356 6.68 -32.87 -5.80
N GLN A 357 7.35 -33.02 -4.66
CA GLN A 357 7.22 -34.24 -3.88
C GLN A 357 6.21 -34.13 -2.75
N ASP A 358 5.97 -32.93 -2.22
CA ASP A 358 4.98 -32.70 -1.18
C ASP A 358 3.84 -31.91 -1.80
N VAL A 359 2.83 -32.62 -2.28
CA VAL A 359 1.64 -32.01 -2.87
C VAL A 359 0.41 -32.52 -2.13
N ASN A 360 -0.27 -31.62 -1.43
CA ASN A 360 -1.46 -31.95 -0.64
C ASN A 360 -2.69 -31.53 -1.43
N LEU A 361 -3.42 -32.52 -1.97
CA LEU A 361 -4.58 -32.22 -2.80
C LEU A 361 -5.75 -31.75 -1.95
N HIS A 362 -5.85 -32.23 -0.72
CA HIS A 362 -6.92 -31.83 0.19
C HIS A 362 -6.30 -31.32 1.48
N SER A 363 -6.52 -30.05 1.78
CA SER A 363 -6.05 -29.42 3.00
C SER A 363 -7.23 -28.82 3.76
N SER A 364 -6.98 -28.41 4.99
CA SER A 364 -7.99 -27.77 5.82
C SER A 364 -7.61 -26.38 6.27
N ARG A 365 -6.36 -26.18 6.68
CA ARG A 365 -5.86 -24.87 7.09
C ARG A 365 -4.56 -24.60 6.37
N LEU A 366 -4.28 -23.32 6.15
CA LEU A 366 -3.03 -22.88 5.55
C LEU A 366 -2.23 -22.15 6.63
N SER A 367 -1.05 -22.70 6.95
CA SER A 367 -0.14 -22.04 7.87
C SER A 367 0.46 -20.81 7.20
N PHE A 368 1.25 -20.06 7.97
CA PHE A 368 1.91 -18.87 7.43
C PHE A 368 2.90 -19.26 6.34
N LYS A 369 3.59 -20.39 6.50
CA LYS A 369 4.52 -20.86 5.48
C LYS A 369 3.78 -21.22 4.20
N GLU A 370 2.69 -21.97 4.31
CA GLU A 370 1.93 -22.36 3.12
C GLU A 370 1.23 -21.18 2.49
N LEU A 371 0.76 -20.23 3.31
CA LEU A 371 0.20 -18.99 2.78
C LEU A 371 1.25 -18.22 1.99
N LEU A 372 2.46 -18.15 2.52
CA LEU A 372 3.55 -17.47 1.81
C LEU A 372 3.87 -18.17 0.49
N VAL A 373 3.91 -19.50 0.51
CA VAL A 373 4.20 -20.26 -0.70
C VAL A 373 3.12 -20.04 -1.76
N TYR A 374 1.85 -20.07 -1.34
CA TYR A 374 0.76 -19.91 -2.29
C TYR A 374 0.58 -18.47 -2.75
N ALA A 375 1.06 -17.49 -1.99
CA ALA A 375 1.01 -16.12 -2.45
C ALA A 375 2.20 -15.78 -3.33
N ALA A 376 3.34 -16.44 -3.13
CA ALA A 376 4.53 -16.11 -3.90
C ALA A 376 4.42 -16.58 -5.34
N ASP A 377 3.87 -17.76 -5.56
CA ASP A 377 3.94 -18.37 -6.89
C ASP A 377 2.96 -17.69 -7.84
N PRO A 378 3.28 -17.66 -9.13
CA PRO A 378 2.44 -16.94 -10.10
C PRO A 378 1.23 -17.71 -10.60
N ALA A 379 0.88 -18.84 -9.99
CA ALA A 379 -0.24 -19.63 -10.50
C ALA A 379 -1.56 -18.90 -10.33
N MET A 380 -1.82 -18.37 -9.14
CA MET A 380 -3.09 -17.71 -8.88
C MET A 380 -3.14 -16.34 -9.55
N HIS A 381 -2.02 -15.62 -9.55
CA HIS A 381 -1.98 -14.31 -10.17
C HIS A 381 -2.20 -14.39 -11.68
N ALA A 382 -1.60 -15.39 -12.33
CA ALA A 382 -1.82 -15.55 -13.76
C ALA A 382 -3.19 -16.13 -14.05
N ALA A 383 -3.66 -17.06 -13.22
CA ALA A 383 -4.95 -17.68 -13.45
C ALA A 383 -6.11 -16.73 -13.19
N SER A 384 -5.90 -15.66 -12.43
CA SER A 384 -6.96 -14.68 -12.19
C SER A 384 -6.90 -13.47 -13.09
N GLY A 385 -5.73 -13.13 -13.61
CA GLY A 385 -5.58 -11.95 -14.44
C GLY A 385 -6.09 -12.16 -15.86
N ASN A 386 -6.12 -11.07 -16.61
CA ASN A 386 -6.59 -11.05 -17.98
C ASN A 386 -5.50 -11.54 -18.92
N LEU A 387 -5.91 -12.01 -20.09
CA LEU A 387 -4.95 -12.39 -21.10
C LEU A 387 -4.26 -11.14 -21.64
N LEU A 388 -2.98 -11.26 -21.96
CA LEU A 388 -2.15 -10.14 -22.38
C LEU A 388 -1.58 -10.39 -23.77
N LEU A 389 -1.58 -9.35 -24.60
CA LEU A 389 -0.92 -9.36 -25.89
C LEU A 389 -0.17 -8.03 -25.98
N ASP A 390 1.07 -8.03 -25.55
CA ASP A 390 1.91 -6.83 -25.53
C ASP A 390 2.77 -6.87 -26.78
N LYS A 391 2.45 -6.03 -27.76
CA LYS A 391 3.21 -5.97 -29.00
C LYS A 391 4.46 -5.10 -28.88
N ARG A 392 4.68 -4.47 -27.74
CA ARG A 392 5.87 -3.65 -27.55
C ARG A 392 7.13 -4.49 -27.40
N THR A 393 6.99 -5.76 -27.03
CA THR A 393 8.12 -6.66 -26.83
C THR A 393 7.95 -7.92 -27.68
N THR A 394 9.05 -8.62 -27.89
CA THR A 394 9.02 -9.96 -28.45
C THR A 394 9.02 -11.03 -27.38
N CYS A 395 9.17 -10.65 -26.12
CA CYS A 395 9.17 -11.61 -25.03
C CYS A 395 7.76 -12.14 -24.80
N PHE A 396 7.68 -13.36 -24.29
CA PHE A 396 6.40 -14.01 -24.08
C PHE A 396 5.65 -13.31 -22.96
N SER A 397 4.48 -12.77 -23.26
CA SER A 397 3.65 -12.08 -22.31
C SER A 397 2.59 -13.04 -21.78
N VAL A 398 2.51 -13.19 -20.47
CA VAL A 398 1.62 -14.18 -19.86
C VAL A 398 0.28 -13.55 -19.55
N ALA A 399 0.26 -12.54 -18.69
CA ALA A 399 -1.03 -12.06 -18.21
C ALA A 399 -0.93 -10.59 -17.83
N ALA A 400 -2.10 -9.97 -17.69
CA ALA A 400 -2.23 -8.61 -17.21
C ALA A 400 -3.00 -8.66 -15.91
N LEU A 401 -2.34 -8.34 -14.80
CA LEU A 401 -2.95 -8.55 -13.50
C LEU A 401 -4.02 -7.51 -13.21
N THR A 402 -3.76 -6.25 -13.55
CA THR A 402 -4.73 -5.19 -13.34
C THR A 402 -5.59 -5.00 -14.59
N ASN A 403 -6.46 -4.01 -14.57
CA ASN A 403 -7.29 -3.68 -15.72
C ASN A 403 -6.67 -2.61 -16.61
N ASN A 404 -5.50 -2.09 -16.26
CA ASN A 404 -4.85 -1.08 -17.08
C ASN A 404 -3.34 -1.17 -16.88
N VAL A 405 -2.61 -0.75 -17.90
CA VAL A 405 -1.16 -0.84 -17.90
C VAL A 405 -0.57 0.36 -17.16
N ALA A 406 0.49 0.12 -16.40
CA ALA A 406 1.18 1.16 -15.65
C ALA A 406 2.43 1.59 -16.41
N PHE A 407 2.57 2.89 -16.62
CA PHE A 407 3.71 3.46 -17.35
C PHE A 407 4.53 4.28 -16.36
N GLN A 408 5.56 3.68 -15.81
CA GLN A 408 6.38 4.31 -14.77
C GLN A 408 7.47 5.15 -15.41
N THR A 409 7.56 6.41 -14.99
CA THR A 409 8.56 7.34 -15.46
C THR A 409 9.69 7.46 -14.45
N VAL A 410 10.75 8.15 -14.86
CA VAL A 410 11.89 8.44 -14.01
C VAL A 410 12.08 9.95 -13.95
N LYS A 411 12.20 10.49 -12.75
CA LYS A 411 12.31 11.93 -12.56
C LYS A 411 13.73 12.41 -12.88
N PRO A 412 13.88 13.69 -13.18
CA PRO A 412 15.22 14.26 -13.27
C PRO A 412 15.81 14.47 -11.88
N GLY A 413 17.08 14.83 -11.85
CA GLY A 413 17.75 15.07 -10.60
C GLY A 413 17.44 16.43 -10.02
N ASN A 414 17.84 16.62 -8.78
CA ASN A 414 17.68 17.89 -8.10
C ASN A 414 19.01 18.63 -8.14
N PHE A 415 18.96 19.90 -8.52
CA PHE A 415 20.15 20.68 -8.77
C PHE A 415 20.59 21.37 -7.48
N ASN A 416 21.83 21.12 -7.06
CA ASN A 416 22.41 21.78 -5.90
C ASN A 416 23.05 23.06 -6.40
N LYS A 417 22.25 24.13 -6.43
CA LYS A 417 22.73 25.38 -7.02
C LYS A 417 23.80 26.03 -6.15
N ASP A 418 23.77 25.81 -4.84
CA ASP A 418 24.79 26.41 -3.98
C ASP A 418 26.16 25.83 -4.27
N PHE A 419 26.25 24.51 -4.39
CA PHE A 419 27.53 23.88 -4.70
C PHE A 419 28.00 24.25 -6.08
N TYR A 420 27.08 24.36 -7.05
CA TYR A 420 27.49 24.72 -8.40
C TYR A 420 27.99 26.16 -8.46
N ASP A 421 27.33 27.09 -7.77
CA ASP A 421 27.82 28.45 -7.69
C ASP A 421 29.18 28.52 -7.01
N PHE A 422 29.36 27.74 -5.94
CA PHE A 422 30.65 27.70 -5.28
C PHE A 422 31.73 27.15 -6.20
N ALA A 423 31.40 26.12 -6.99
CA ALA A 423 32.35 25.53 -7.90
C ALA A 423 32.75 26.51 -9.00
N VAL A 424 31.78 27.17 -9.60
CA VAL A 424 32.11 28.11 -10.68
C VAL A 424 32.81 29.36 -10.14
N SER A 425 32.61 29.69 -8.86
CA SER A 425 33.38 30.77 -8.26
C SER A 425 34.84 30.39 -8.06
N LYS A 426 35.14 29.10 -8.02
CA LYS A 426 36.50 28.61 -7.84
C LYS A 426 37.22 28.32 -9.16
N GLY A 427 36.61 28.65 -10.29
CA GLY A 427 37.24 28.43 -11.57
C GLY A 427 36.90 27.14 -12.25
N PHE A 428 35.78 26.51 -11.89
CA PHE A 428 35.40 25.24 -12.48
C PHE A 428 34.45 25.45 -13.66
N PHE A 429 34.33 24.39 -14.47
CA PHE A 429 33.36 24.28 -15.55
C PHE A 429 33.58 25.31 -16.65
N LYS A 430 34.80 25.83 -16.77
CA LYS A 430 35.11 26.77 -17.83
C LYS A 430 35.07 26.07 -19.19
N GLU A 431 35.03 26.88 -20.25
CA GLU A 431 35.11 26.35 -21.60
C GLU A 431 36.50 25.78 -21.87
N GLY A 432 36.54 24.56 -22.38
CA GLY A 432 37.80 23.90 -22.67
C GLY A 432 38.45 23.22 -21.48
N SER A 433 37.84 23.29 -20.31
CA SER A 433 38.40 22.65 -19.12
C SER A 433 38.37 21.14 -19.25
N SER A 434 39.34 20.48 -18.61
CA SER A 434 39.42 19.02 -18.67
C SER A 434 38.36 18.35 -17.80
N VAL A 435 37.93 19.01 -16.74
CA VAL A 435 36.91 18.48 -15.84
C VAL A 435 35.59 19.13 -16.22
N GLU A 436 34.63 18.32 -16.65
CA GLU A 436 33.34 18.82 -17.08
C GLU A 436 32.25 17.84 -16.66
N LEU A 437 31.04 18.36 -16.50
CA LEU A 437 29.91 17.55 -16.08
C LEU A 437 29.53 16.56 -17.18
N LYS A 438 29.62 15.28 -16.87
CA LYS A 438 29.20 14.23 -17.79
C LYS A 438 28.26 13.22 -17.16
N HIS A 439 28.10 13.23 -15.84
CA HIS A 439 27.22 12.31 -15.14
C HIS A 439 26.00 13.09 -14.65
N PHE A 440 24.82 12.67 -15.10
CA PHE A 440 23.57 13.36 -14.79
C PHE A 440 22.54 12.35 -14.35
N PHE A 441 21.40 12.87 -13.89
CA PHE A 441 20.19 12.06 -13.71
C PHE A 441 19.37 12.20 -14.99
N PHE A 442 19.35 11.16 -15.80
CA PHE A 442 18.58 11.18 -17.03
C PHE A 442 17.15 10.75 -16.76
N ALA A 443 16.19 11.53 -17.26
CA ALA A 443 14.78 11.24 -17.07
C ALA A 443 14.30 10.27 -18.15
N GLN A 444 13.25 9.53 -17.82
CA GLN A 444 12.71 8.51 -18.70
C GLN A 444 11.20 8.68 -18.82
N ASP A 445 10.67 8.33 -19.98
CA ASP A 445 9.23 8.40 -20.23
C ASP A 445 8.56 7.13 -19.73
N GLY A 446 7.27 6.96 -20.04
CA GLY A 446 6.55 5.80 -19.57
C GLY A 446 6.93 4.51 -20.26
N ASN A 447 7.54 4.61 -21.44
CA ASN A 447 7.95 3.44 -22.21
C ASN A 447 9.38 3.02 -21.92
N ALA A 448 9.86 3.26 -20.70
CA ALA A 448 11.23 2.92 -20.32
C ALA A 448 11.34 1.50 -19.77
N ALA A 449 10.52 1.17 -18.77
CA ALA A 449 10.62 -0.13 -18.11
C ALA A 449 10.34 -1.26 -19.07
N ILE A 450 9.46 -1.06 -20.05
CA ILE A 450 9.21 -2.10 -21.03
C ILE A 450 10.21 -2.07 -22.18
N SER A 451 10.95 -0.97 -22.33
CA SER A 451 12.02 -0.94 -23.31
C SER A 451 13.31 -1.52 -22.78
N ASP A 452 13.51 -1.46 -21.46
CA ASP A 452 14.67 -2.12 -20.87
C ASP A 452 14.45 -3.63 -20.81
N TYR A 453 13.26 -4.07 -20.42
CA TYR A 453 12.98 -5.49 -20.35
C TYR A 453 13.10 -6.15 -21.72
N ASP A 454 12.76 -5.41 -22.78
CA ASP A 454 12.86 -5.95 -24.12
C ASP A 454 14.30 -6.29 -24.50
N TYR A 455 15.29 -5.78 -23.76
CA TYR A 455 16.67 -6.16 -24.04
C TYR A 455 16.94 -7.63 -23.75
N TYR A 456 16.02 -8.32 -23.06
CA TYR A 456 16.14 -9.77 -22.92
C TYR A 456 15.96 -10.48 -24.25
N ARG A 457 15.65 -9.71 -25.31
CA ARG A 457 15.69 -10.26 -26.66
C ARG A 457 17.09 -10.61 -27.11
N TYR A 458 18.11 -10.18 -26.36
CA TYR A 458 19.49 -10.55 -26.67
C TYR A 458 19.90 -11.87 -26.08
N ASN A 459 19.04 -12.50 -25.28
CA ASN A 459 19.31 -13.82 -24.72
C ASN A 459 18.79 -14.87 -25.69
N LEU A 460 19.70 -15.58 -26.33
CA LEU A 460 19.38 -16.64 -27.26
C LEU A 460 19.70 -17.99 -26.64
N PRO A 461 18.99 -19.05 -27.01
CA PRO A 461 19.35 -20.38 -26.52
C PRO A 461 20.68 -20.84 -27.09
N THR A 462 21.70 -20.91 -26.25
CA THR A 462 23.05 -21.26 -26.67
C THR A 462 23.38 -22.65 -26.16
N MET A 463 23.64 -23.58 -27.07
CA MET A 463 24.12 -24.90 -26.73
C MET A 463 25.63 -24.83 -26.62
N CYS A 464 26.17 -25.28 -25.50
CA CYS A 464 27.60 -25.16 -25.25
C CYS A 464 28.35 -26.40 -25.74
N ASP A 465 29.66 -26.25 -25.89
CA ASP A 465 30.54 -27.39 -26.10
C ASP A 465 30.66 -28.13 -24.77
N ILE A 466 30.08 -29.32 -24.70
CA ILE A 466 29.95 -29.96 -23.39
C ILE A 466 31.26 -30.62 -22.96
N ARG A 467 32.01 -31.20 -23.90
CA ARG A 467 33.29 -31.78 -23.53
C ARG A 467 34.30 -30.74 -23.10
N GLN A 468 34.08 -29.49 -23.47
CA GLN A 468 34.92 -28.36 -23.07
C GLN A 468 34.41 -27.68 -21.82
N LEU A 469 33.10 -27.46 -21.73
CA LEU A 469 32.52 -26.88 -20.53
C LEU A 469 32.72 -27.77 -19.32
N LEU A 470 32.74 -29.10 -19.51
CA LEU A 470 32.91 -29.99 -18.38
C LEU A 470 34.33 -29.99 -17.83
N PHE A 471 35.30 -29.49 -18.58
CA PHE A 471 36.66 -29.29 -18.09
C PHE A 471 36.84 -27.90 -17.52
N VAL A 472 36.21 -26.89 -18.15
CA VAL A 472 36.22 -25.55 -17.60
C VAL A 472 35.57 -25.53 -16.22
N VAL A 473 34.54 -26.35 -16.01
CA VAL A 473 33.91 -26.44 -14.69
C VAL A 473 34.91 -26.92 -13.65
N GLU A 474 35.71 -27.93 -14.00
CA GLU A 474 36.69 -28.45 -13.05
C GLU A 474 37.74 -27.40 -12.72
N VAL A 475 38.19 -26.64 -13.72
CA VAL A 475 39.18 -25.61 -13.44
C VAL A 475 38.60 -24.48 -12.60
N VAL A 476 37.34 -24.10 -12.86
CA VAL A 476 36.72 -23.05 -12.06
C VAL A 476 36.51 -23.52 -10.62
N ASP A 477 36.13 -24.80 -10.45
CA ASP A 477 36.03 -25.34 -9.10
C ASP A 477 37.37 -25.35 -8.40
N LYS A 478 38.46 -25.57 -9.14
CA LYS A 478 39.79 -25.39 -8.55
C LYS A 478 40.00 -23.95 -8.11
N TYR A 479 39.47 -23.00 -8.88
CA TYR A 479 39.56 -21.58 -8.48
C TYR A 479 38.80 -21.31 -7.19
N PHE A 480 37.72 -22.04 -6.95
CA PHE A 480 36.88 -21.83 -5.76
C PHE A 480 37.12 -22.90 -4.69
N ASP A 481 38.37 -23.34 -4.52
CA ASP A 481 38.68 -24.41 -3.59
C ASP A 481 39.08 -23.93 -2.21
N CYS A 482 39.46 -22.66 -2.06
CA CYS A 482 39.96 -22.18 -0.78
C CYS A 482 38.84 -21.81 0.19
N TYR A 483 37.60 -21.79 -0.25
CA TYR A 483 36.47 -21.37 0.57
C TYR A 483 35.76 -22.58 1.18
N ASP A 484 34.86 -22.30 2.12
CA ASP A 484 34.04 -23.32 2.73
C ASP A 484 32.59 -22.85 2.74
N GLY A 485 31.67 -23.79 2.60
CA GLY A 485 30.28 -23.44 2.51
C GLY A 485 29.40 -24.60 2.92
N GLY A 486 28.10 -24.39 2.76
CA GLY A 486 27.13 -25.35 3.21
C GLY A 486 25.92 -24.63 3.79
N CYS A 487 24.92 -25.44 4.14
CA CYS A 487 23.69 -24.87 4.67
C CYS A 487 23.87 -24.40 6.09
N ILE A 488 23.21 -23.29 6.44
CA ILE A 488 23.18 -22.76 7.78
C ILE A 488 21.73 -22.74 8.25
N ASN A 489 21.56 -22.59 9.55
CA ASN A 489 20.23 -22.48 10.13
C ASN A 489 19.70 -21.06 9.97
N ALA A 490 18.40 -20.90 10.24
CA ALA A 490 17.78 -19.59 10.09
C ALA A 490 18.28 -18.59 11.11
N ASN A 491 18.76 -19.05 12.27
CA ASN A 491 19.32 -18.16 13.26
C ASN A 491 20.75 -17.73 12.94
N GLN A 492 21.37 -18.31 11.92
CA GLN A 492 22.71 -17.94 11.50
C GLN A 492 22.71 -17.03 10.28
N VAL A 493 21.56 -16.75 9.69
CA VAL A 493 21.47 -15.84 8.56
C VAL A 493 21.50 -14.41 9.07
N ILE A 494 22.37 -13.59 8.48
CA ILE A 494 22.44 -12.17 8.79
C ILE A 494 22.00 -11.40 7.56
N VAL A 495 20.99 -10.56 7.73
CA VAL A 495 20.47 -9.72 6.67
C VAL A 495 20.99 -8.31 6.89
N ASN A 496 21.47 -7.68 5.81
CA ASN A 496 22.13 -6.39 5.94
C ASN A 496 21.11 -5.29 6.26
N ASN A 497 20.13 -5.11 5.39
CA ASN A 497 19.10 -4.09 5.58
C ASN A 497 17.73 -4.75 5.47
N LEU A 498 16.99 -4.76 6.56
CA LEU A 498 15.67 -5.37 6.58
C LEU A 498 14.57 -4.43 6.10
N ASP A 499 14.87 -3.15 5.91
CA ASP A 499 13.89 -2.21 5.35
C ASP A 499 14.00 -2.14 3.84
N LYS A 500 13.98 -3.31 3.21
CA LYS A 500 14.09 -3.44 1.76
C LYS A 500 12.86 -4.15 1.22
N SER A 501 12.60 -3.94 -0.06
CA SER A 501 11.39 -4.46 -0.68
C SER A 501 11.37 -5.98 -0.65
N ALA A 502 10.18 -6.54 -0.49
CA ALA A 502 9.98 -7.98 -0.45
C ALA A 502 9.52 -8.56 -1.77
N GLY A 503 9.51 -7.77 -2.84
CA GLY A 503 9.08 -8.26 -4.11
C GLY A 503 7.57 -8.40 -4.19
N PHE A 504 7.13 -8.91 -5.34
CA PHE A 504 5.71 -9.10 -5.58
C PHE A 504 5.27 -10.48 -5.12
N PRO A 505 4.10 -10.62 -4.47
CA PRO A 505 3.14 -9.58 -4.09
C PRO A 505 3.36 -9.04 -2.69
N PHE A 506 4.47 -9.43 -2.07
CA PHE A 506 4.66 -9.18 -0.65
C PHE A 506 4.93 -7.72 -0.33
N ASN A 507 5.25 -6.90 -1.32
CA ASN A 507 5.45 -5.47 -1.05
C ASN A 507 4.15 -4.73 -0.87
N LYS A 508 3.00 -5.39 -1.07
CA LYS A 508 1.71 -4.78 -0.83
C LYS A 508 1.35 -4.72 0.65
N TRP A 509 2.10 -5.40 1.52
CA TRP A 509 1.80 -5.41 2.94
C TRP A 509 2.98 -5.06 3.84
N GLY A 510 4.20 -4.97 3.31
CA GLY A 510 5.31 -4.58 4.15
C GLY A 510 6.64 -4.82 3.45
N LYS A 511 7.70 -4.49 4.19
CA LYS A 511 9.07 -4.68 3.72
C LYS A 511 9.55 -6.07 4.10
N ALA A 512 10.83 -6.34 3.87
CA ALA A 512 11.40 -7.63 4.25
C ALA A 512 11.45 -7.82 5.76
N ARG A 513 11.42 -6.71 6.52
CA ARG A 513 11.40 -6.81 7.97
C ARG A 513 10.16 -7.50 8.46
N LEU A 514 9.01 -7.25 7.81
CA LEU A 514 7.76 -7.87 8.23
C LEU A 514 7.82 -9.38 8.13
N TYR A 515 8.42 -9.90 7.05
CA TYR A 515 8.46 -11.33 6.83
C TYR A 515 9.62 -12.00 7.53
N TYR A 516 10.67 -11.25 7.90
CA TYR A 516 11.69 -11.83 8.75
C TYR A 516 11.31 -11.78 10.23
N ASP A 517 10.35 -10.94 10.61
CA ASP A 517 9.84 -10.94 11.97
C ASP A 517 8.67 -11.89 12.15
N SER A 518 7.75 -11.95 11.18
CA SER A 518 6.56 -12.77 11.28
C SER A 518 6.85 -14.26 11.22
N MET A 519 7.96 -14.67 10.63
CA MET A 519 8.32 -16.08 10.53
C MET A 519 9.35 -16.40 11.62
N SER A 520 9.02 -17.37 12.46
CA SER A 520 9.99 -17.85 13.43
C SER A 520 11.09 -18.62 12.71
N TYR A 521 12.15 -18.95 13.45
CA TYR A 521 13.21 -19.75 12.86
C TYR A 521 12.72 -21.14 12.50
N GLU A 522 11.72 -21.65 13.22
CA GLU A 522 11.17 -22.97 12.94
C GLU A 522 10.51 -23.02 11.57
N ASP A 523 9.66 -22.04 11.25
CA ASP A 523 9.00 -22.07 9.95
C ASP A 523 9.78 -21.33 8.88
N GLN A 524 10.98 -20.84 9.17
CA GLN A 524 11.94 -20.52 8.12
C GLN A 524 12.76 -21.73 7.74
N ASP A 525 13.18 -22.54 8.73
CA ASP A 525 13.78 -23.82 8.42
C ASP A 525 12.80 -24.74 7.72
N ALA A 526 11.51 -24.68 8.08
CA ALA A 526 10.51 -25.48 7.40
C ALA A 526 10.38 -25.08 5.93
N LEU A 527 10.40 -23.77 5.64
CA LEU A 527 10.36 -23.31 4.27
C LEU A 527 11.60 -23.74 3.50
N PHE A 528 12.78 -23.62 4.12
CA PHE A 528 14.00 -24.02 3.46
C PHE A 528 14.02 -25.51 3.17
N ALA A 529 13.54 -26.34 4.09
CA ALA A 529 13.46 -27.77 3.84
C ALA A 529 12.36 -28.12 2.85
N TYR A 530 11.35 -27.26 2.73
CA TYR A 530 10.35 -27.42 1.68
C TYR A 530 10.97 -27.21 0.31
N THR A 531 11.86 -26.22 0.18
CA THR A 531 12.47 -25.95 -1.12
C THR A 531 13.43 -27.03 -1.59
N LYS A 532 13.82 -27.95 -0.73
CA LYS A 532 14.69 -29.05 -1.13
C LYS A 532 13.93 -30.26 -1.65
N ARG A 533 12.59 -30.26 -1.55
CA ARG A 533 11.78 -31.32 -2.12
C ARG A 533 10.70 -30.80 -3.05
N ASN A 534 10.53 -29.48 -3.16
CA ASN A 534 9.49 -28.89 -3.96
C ASN A 534 10.05 -27.68 -4.68
N VAL A 535 9.49 -27.37 -5.84
CA VAL A 535 9.88 -26.21 -6.63
C VAL A 535 8.88 -25.10 -6.36
N ILE A 536 9.37 -23.94 -5.94
CA ILE A 536 8.53 -22.77 -5.73
C ILE A 536 8.81 -21.76 -6.83
N PRO A 537 7.95 -21.61 -7.83
CA PRO A 537 8.10 -20.51 -8.77
C PRO A 537 7.84 -19.19 -8.09
N THR A 538 8.45 -18.14 -8.62
CA THR A 538 8.42 -16.84 -7.96
C THR A 538 8.38 -15.74 -9.01
N ILE A 539 7.65 -14.67 -8.69
CA ILE A 539 7.55 -13.49 -9.53
C ILE A 539 8.61 -12.50 -9.09
N THR A 540 9.36 -11.95 -10.04
CA THR A 540 10.31 -10.88 -9.75
C THR A 540 9.86 -9.60 -10.43
N GLN A 541 9.82 -8.50 -9.67
CA GLN A 541 9.47 -7.22 -10.23
C GLN A 541 10.65 -6.61 -10.97
N MET A 542 10.34 -5.75 -11.95
CA MET A 542 11.35 -4.92 -12.59
C MET A 542 11.21 -3.50 -12.05
N ASN A 543 12.26 -2.99 -11.43
CA ASN A 543 12.27 -1.68 -10.80
C ASN A 543 13.21 -0.76 -11.56
N LEU A 544 12.69 0.39 -11.98
CA LEU A 544 13.53 1.39 -12.60
C LEU A 544 14.46 2.01 -11.57
N LYS A 545 15.69 2.27 -11.97
CA LYS A 545 16.73 2.74 -11.06
C LYS A 545 16.89 4.24 -11.21
N TYR A 546 16.80 4.95 -10.09
CA TYR A 546 16.88 6.41 -10.06
C TYR A 546 18.25 6.78 -9.48
N ALA A 547 19.24 6.85 -10.36
CA ALA A 547 20.61 7.09 -9.94
C ALA A 547 21.35 7.83 -11.04
N ILE A 548 22.52 8.36 -10.70
CA ILE A 548 23.29 9.18 -11.61
C ILE A 548 24.13 8.30 -12.52
N SER A 549 24.16 8.65 -13.81
CA SER A 549 24.84 7.82 -14.79
C SER A 549 25.31 8.70 -15.93
N ALA A 550 26.25 8.16 -16.72
CA ALA A 550 26.85 8.89 -17.82
C ALA A 550 26.16 8.65 -19.15
N LYS A 551 25.20 7.72 -19.22
CA LYS A 551 24.48 7.43 -20.44
C LYS A 551 22.98 7.40 -20.15
N ASN A 552 22.20 7.75 -21.15
CA ASN A 552 20.77 8.02 -20.94
C ASN A 552 19.90 6.77 -21.00
N ARG A 553 20.47 5.60 -21.23
CA ARG A 553 19.68 4.39 -21.21
C ARG A 553 19.24 4.06 -19.79
N ALA A 554 17.97 3.68 -19.65
CA ALA A 554 17.43 3.36 -18.34
C ALA A 554 18.07 2.09 -17.79
N ARG A 555 18.23 2.06 -16.47
CA ARG A 555 18.75 0.90 -15.77
C ARG A 555 17.66 0.30 -14.90
N THR A 556 17.55 -1.01 -14.92
CA THR A 556 16.50 -1.72 -14.21
C THR A 556 17.12 -2.77 -13.32
N VAL A 557 16.59 -2.93 -12.12
CA VAL A 557 17.00 -3.99 -11.21
C VAL A 557 15.83 -4.94 -11.04
N ALA A 558 16.13 -6.14 -10.55
CA ALA A 558 15.15 -7.19 -10.39
C ALA A 558 14.86 -7.37 -8.91
N GLY A 559 13.67 -6.99 -8.49
CA GLY A 559 13.24 -7.22 -7.12
C GLY A 559 12.67 -8.60 -6.96
N VAL A 560 13.45 -9.51 -6.38
CA VAL A 560 13.06 -10.89 -6.23
C VAL A 560 12.27 -11.04 -4.94
N SER A 561 11.33 -11.99 -4.93
CA SER A 561 10.44 -12.18 -3.79
C SER A 561 11.21 -12.58 -2.55
N ILE A 562 10.59 -12.33 -1.39
CA ILE A 562 11.24 -12.68 -0.12
C ILE A 562 11.29 -14.20 0.04
N CYS A 563 10.32 -14.91 -0.53
CA CYS A 563 10.29 -16.37 -0.45
C CYS A 563 11.49 -17.00 -1.16
N SER A 564 12.08 -16.31 -2.13
CA SER A 564 13.28 -16.77 -2.81
C SER A 564 14.54 -16.28 -2.11
N THR A 565 14.56 -15.01 -1.71
CA THR A 565 15.75 -14.44 -1.09
C THR A 565 16.05 -15.12 0.24
N MET A 566 15.02 -15.43 1.02
CA MET A 566 15.22 -16.06 2.32
C MET A 566 15.90 -17.42 2.18
N THR A 567 15.37 -18.28 1.33
CA THR A 567 15.94 -19.62 1.14
C THR A 567 17.27 -19.57 0.43
N ASN A 568 17.47 -18.64 -0.51
CA ASN A 568 18.78 -18.54 -1.16
C ASN A 568 19.85 -18.04 -0.20
N ARG A 569 19.50 -17.13 0.72
CA ARG A 569 20.42 -16.76 1.78
C ARG A 569 20.77 -17.97 2.63
N GLN A 570 19.75 -18.70 3.08
CA GLN A 570 20.00 -19.86 3.93
C GLN A 570 20.81 -20.93 3.22
N PHE A 571 20.77 -20.95 1.89
CA PHE A 571 21.52 -21.96 1.14
C PHE A 571 22.95 -21.52 0.83
N HIS A 572 23.15 -20.25 0.47
CA HIS A 572 24.43 -19.80 -0.08
C HIS A 572 25.23 -18.88 0.82
N GLN A 573 24.68 -18.42 1.95
CA GLN A 573 25.30 -17.30 2.64
C GLN A 573 26.60 -17.69 3.33
N LYS A 574 26.75 -18.94 3.73
CA LYS A 574 27.99 -19.37 4.37
C LYS A 574 29.15 -19.28 3.39
N LEU A 575 28.97 -19.83 2.18
CA LEU A 575 30.01 -19.72 1.16
C LEU A 575 30.20 -18.27 0.73
N LEU A 576 29.12 -17.51 0.62
CA LEU A 576 29.23 -16.13 0.15
C LEU A 576 30.00 -15.27 1.16
N LYS A 577 29.77 -15.49 2.45
CA LYS A 577 30.55 -14.79 3.48
C LYS A 577 31.97 -15.31 3.55
N SER A 578 32.19 -16.58 3.16
CA SER A 578 33.55 -17.10 3.15
C SER A 578 34.36 -16.51 1.99
N ILE A 579 33.71 -16.22 0.87
CA ILE A 579 34.40 -15.56 -0.24
C ILE A 579 34.73 -14.13 0.12
N ALA A 580 33.80 -13.42 0.75
CA ALA A 580 33.98 -12.01 1.08
C ALA A 580 34.99 -11.79 2.20
N ALA A 581 35.45 -12.83 2.87
CA ALA A 581 36.37 -12.70 3.99
C ALA A 581 37.76 -13.21 3.66
N THR A 582 38.02 -13.56 2.42
CA THR A 582 39.31 -14.10 2.01
C THR A 582 40.12 -13.00 1.30
N ARG A 583 41.33 -12.78 1.76
CA ARG A 583 42.24 -11.80 1.17
C ARG A 583 43.30 -12.52 0.35
N GLY A 584 43.58 -12.02 -0.83
CA GLY A 584 44.63 -12.56 -1.67
C GLY A 584 44.20 -13.59 -2.69
N ALA A 585 42.90 -13.75 -2.91
CA ALA A 585 42.39 -14.73 -3.85
C ALA A 585 42.16 -14.08 -5.22
N THR A 586 41.59 -14.86 -6.14
CA THR A 586 41.24 -14.32 -7.45
C THR A 586 40.02 -13.43 -7.37
N VAL A 587 39.00 -13.84 -6.63
CA VAL A 587 37.75 -13.09 -6.54
C VAL A 587 37.90 -12.08 -5.43
N VAL A 588 38.06 -10.80 -5.80
CA VAL A 588 38.26 -9.73 -4.80
C VAL A 588 36.88 -9.18 -4.49
N ILE A 589 36.19 -9.87 -3.61
CA ILE A 589 34.93 -9.40 -3.03
C ILE A 589 35.12 -9.33 -1.54
N GLY A 590 34.70 -8.24 -0.94
CA GLY A 590 34.97 -8.01 0.46
C GLY A 590 36.32 -7.39 0.75
N THR A 591 37.12 -7.14 -0.28
CA THR A 591 38.40 -6.46 -0.11
C THR A 591 38.19 -4.96 -0.29
N SER A 592 38.47 -4.20 0.75
CA SER A 592 38.33 -2.76 0.70
C SER A 592 39.45 -2.16 -0.16
N LYS A 593 39.16 -1.00 -0.74
CA LYS A 593 40.20 -0.25 -1.44
C LYS A 593 40.92 0.73 -0.54
N PHE A 594 40.49 0.89 0.69
CA PHE A 594 41.10 1.81 1.63
C PHE A 594 42.17 1.10 2.45
N TYR A 595 43.00 1.90 3.12
CA TYR A 595 44.07 1.41 3.99
C TYR A 595 45.01 0.45 3.26
N GLY A 596 45.35 0.80 2.03
CA GLY A 596 46.26 -0.02 1.26
C GLY A 596 45.65 -1.25 0.64
N GLY A 597 44.32 -1.33 0.59
CA GLY A 597 43.67 -2.49 -0.01
C GLY A 597 43.81 -2.54 -1.51
N TRP A 598 43.86 -1.39 -2.17
CA TRP A 598 44.05 -1.35 -3.62
C TRP A 598 45.46 -1.80 -3.98
N HIS A 599 46.46 -1.33 -3.23
CA HIS A 599 47.83 -1.73 -3.49
C HIS A 599 48.04 -3.22 -3.26
N ASN A 600 47.39 -3.76 -2.21
CA ASN A 600 47.50 -5.19 -1.95
C ASN A 600 46.86 -6.00 -3.08
N MET A 601 45.69 -5.57 -3.55
CA MET A 601 45.06 -6.24 -4.68
C MET A 601 45.96 -6.24 -5.89
N LEU A 602 46.53 -5.08 -6.22
CA LEU A 602 47.36 -4.98 -7.41
C LEU A 602 48.68 -5.73 -7.26
N LYS A 603 49.18 -5.87 -6.04
CA LYS A 603 50.38 -6.67 -5.84
C LYS A 603 50.08 -8.16 -5.89
N THR A 604 48.86 -8.57 -5.54
CA THR A 604 48.51 -9.98 -5.69
C THR A 604 48.21 -10.34 -7.13
N VAL A 605 47.74 -9.38 -7.94
CA VAL A 605 47.55 -9.69 -9.36
C VAL A 605 48.89 -9.91 -10.04
N TYR A 606 49.90 -9.13 -9.68
CA TYR A 606 51.20 -9.29 -10.31
C TYR A 606 51.96 -10.42 -9.64
N SER A 607 51.35 -11.59 -9.53
CA SER A 607 51.89 -12.68 -8.71
C SER A 607 52.93 -13.45 -9.50
N ASP A 608 54.10 -12.84 -9.64
CA ASP A 608 55.29 -13.47 -10.22
C ASP A 608 55.03 -13.96 -11.65
N VAL A 609 54.38 -13.10 -12.44
CA VAL A 609 54.26 -13.36 -13.88
C VAL A 609 55.52 -12.89 -14.57
N GLU A 610 55.84 -13.50 -15.71
CA GLU A 610 57.19 -13.38 -16.26
C GLU A 610 57.36 -12.11 -17.10
N ASN A 611 56.47 -11.89 -18.06
CA ASN A 611 56.55 -10.72 -18.93
C ASN A 611 55.20 -10.02 -18.83
N PRO A 612 54.96 -9.31 -17.73
CA PRO A 612 53.59 -8.92 -17.38
C PRO A 612 53.05 -7.83 -18.29
N HIS A 613 51.86 -8.07 -18.83
CA HIS A 613 51.02 -7.05 -19.41
C HIS A 613 49.66 -7.12 -18.74
N LEU A 614 49.08 -5.96 -18.44
CA LEU A 614 47.75 -5.91 -17.89
C LEU A 614 46.72 -5.87 -19.00
N MET A 615 45.56 -6.46 -18.73
CA MET A 615 44.51 -6.57 -19.72
C MET A 615 43.18 -6.49 -19.02
N GLY A 616 42.21 -5.85 -19.68
CA GLY A 616 40.86 -5.80 -19.16
C GLY A 616 39.86 -5.80 -20.28
N TRP A 617 38.76 -6.54 -20.12
CA TRP A 617 37.78 -6.67 -21.18
C TRP A 617 36.41 -6.24 -20.67
N ASP A 618 35.42 -6.35 -21.53
CA ASP A 618 34.06 -5.91 -21.24
C ASP A 618 33.09 -7.00 -21.67
N TYR A 619 31.98 -7.11 -20.93
CA TYR A 619 30.91 -8.01 -21.31
C TYR A 619 29.71 -7.18 -21.75
N PRO A 620 29.45 -7.05 -23.05
CA PRO A 620 28.29 -6.28 -23.49
C PRO A 620 27.00 -7.03 -23.17
N LYS A 621 26.05 -6.31 -22.58
CA LYS A 621 24.78 -6.89 -22.15
C LYS A 621 25.00 -8.12 -21.28
N CYS A 622 25.81 -7.94 -20.23
CA CYS A 622 26.32 -9.09 -19.48
C CYS A 622 25.19 -9.85 -18.79
N ASP A 623 24.29 -9.14 -18.13
CA ASP A 623 23.26 -9.81 -17.35
C ASP A 623 22.09 -10.28 -18.21
N ARG A 624 21.97 -9.79 -19.43
CA ARG A 624 20.85 -10.14 -20.29
C ARG A 624 21.24 -11.06 -21.44
N ALA A 625 22.51 -11.20 -21.75
CA ALA A 625 22.97 -12.12 -22.78
C ALA A 625 23.62 -13.37 -22.23
N MET A 626 23.72 -13.50 -20.91
CA MET A 626 24.36 -14.66 -20.32
C MET A 626 23.54 -15.91 -20.62
N PRO A 627 24.13 -16.94 -21.21
CA PRO A 627 23.38 -18.16 -21.52
C PRO A 627 22.93 -18.86 -20.26
N ASN A 628 21.82 -19.60 -20.39
CA ASN A 628 21.30 -20.33 -19.25
C ASN A 628 22.24 -21.45 -18.83
N MET A 629 23.00 -22.02 -19.76
CA MET A 629 23.95 -23.06 -19.40
C MET A 629 25.03 -22.53 -18.49
N LEU A 630 25.50 -21.31 -18.73
CA LEU A 630 26.55 -20.75 -17.89
C LEU A 630 26.03 -20.32 -16.52
N ARG A 631 24.79 -19.85 -16.45
CA ARG A 631 24.19 -19.55 -15.16
C ARG A 631 23.97 -20.82 -14.34
N ILE A 632 23.51 -21.89 -14.99
CA ILE A 632 23.38 -23.18 -14.32
C ILE A 632 24.75 -23.68 -13.88
N MET A 633 25.78 -23.46 -14.70
CA MET A 633 27.14 -23.83 -14.34
C MET A 633 27.60 -23.10 -13.09
N ALA A 634 27.32 -21.80 -13.01
CA ALA A 634 27.69 -21.02 -11.84
C ALA A 634 26.96 -21.50 -10.59
N SER A 635 25.66 -21.80 -10.74
CA SER A 635 24.89 -22.29 -9.60
C SER A 635 25.37 -23.67 -9.14
N LEU A 636 25.81 -24.51 -10.06
CA LEU A 636 26.34 -25.82 -9.69
C LEU A 636 27.73 -25.72 -9.09
N VAL A 637 28.53 -24.74 -9.51
CA VAL A 637 29.84 -24.53 -8.90
C VAL A 637 29.69 -24.01 -7.49
N LEU A 638 28.73 -23.11 -7.26
CA LEU A 638 28.50 -22.60 -5.91
C LEU A 638 27.98 -23.70 -4.99
N ALA A 639 27.26 -24.67 -5.54
CA ALA A 639 26.64 -25.72 -4.75
C ALA A 639 27.54 -26.93 -4.55
N ARG A 640 28.79 -26.88 -4.99
CA ARG A 640 29.72 -27.98 -4.72
C ARG A 640 30.13 -28.04 -3.27
N LYS A 641 29.91 -26.98 -2.50
CA LYS A 641 30.24 -26.98 -1.08
C LYS A 641 29.29 -27.83 -0.24
N HIS A 642 28.13 -28.19 -0.79
CA HIS A 642 27.14 -28.98 -0.07
C HIS A 642 27.32 -30.47 -0.32
N THR A 643 28.53 -30.97 -0.11
CA THR A 643 28.78 -32.40 -0.30
C THR A 643 28.45 -33.23 0.92
N THR A 644 28.22 -32.61 2.06
CA THR A 644 27.87 -33.33 3.28
C THR A 644 26.53 -32.91 3.86
N CYS A 645 26.08 -31.69 3.62
CA CYS A 645 24.83 -31.24 4.22
C CYS A 645 23.62 -31.58 3.36
N CYS A 646 23.81 -31.68 2.05
CA CYS A 646 22.71 -31.92 1.13
C CYS A 646 22.91 -33.25 0.41
N SER A 647 21.79 -33.89 0.10
CA SER A 647 21.79 -35.11 -0.71
C SER A 647 21.88 -34.71 -2.18
N LEU A 648 21.80 -35.70 -3.07
CA LEU A 648 21.80 -35.39 -4.49
C LEU A 648 20.47 -34.76 -4.91
N SER A 649 19.36 -35.32 -4.44
CA SER A 649 18.05 -34.77 -4.75
C SER A 649 17.85 -33.40 -4.13
N HIS A 650 18.40 -33.18 -2.93
CA HIS A 650 18.33 -31.87 -2.30
C HIS A 650 19.02 -30.83 -3.16
N ARG A 651 20.21 -31.14 -3.66
CA ARG A 651 20.93 -30.19 -4.49
C ARG A 651 20.23 -29.98 -5.82
N PHE A 652 19.63 -31.03 -6.39
CA PHE A 652 18.88 -30.83 -7.63
C PHE A 652 17.68 -29.92 -7.42
N TYR A 653 16.94 -30.11 -6.33
CA TYR A 653 15.76 -29.28 -6.13
C TYR A 653 16.14 -27.86 -5.74
N ARG A 654 17.30 -27.67 -5.12
CA ARG A 654 17.78 -26.32 -4.88
C ARG A 654 18.19 -25.64 -6.19
N LEU A 655 18.84 -26.38 -7.09
CA LEU A 655 19.13 -25.84 -8.41
C LEU A 655 17.86 -25.52 -9.18
N ALA A 656 16.85 -26.38 -9.08
CA ALA A 656 15.59 -26.15 -9.76
C ALA A 656 14.88 -24.93 -9.22
N ASN A 657 14.93 -24.71 -7.90
CA ASN A 657 14.37 -23.50 -7.33
C ASN A 657 15.13 -22.26 -7.81
N GLU A 658 16.46 -22.36 -7.90
CA GLU A 658 17.25 -21.26 -8.45
C GLU A 658 16.81 -20.92 -9.87
N CYS A 659 16.63 -21.94 -10.70
CA CYS A 659 16.23 -21.70 -12.08
C CYS A 659 14.81 -21.17 -12.18
N ALA A 660 13.91 -21.66 -11.33
CA ALA A 660 12.51 -21.23 -11.38
C ALA A 660 12.30 -19.84 -10.82
N GLN A 661 13.18 -19.38 -9.94
CA GLN A 661 13.02 -18.07 -9.31
C GLN A 661 13.96 -17.02 -9.88
N VAL A 662 15.01 -17.41 -10.58
CA VAL A 662 16.05 -16.47 -11.00
C VAL A 662 16.27 -16.53 -12.50
N LEU A 663 16.45 -17.73 -13.04
CA LEU A 663 16.94 -17.88 -14.40
C LEU A 663 15.84 -17.66 -15.43
N SER A 664 14.72 -18.36 -15.29
CA SER A 664 13.58 -18.25 -16.22
C SER A 664 12.33 -18.14 -15.38
N GLU A 665 11.95 -16.93 -15.03
CA GLU A 665 10.90 -16.66 -14.07
C GLU A 665 9.75 -15.90 -14.74
N MET A 666 8.74 -15.60 -13.93
CA MET A 666 7.73 -14.62 -14.29
C MET A 666 8.20 -13.26 -13.82
N VAL A 667 8.10 -12.26 -14.70
CA VAL A 667 8.59 -10.92 -14.45
C VAL A 667 7.40 -9.98 -14.43
N MET A 668 7.28 -9.20 -13.35
CA MET A 668 6.26 -8.18 -13.23
C MET A 668 6.83 -6.87 -13.74
N CYS A 669 6.32 -6.41 -14.88
CA CYS A 669 6.82 -5.19 -15.52
C CYS A 669 5.64 -4.29 -15.86
N GLY A 670 5.28 -3.42 -14.93
CA GLY A 670 4.18 -2.51 -15.16
C GLY A 670 2.82 -3.15 -14.96
N GLY A 671 2.67 -3.94 -13.91
CA GLY A 671 1.40 -4.60 -13.65
C GLY A 671 1.09 -5.74 -14.60
N SER A 672 2.10 -6.28 -15.28
CA SER A 672 1.87 -7.34 -16.23
C SER A 672 2.96 -8.40 -16.07
N LEU A 673 2.55 -9.66 -16.18
CA LEU A 673 3.44 -10.80 -16.06
C LEU A 673 3.91 -11.23 -17.44
N TYR A 674 5.23 -11.21 -17.63
CA TYR A 674 5.93 -11.71 -18.81
C TYR A 674 6.80 -12.89 -18.38
N VAL A 675 7.37 -13.57 -19.37
CA VAL A 675 8.27 -14.69 -19.12
C VAL A 675 9.69 -14.22 -19.43
N LYS A 676 10.60 -14.38 -18.48
CA LYS A 676 11.99 -14.03 -18.73
C LYS A 676 12.66 -15.14 -19.52
N PRO A 677 13.22 -14.87 -20.70
CA PRO A 677 13.80 -15.95 -21.50
C PRO A 677 15.01 -16.60 -20.86
N GLY A 678 15.78 -15.85 -20.08
CA GLY A 678 16.97 -16.40 -19.46
C GLY A 678 17.85 -15.27 -18.96
N GLY A 679 19.12 -15.59 -18.78
CA GLY A 679 20.07 -14.61 -18.28
C GLY A 679 19.90 -14.33 -16.81
N THR A 680 20.96 -13.90 -16.14
CA THR A 680 20.88 -13.67 -14.72
C THR A 680 20.03 -12.43 -14.42
N SER A 681 19.25 -12.52 -13.34
CA SER A 681 18.59 -11.35 -12.78
C SER A 681 19.51 -10.77 -11.72
N SER A 682 19.55 -9.43 -11.66
CA SER A 682 20.50 -8.74 -10.79
C SER A 682 19.99 -8.55 -9.38
N GLY A 683 19.06 -9.38 -8.92
CA GLY A 683 18.52 -9.21 -7.60
C GLY A 683 18.50 -10.45 -6.75
N ASP A 684 19.02 -11.56 -7.26
CA ASP A 684 19.09 -12.77 -6.46
C ASP A 684 20.17 -12.64 -5.40
N ALA A 685 20.14 -13.54 -4.42
CA ALA A 685 21.09 -13.48 -3.31
C ALA A 685 22.52 -13.65 -3.80
N THR A 686 22.75 -14.61 -4.68
CA THR A 686 24.08 -14.85 -5.25
C THR A 686 24.17 -14.26 -6.65
N THR A 687 24.31 -12.94 -6.72
CA THR A 687 24.41 -12.28 -8.02
C THR A 687 25.85 -11.95 -8.39
N ALA A 688 26.56 -11.22 -7.52
CA ALA A 688 27.95 -10.88 -7.79
C ALA A 688 28.83 -12.12 -7.82
N TYR A 689 28.54 -13.10 -6.96
CA TYR A 689 29.38 -14.27 -6.87
C TYR A 689 29.16 -15.21 -8.05
N ALA A 690 27.90 -15.41 -8.46
CA ALA A 690 27.64 -16.18 -9.67
C ALA A 690 28.19 -15.47 -10.90
N ASN A 691 28.13 -14.15 -10.90
CA ASN A 691 28.76 -13.37 -11.96
C ASN A 691 30.27 -13.58 -11.99
N SER A 692 30.89 -13.66 -10.83
CA SER A 692 32.33 -13.94 -10.76
C SER A 692 32.65 -15.32 -11.31
N VAL A 693 31.81 -16.31 -10.99
CA VAL A 693 32.01 -17.66 -11.53
C VAL A 693 31.90 -17.64 -13.04
N PHE A 694 30.91 -16.92 -13.57
CA PHE A 694 30.76 -16.80 -15.02
C PHE A 694 31.97 -16.14 -15.67
N ASN A 695 32.50 -15.09 -15.03
CA ASN A 695 33.66 -14.39 -15.56
C ASN A 695 34.89 -15.29 -15.59
N ILE A 696 35.12 -16.02 -14.50
CA ILE A 696 36.25 -16.96 -14.46
C ILE A 696 36.07 -18.06 -15.50
N CYS A 697 34.84 -18.54 -15.69
CA CYS A 697 34.58 -19.57 -16.67
C CYS A 697 34.89 -19.09 -18.08
N GLN A 698 34.50 -17.87 -18.41
CA GLN A 698 34.79 -17.34 -19.74
C GLN A 698 36.29 -17.15 -19.94
N ALA A 699 37.01 -16.71 -18.89
CA ALA A 699 38.45 -16.55 -19.02
C ALA A 699 39.16 -17.89 -19.21
N VAL A 700 38.75 -18.91 -18.48
CA VAL A 700 39.36 -20.24 -18.63
C VAL A 700 39.03 -20.81 -20.00
N THR A 701 37.81 -20.59 -20.49
CA THR A 701 37.46 -21.03 -21.84
C THR A 701 38.31 -20.34 -22.89
N ALA A 702 38.55 -19.04 -22.72
CA ALA A 702 39.39 -18.31 -23.66
C ALA A 702 40.81 -18.86 -23.66
N ASN A 703 41.33 -19.20 -22.48
CA ASN A 703 42.67 -19.78 -22.43
C ASN A 703 42.73 -21.16 -23.08
N VAL A 704 41.69 -21.98 -22.86
CA VAL A 704 41.64 -23.29 -23.48
C VAL A 704 41.61 -23.17 -25.00
N ASN A 705 40.77 -22.28 -25.51
CA ASN A 705 40.69 -22.08 -26.96
C ASN A 705 41.97 -21.52 -27.52
N ALA A 706 42.63 -20.60 -26.80
CA ALA A 706 43.90 -20.06 -27.25
C ALA A 706 44.96 -21.14 -27.34
N LEU A 707 45.04 -22.00 -26.33
CA LEU A 707 46.07 -23.04 -26.33
C LEU A 707 45.79 -24.11 -27.38
N LEU A 708 44.53 -24.45 -27.60
CA LEU A 708 44.22 -25.50 -28.56
C LEU A 708 44.27 -25.01 -30.00
N SER A 709 43.92 -23.76 -30.26
CA SER A 709 43.94 -23.25 -31.63
C SER A 709 45.34 -22.89 -32.11
N THR A 710 46.34 -22.93 -31.24
CA THR A 710 47.71 -22.77 -31.68
C THR A 710 48.14 -23.99 -32.48
N ASP A 711 49.18 -23.82 -33.29
CA ASP A 711 49.59 -24.86 -34.22
C ASP A 711 50.01 -26.13 -33.48
N GLY A 712 51.07 -26.05 -32.68
CA GLY A 712 51.64 -27.19 -32.02
C GLY A 712 52.99 -27.59 -32.57
N ASN A 713 53.17 -27.48 -33.88
CA ASN A 713 54.48 -27.64 -34.48
C ASN A 713 55.31 -26.37 -34.39
N LYS A 714 54.68 -25.25 -34.06
CA LYS A 714 55.38 -24.00 -33.87
C LYS A 714 55.74 -23.73 -32.42
N ILE A 715 55.16 -24.48 -31.48
CA ILE A 715 55.43 -24.28 -30.06
C ILE A 715 56.83 -24.80 -29.76
N ALA A 716 57.75 -23.88 -29.42
CA ALA A 716 59.12 -24.26 -29.13
C ALA A 716 59.24 -24.93 -27.77
N ASP A 717 58.52 -24.42 -26.77
CA ASP A 717 58.60 -24.98 -25.42
C ASP A 717 58.00 -26.36 -25.40
N LYS A 718 58.81 -27.37 -25.07
CA LYS A 718 58.35 -28.75 -25.07
C LYS A 718 57.35 -29.03 -23.96
N TYR A 719 57.34 -28.22 -22.90
CA TYR A 719 56.37 -28.42 -21.82
C TYR A 719 54.97 -27.99 -22.24
N VAL A 720 54.86 -26.89 -22.99
CA VAL A 720 53.56 -26.40 -23.40
C VAL A 720 52.98 -27.24 -24.52
N ARG A 721 53.83 -27.85 -25.35
CA ARG A 721 53.33 -28.75 -26.38
C ARG A 721 52.69 -29.98 -25.76
N ASN A 722 53.34 -30.56 -24.76
CA ASN A 722 52.75 -31.69 -24.05
C ASN A 722 51.52 -31.26 -23.26
N LEU A 723 51.50 -30.02 -22.77
CA LEU A 723 50.32 -29.53 -22.08
C LEU A 723 49.15 -29.41 -23.05
N GLN A 724 49.40 -28.99 -24.28
CA GLN A 724 48.35 -28.92 -25.29
C GLN A 724 47.86 -30.32 -25.66
N HIS A 725 48.77 -31.27 -25.82
CA HIS A 725 48.40 -32.64 -26.12
C HIS A 725 47.51 -33.22 -25.02
N ARG A 726 47.92 -33.06 -23.77
CA ARG A 726 47.13 -33.60 -22.66
C ARG A 726 45.85 -32.81 -22.43
N LEU A 727 45.81 -31.53 -22.80
CA LEU A 727 44.58 -30.77 -22.73
C LEU A 727 43.55 -31.29 -23.72
N TYR A 728 43.98 -31.60 -24.94
CA TYR A 728 43.06 -32.21 -25.89
C TYR A 728 42.62 -33.59 -25.42
N GLU A 729 43.53 -34.37 -24.84
CA GLU A 729 43.14 -35.68 -24.32
C GLU A 729 42.10 -35.54 -23.22
N CYS A 730 42.28 -34.60 -22.29
CA CYS A 730 41.34 -34.44 -21.20
C CYS A 730 40.04 -33.80 -21.64
N LEU A 731 40.03 -33.11 -22.77
CA LEU A 731 38.77 -32.59 -23.29
C LEU A 731 37.98 -33.67 -24.03
N TYR A 732 38.54 -34.19 -25.12
CA TYR A 732 37.76 -34.96 -26.08
C TYR A 732 38.08 -36.44 -26.12
N ARG A 733 39.01 -36.93 -25.31
CA ARG A 733 39.35 -38.35 -25.27
C ARG A 733 39.28 -38.92 -23.86
N ASN A 734 38.72 -38.17 -22.92
CA ASN A 734 38.63 -38.58 -21.54
C ASN A 734 37.26 -38.21 -21.02
N ARG A 735 36.57 -39.15 -20.37
CA ARG A 735 35.26 -38.86 -19.81
C ARG A 735 35.27 -38.73 -18.29
N ASP A 736 36.28 -39.28 -17.62
CA ASP A 736 36.47 -39.10 -16.19
C ASP A 736 37.43 -37.96 -15.93
N VAL A 737 37.18 -37.23 -14.85
CA VAL A 737 38.02 -36.09 -14.50
C VAL A 737 39.42 -36.56 -14.19
N ASP A 738 40.42 -35.92 -14.80
CA ASP A 738 41.82 -36.15 -14.49
C ASP A 738 42.25 -35.03 -13.57
N THR A 739 42.21 -35.28 -12.26
CA THR A 739 42.49 -34.24 -11.29
C THR A 739 43.93 -33.77 -11.35
N ASP A 740 44.86 -34.66 -11.72
CA ASP A 740 46.26 -34.26 -11.88
C ASP A 740 46.40 -33.21 -12.97
N PHE A 741 45.77 -33.43 -14.12
CA PHE A 741 45.89 -32.44 -15.17
C PHE A 741 45.08 -31.19 -14.88
N VAL A 742 43.96 -31.32 -14.16
CA VAL A 742 43.22 -30.12 -13.79
C VAL A 742 44.07 -29.24 -12.89
N ASN A 743 44.79 -29.87 -11.94
CA ASN A 743 45.72 -29.11 -11.11
C ASN A 743 46.85 -28.52 -11.93
N GLU A 744 47.37 -29.27 -12.90
CA GLU A 744 48.47 -28.77 -13.73
C GLU A 744 48.03 -27.56 -14.57
N PHE A 745 46.84 -27.62 -15.16
CA PHE A 745 46.35 -26.51 -15.95
C PHE A 745 46.00 -25.32 -15.07
N TYR A 746 45.50 -25.58 -13.86
CA TYR A 746 45.25 -24.49 -12.91
C TYR A 746 46.54 -23.80 -12.52
N ALA A 747 47.61 -24.59 -12.30
CA ALA A 747 48.92 -24.00 -12.00
C ALA A 747 49.43 -23.19 -13.18
N TYR A 748 49.25 -23.69 -14.40
CA TYR A 748 49.66 -22.96 -15.59
C TYR A 748 48.92 -21.64 -15.70
N LEU A 749 47.61 -21.64 -15.47
CA LEU A 749 46.84 -20.41 -15.56
C LEU A 749 47.22 -19.42 -14.46
N ARG A 750 47.43 -19.91 -13.24
CA ARG A 750 47.84 -19.00 -12.17
C ARG A 750 49.22 -18.42 -12.40
N LYS A 751 50.11 -19.20 -13.02
CA LYS A 751 51.46 -18.72 -13.26
C LYS A 751 51.49 -17.69 -14.39
N HIS A 752 50.75 -17.95 -15.48
CA HIS A 752 50.88 -17.12 -16.67
C HIS A 752 49.68 -16.24 -16.98
N PHE A 753 48.55 -16.41 -16.29
CA PHE A 753 47.33 -15.68 -16.58
C PHE A 753 46.66 -15.24 -15.29
N SER A 754 47.42 -14.56 -14.42
CA SER A 754 46.90 -14.16 -13.13
C SER A 754 45.72 -13.19 -13.28
N MET A 755 44.68 -13.42 -12.48
CA MET A 755 43.41 -12.72 -12.63
C MET A 755 43.01 -12.00 -11.35
N MET A 756 42.10 -11.04 -11.51
CA MET A 756 41.46 -10.34 -10.41
C MET A 756 40.03 -10.05 -10.84
N ILE A 757 39.07 -10.67 -10.16
CA ILE A 757 37.68 -10.72 -10.61
C ILE A 757 36.80 -10.03 -9.58
N LEU A 758 36.01 -9.06 -10.02
CA LEU A 758 34.87 -8.54 -9.25
C LEU A 758 33.67 -8.54 -10.19
N SER A 759 33.09 -9.72 -10.35
CA SER A 759 31.75 -10.05 -10.82
C SER A 759 31.44 -9.69 -12.27
N ASP A 760 32.02 -8.66 -12.81
CA ASP A 760 32.16 -8.57 -14.26
C ASP A 760 33.36 -7.73 -14.63
N ASP A 761 34.08 -7.18 -13.65
CA ASP A 761 35.32 -6.48 -13.90
C ASP A 761 36.46 -7.46 -13.66
N ALA A 762 37.47 -7.39 -14.52
CA ALA A 762 38.58 -8.32 -14.40
C ALA A 762 39.84 -7.65 -14.88
N VAL A 763 40.89 -7.76 -14.07
CA VAL A 763 42.23 -7.36 -14.46
C VAL A 763 43.07 -8.61 -14.59
N VAL A 764 43.81 -8.73 -15.68
CA VAL A 764 44.69 -9.86 -15.90
C VAL A 764 46.10 -9.34 -16.05
N CYS A 765 47.06 -10.08 -15.51
CA CYS A 765 48.46 -9.69 -15.53
C CYS A 765 49.25 -10.71 -16.32
N PHE A 766 48.81 -10.99 -17.53
CA PHE A 766 49.25 -12.16 -18.26
C PHE A 766 50.70 -12.03 -18.74
N ASN A 767 51.27 -13.18 -19.10
CA ASN A 767 52.57 -13.24 -19.74
C ASN A 767 52.43 -12.79 -21.19
N SER A 768 53.14 -11.72 -21.55
CA SER A 768 52.97 -11.14 -22.89
C SER A 768 53.63 -12.00 -23.96
N THR A 769 54.73 -12.68 -23.64
CA THR A 769 55.40 -13.51 -24.63
C THR A 769 54.57 -14.73 -24.98
N TYR A 770 54.01 -15.40 -23.97
CA TYR A 770 53.13 -16.54 -24.23
C TYR A 770 51.90 -16.11 -25.01
N ALA A 771 51.30 -14.97 -24.65
CA ALA A 771 50.10 -14.52 -25.34
C ALA A 771 50.40 -14.11 -26.78
N SER A 772 51.60 -13.58 -27.04
CA SER A 772 51.99 -13.30 -28.41
C SER A 772 52.23 -14.58 -29.19
N GLN A 773 52.74 -15.62 -28.53
CA GLN A 773 52.91 -16.92 -29.16
C GLN A 773 51.61 -17.73 -29.21
N GLY A 774 50.55 -17.23 -28.60
CA GLY A 774 49.26 -17.91 -28.63
C GLY A 774 49.06 -18.96 -27.58
N LEU A 775 49.94 -19.06 -26.58
CA LEU A 775 49.83 -20.05 -25.53
C LEU A 775 48.95 -19.59 -24.38
N VAL A 776 48.51 -18.35 -24.39
CA VAL A 776 47.68 -17.78 -23.33
C VAL A 776 46.70 -16.82 -23.98
N ALA A 777 45.52 -16.68 -23.38
CA ALA A 777 44.44 -15.94 -24.02
C ALA A 777 44.81 -14.47 -24.23
N SER A 778 44.31 -13.92 -25.34
CA SER A 778 44.47 -12.52 -25.66
C SER A 778 43.09 -11.87 -25.74
N ILE A 779 43.04 -10.62 -26.19
CA ILE A 779 41.75 -9.96 -26.37
C ILE A 779 40.96 -10.65 -27.48
N LYS A 780 41.63 -11.08 -28.54
CA LYS A 780 40.93 -11.73 -29.65
C LYS A 780 40.32 -13.06 -29.24
N ASN A 781 40.93 -13.76 -28.30
CA ASN A 781 40.36 -15.01 -27.81
C ASN A 781 39.10 -14.75 -27.00
N PHE A 782 39.08 -13.68 -26.21
CA PHE A 782 37.87 -13.31 -25.50
C PHE A 782 36.78 -12.89 -26.47
N LYS A 783 37.14 -12.18 -27.54
CA LYS A 783 36.16 -11.79 -28.54
C LYS A 783 35.55 -13.02 -29.20
N SER A 784 36.38 -14.00 -29.57
CA SER A 784 35.87 -15.22 -30.19
C SER A 784 34.96 -15.99 -29.24
N VAL A 785 35.38 -16.15 -27.98
CA VAL A 785 34.61 -16.91 -27.01
C VAL A 785 33.27 -16.23 -26.73
N LEU A 786 33.28 -14.91 -26.61
CA LEU A 786 32.02 -14.20 -26.38
C LEU A 786 31.14 -14.22 -27.62
N TYR A 787 31.73 -14.36 -28.81
CA TYR A 787 30.89 -14.48 -30.00
C TYR A 787 30.17 -15.82 -30.04
N TYR A 788 30.89 -16.92 -29.80
CA TYR A 788 30.25 -18.21 -29.96
C TYR A 788 29.61 -18.75 -28.68
N GLN A 789 29.84 -18.10 -27.54
CA GLN A 789 29.33 -18.60 -26.27
C GLN A 789 28.54 -17.58 -25.48
N ASN A 790 28.42 -16.35 -25.95
CA ASN A 790 27.60 -15.34 -25.31
C ASN A 790 26.63 -14.67 -26.25
N ASN A 791 26.78 -14.89 -27.56
CA ASN A 791 25.97 -14.24 -28.59
C ASN A 791 26.05 -12.72 -28.49
N VAL A 792 27.25 -12.21 -28.21
CA VAL A 792 27.54 -10.79 -28.24
C VAL A 792 28.83 -10.59 -29.02
N PHE A 793 29.03 -9.36 -29.48
CA PHE A 793 30.29 -8.96 -30.09
C PHE A 793 31.00 -8.01 -29.15
N MET A 794 32.18 -8.39 -28.70
CA MET A 794 32.98 -7.57 -27.79
C MET A 794 33.92 -6.73 -28.62
N SER A 795 33.57 -5.46 -28.81
CA SER A 795 34.43 -4.56 -29.56
C SER A 795 35.69 -4.25 -28.75
N GLU A 796 36.82 -4.18 -29.43
CA GLU A 796 38.10 -3.92 -28.77
C GLU A 796 38.27 -2.46 -28.38
N ALA A 797 37.23 -1.64 -28.49
CA ALA A 797 37.26 -0.27 -28.02
C ALA A 797 36.91 -0.15 -26.54
N LYS A 798 36.33 -1.19 -25.95
CA LYS A 798 36.03 -1.21 -24.52
C LYS A 798 36.99 -2.08 -23.73
N CYS A 799 37.98 -2.67 -24.39
CA CYS A 799 38.97 -3.53 -23.76
C CYS A 799 40.33 -2.87 -23.85
N TRP A 800 41.04 -2.82 -22.74
CA TRP A 800 42.31 -2.11 -22.66
C TRP A 800 43.46 -3.07 -22.40
N THR A 801 44.64 -2.65 -22.82
CA THR A 801 45.89 -3.34 -22.57
C THR A 801 46.91 -2.33 -22.08
N GLU A 802 47.66 -2.70 -21.04
CA GLU A 802 48.64 -1.83 -20.43
C GLU A 802 49.98 -2.55 -20.43
N THR A 803 50.93 -2.05 -21.21
CA THR A 803 52.25 -2.64 -21.30
C THR A 803 53.18 -2.22 -20.17
N ASP A 804 52.83 -1.18 -19.41
CA ASP A 804 53.67 -0.65 -18.35
C ASP A 804 52.96 -0.83 -17.02
N LEU A 805 53.56 -1.63 -16.14
CA LEU A 805 52.93 -1.93 -14.85
C LEU A 805 53.01 -0.77 -13.88
N THR A 806 53.90 0.19 -14.10
CA THR A 806 54.01 1.32 -13.20
C THR A 806 52.84 2.29 -13.33
N LYS A 807 51.95 2.07 -14.28
CA LYS A 807 50.72 2.84 -14.38
C LYS A 807 49.50 2.10 -13.87
N GLY A 808 49.61 0.79 -13.65
CA GLY A 808 48.52 0.02 -13.09
C GLY A 808 47.44 -0.25 -14.10
N PRO A 809 46.36 -0.89 -13.65
CA PRO A 809 45.21 -1.09 -14.54
C PRO A 809 44.63 0.22 -15.01
N HIS A 810 44.21 0.24 -16.27
CA HIS A 810 43.60 1.46 -16.81
C HIS A 810 42.31 1.80 -16.08
N GLU A 811 41.48 0.80 -15.81
CA GLU A 811 40.25 1.03 -15.07
C GLU A 811 39.77 -0.29 -14.50
N PHE A 812 39.49 -0.30 -13.20
CA PHE A 812 38.90 -1.46 -12.53
C PHE A 812 37.95 -0.92 -11.48
N CYS A 813 36.69 -1.37 -11.52
CA CYS A 813 35.63 -0.89 -10.65
C CYS A 813 35.47 0.63 -10.76
N SER A 814 35.57 1.14 -11.99
CA SER A 814 35.38 2.55 -12.33
C SER A 814 36.42 3.46 -11.69
N GLN A 815 37.53 2.91 -11.23
CA GLN A 815 38.60 3.67 -10.60
C GLN A 815 39.85 3.56 -11.45
N HIS A 816 40.46 4.69 -11.77
CA HIS A 816 41.79 4.64 -12.35
C HIS A 816 42.81 4.47 -11.23
N THR A 817 44.02 4.10 -11.61
CA THR A 817 45.07 3.80 -10.65
C THR A 817 46.30 4.64 -10.96
N MET A 818 46.93 5.19 -9.93
CA MET A 818 48.19 5.87 -10.15
C MET A 818 49.17 5.51 -9.03
N LEU A 819 50.45 5.53 -9.36
CA LEU A 819 51.51 5.18 -8.43
C LEU A 819 52.06 6.45 -7.78
N VAL A 820 51.93 6.54 -6.46
CA VAL A 820 52.29 7.73 -5.71
C VAL A 820 53.33 7.37 -4.66
N LYS A 821 54.14 8.35 -4.27
CA LYS A 821 55.07 8.19 -3.17
C LYS A 821 54.35 8.55 -1.88
N GLN A 822 53.92 7.54 -1.13
CA GLN A 822 53.29 7.75 0.16
C GLN A 822 54.30 7.44 1.25
N GLY A 823 54.48 8.37 2.17
CA GLY A 823 55.51 8.21 3.17
C GLY A 823 56.87 8.13 2.53
N ASP A 824 57.44 6.93 2.50
CA ASP A 824 58.72 6.68 1.88
C ASP A 824 58.65 5.67 0.74
N ASP A 825 57.49 5.05 0.49
CA ASP A 825 57.40 3.99 -0.50
C ASP A 825 56.28 4.28 -1.48
N TYR A 826 56.38 3.68 -2.65
CA TYR A 826 55.43 3.92 -3.73
C TYR A 826 54.28 2.92 -3.64
N VAL A 827 53.05 3.43 -3.70
CA VAL A 827 51.84 2.63 -3.57
C VAL A 827 50.89 3.01 -4.70
N TYR A 828 49.93 2.13 -4.93
CA TYR A 828 48.91 2.34 -5.95
C TYR A 828 47.66 2.90 -5.29
N LEU A 829 47.22 4.06 -5.75
CA LEU A 829 46.01 4.67 -5.23
C LEU A 829 44.95 4.75 -6.31
N PRO A 830 43.70 4.45 -5.97
CA PRO A 830 42.60 4.58 -6.93
C PRO A 830 41.95 5.95 -6.91
N TYR A 831 41.86 6.60 -8.06
CA TYR A 831 41.11 7.85 -8.10
C TYR A 831 39.93 7.70 -9.03
N PRO A 832 38.83 8.38 -8.76
CA PRO A 832 37.65 8.25 -9.61
C PRO A 832 37.66 9.25 -10.76
N ASP A 833 36.62 9.22 -11.56
CA ASP A 833 36.42 10.26 -12.56
C ASP A 833 36.06 11.55 -11.84
N PRO A 834 36.79 12.65 -12.03
CA PRO A 834 36.39 13.90 -11.38
C PRO A 834 35.01 14.37 -11.77
N SER A 835 34.58 14.06 -13.00
CA SER A 835 33.22 14.34 -13.43
C SER A 835 32.21 13.62 -12.56
N ARG A 836 32.52 12.38 -12.16
CA ARG A 836 31.59 11.63 -11.32
C ARG A 836 31.40 12.30 -9.96
N ILE A 837 32.50 12.75 -9.34
CA ILE A 837 32.41 13.35 -8.02
C ILE A 837 31.74 14.72 -8.09
N LEU A 838 32.07 15.51 -9.12
CA LEU A 838 31.40 16.79 -9.29
C LEU A 838 29.92 16.61 -9.57
N GLY A 839 29.55 15.61 -10.36
CA GLY A 839 28.14 15.35 -10.61
C GLY A 839 27.41 14.88 -9.37
N ALA A 840 28.07 14.09 -8.53
CA ALA A 840 27.47 13.68 -7.26
C ALA A 840 27.29 14.87 -6.34
N GLY A 841 28.19 15.85 -6.41
CA GLY A 841 28.01 17.06 -5.61
C GLY A 841 26.90 17.95 -6.13
N CYS A 842 26.79 18.08 -7.46
CA CYS A 842 25.88 19.05 -8.06
C CYS A 842 24.46 18.52 -8.18
N PHE A 843 24.29 17.24 -8.47
CA PHE A 843 22.98 16.66 -8.70
C PHE A 843 22.68 15.62 -7.64
N VAL A 844 21.49 15.69 -7.05
CA VAL A 844 21.07 14.79 -5.98
C VAL A 844 19.71 14.21 -6.33
N ASP A 845 19.34 13.16 -5.61
CA ASP A 845 18.09 12.45 -5.85
C ASP A 845 17.00 12.82 -4.84
N ASP A 846 17.21 13.84 -4.04
CA ASP A 846 16.24 14.25 -3.04
C ASP A 846 16.33 15.75 -2.87
N ILE A 847 15.21 16.38 -2.50
CA ILE A 847 15.19 17.84 -2.40
C ILE A 847 15.94 18.31 -1.16
N VAL A 848 16.04 17.47 -0.13
CA VAL A 848 16.69 17.89 1.12
C VAL A 848 18.18 17.61 1.13
N LYS A 849 18.71 16.93 0.12
CA LYS A 849 20.16 16.83 -0.04
C LYS A 849 20.75 18.08 -0.68
N THR A 850 19.90 19.03 -1.04
CA THR A 850 20.29 20.30 -1.63
C THR A 850 20.59 21.38 -0.58
N ASP A 851 20.25 21.14 0.69
CA ASP A 851 20.46 22.17 1.71
C ASP A 851 21.93 22.32 2.06
N GLY A 852 22.68 21.22 2.06
CA GLY A 852 24.10 21.29 2.32
C GLY A 852 24.44 21.23 3.79
N THR A 853 23.92 22.17 4.57
CA THR A 853 24.17 22.16 6.01
C THR A 853 23.54 20.94 6.67
N LEU A 854 22.47 20.42 6.09
CA LEU A 854 21.86 19.19 6.59
C LEU A 854 22.73 17.98 6.28
N MET A 855 23.52 18.04 5.19
CA MET A 855 24.32 16.92 4.71
C MET A 855 25.76 17.40 4.58
N ILE A 856 26.50 17.37 5.67
CA ILE A 856 27.94 17.60 5.60
C ILE A 856 28.69 16.27 5.52
N GLU A 857 28.12 15.21 6.10
CA GLU A 857 28.66 13.87 5.90
C GLU A 857 28.59 13.44 4.45
N ARG A 858 27.59 13.91 3.72
CA ARG A 858 27.50 13.62 2.28
C ARG A 858 28.73 14.10 1.54
N PHE A 859 29.23 15.28 1.88
CA PHE A 859 30.42 15.81 1.24
C PHE A 859 31.70 15.30 1.87
N VAL A 860 31.67 14.90 3.14
CA VAL A 860 32.84 14.25 3.72
C VAL A 860 33.12 12.93 3.02
N SER A 861 32.08 12.14 2.75
CA SER A 861 32.26 10.88 2.02
C SER A 861 32.77 11.13 0.60
N LEU A 862 32.22 12.14 -0.08
CA LEU A 862 32.68 12.45 -1.42
C LEU A 862 34.12 12.93 -1.43
N ALA A 863 34.53 13.68 -0.41
CA ALA A 863 35.92 14.10 -0.32
C ALA A 863 36.84 12.92 0.01
N ILE A 864 36.36 11.95 0.78
CA ILE A 864 37.10 10.72 1.01
C ILE A 864 37.34 10.01 -0.32
N ASP A 865 36.30 9.95 -1.16
CA ASP A 865 36.44 9.30 -2.46
C ASP A 865 37.31 10.10 -3.41
N ALA A 866 37.33 11.43 -3.27
CA ALA A 866 38.05 12.31 -4.19
C ALA A 866 39.44 12.69 -3.69
N TYR A 867 39.88 12.18 -2.54
CA TYR A 867 41.21 12.51 -2.06
C TYR A 867 42.35 12.16 -3.02
N PRO A 868 42.42 10.96 -3.63
CA PRO A 868 43.60 10.63 -4.43
C PRO A 868 43.79 11.52 -5.64
N LEU A 869 42.80 12.34 -6.00
CA LEU A 869 42.98 13.28 -7.10
C LEU A 869 44.05 14.33 -6.79
N THR A 870 44.37 14.54 -5.51
CA THR A 870 45.38 15.53 -5.16
C THR A 870 46.78 15.12 -5.60
N LYS A 871 47.01 13.84 -5.86
CA LYS A 871 48.30 13.38 -6.37
C LYS A 871 48.34 13.33 -7.89
N HIS A 872 47.25 13.65 -8.55
CA HIS A 872 47.23 13.63 -10.01
C HIS A 872 48.10 14.75 -10.56
N PRO A 873 48.81 14.51 -11.66
CA PRO A 873 49.63 15.59 -12.25
C PRO A 873 48.80 16.71 -12.85
N ASN A 874 47.56 16.45 -13.23
CA ASN A 874 46.69 17.49 -13.76
C ASN A 874 46.12 18.30 -12.60
N GLN A 875 46.35 19.61 -12.62
CA GLN A 875 45.94 20.44 -11.49
C GLN A 875 44.43 20.56 -11.39
N GLU A 876 43.73 20.57 -12.51
CA GLU A 876 42.27 20.65 -12.47
C GLU A 876 41.67 19.42 -11.78
N TYR A 877 42.36 18.29 -11.83
CA TYR A 877 41.92 17.12 -11.07
C TYR A 877 42.21 17.30 -9.60
N ALA A 878 43.39 17.84 -9.27
CA ALA A 878 43.78 18.02 -7.88
C ALA A 878 42.93 19.07 -7.18
N ASP A 879 42.31 19.98 -7.92
CA ASP A 879 41.50 21.02 -7.33
C ASP A 879 40.11 20.55 -6.93
N VAL A 880 39.68 19.37 -7.35
CA VAL A 880 38.37 18.86 -6.95
C VAL A 880 38.34 18.56 -5.46
N PHE A 881 39.41 17.95 -4.94
CA PHE A 881 39.47 17.65 -3.52
C PHE A 881 39.50 18.94 -2.69
N HIS A 882 40.26 19.93 -3.12
CA HIS A 882 40.30 21.19 -2.40
C HIS A 882 38.97 21.91 -2.49
N LEU A 883 38.26 21.79 -3.62
CA LEU A 883 36.92 22.33 -3.73
C LEU A 883 35.99 21.71 -2.71
N TYR A 884 36.04 20.39 -2.56
CA TYR A 884 35.18 19.73 -1.59
C TYR A 884 35.54 20.12 -0.16
N LEU A 885 36.83 20.26 0.14
CA LEU A 885 37.23 20.67 1.48
C LEU A 885 36.76 22.10 1.78
N GLN A 886 36.90 23.01 0.81
CA GLN A 886 36.45 24.38 1.01
C GLN A 886 34.94 24.47 1.13
N TYR A 887 34.22 23.63 0.40
CA TYR A 887 32.76 23.62 0.56
C TYR A 887 32.36 23.04 1.90
N ILE A 888 33.09 22.05 2.41
CA ILE A 888 32.82 21.56 3.76
C ILE A 888 33.03 22.65 4.78
N ARG A 889 34.11 23.43 4.64
CA ARG A 889 34.34 24.52 5.58
C ARG A 889 33.26 25.59 5.49
N LYS A 890 32.85 25.95 4.26
CA LYS A 890 31.78 26.94 4.11
C LYS A 890 30.47 26.42 4.68
N LEU A 891 30.18 25.14 4.46
CA LEU A 891 28.98 24.53 5.00
C LEU A 891 28.98 24.56 6.52
N HIS A 892 30.12 24.27 7.14
CA HIS A 892 30.17 24.34 8.60
C HIS A 892 30.06 25.77 9.09
N ASP A 893 30.67 26.72 8.40
CA ASP A 893 30.54 28.13 8.80
C ASP A 893 29.09 28.58 8.78
N GLU A 894 28.38 28.29 7.70
CA GLU A 894 26.99 28.72 7.64
C GLU A 894 26.07 27.88 8.51
N LEU A 895 26.43 26.61 8.76
CA LEU A 895 25.68 25.81 9.71
C LEU A 895 25.78 26.37 11.12
N THR A 896 26.99 26.76 11.54
CA THR A 896 27.14 27.36 12.86
C THR A 896 26.47 28.72 12.92
N GLY A 897 26.49 29.48 11.82
CA GLY A 897 25.76 30.74 11.79
C GLY A 897 24.27 30.54 11.96
N HIS A 898 23.70 29.58 11.23
CA HIS A 898 22.27 29.32 11.33
C HIS A 898 21.90 28.76 12.69
N MET A 899 22.74 27.90 13.26
CA MET A 899 22.48 27.37 14.60
C MET A 899 22.54 28.47 15.65
N LEU A 900 23.54 29.36 15.55
CA LEU A 900 23.62 30.47 16.49
C LEU A 900 22.47 31.45 16.29
N ASP A 901 21.91 31.53 15.08
CA ASP A 901 20.73 32.36 14.90
C ASP A 901 19.50 31.72 15.52
N MET A 902 19.30 30.41 15.30
CA MET A 902 18.16 29.69 15.84
C MET A 902 18.17 29.63 17.37
N TYR A 903 19.24 30.08 18.00
CA TYR A 903 19.46 30.06 19.43
C TYR A 903 20.25 31.33 19.75
N SER A 904 20.97 31.32 20.86
CA SER A 904 21.97 32.37 21.02
C SER A 904 23.27 31.80 21.59
N VAL A 905 23.45 30.50 21.52
CA VAL A 905 24.63 29.83 22.06
C VAL A 905 25.20 28.90 20.99
N MET A 906 26.52 28.85 20.90
CA MET A 906 27.19 27.89 20.04
C MET A 906 27.15 26.50 20.66
N LEU A 907 27.32 25.49 19.81
CA LEU A 907 27.45 24.13 20.31
C LEU A 907 28.72 24.01 21.15
N THR A 908 28.61 23.28 22.26
CA THR A 908 29.76 23.14 23.15
C THR A 908 30.85 22.28 22.54
N ASN A 909 30.48 21.13 21.99
CA ASN A 909 31.43 20.18 21.42
C ASN A 909 31.28 20.19 19.90
N ASP A 910 32.33 20.60 19.20
CA ASP A 910 32.35 20.63 17.75
C ASP A 910 33.65 20.01 17.26
N ASN A 911 33.55 18.82 16.68
CA ASN A 911 34.70 18.10 16.15
C ASN A 911 34.69 18.08 14.63
N THR A 912 34.04 19.07 14.02
CA THR A 912 33.94 19.15 12.56
C THR A 912 35.16 19.78 11.92
N SER A 913 36.10 20.30 12.71
CA SER A 913 37.28 20.94 12.14
C SER A 913 38.19 19.96 11.42
N ARG A 914 38.10 18.67 11.74
CA ARG A 914 38.98 17.69 11.14
C ARG A 914 38.56 17.30 9.72
N TYR A 915 37.41 17.76 9.26
CA TYR A 915 36.91 17.38 7.94
C TYR A 915 37.36 18.31 6.83
N TRP A 916 37.99 19.44 7.16
CA TRP A 916 38.64 20.26 6.14
C TRP A 916 40.14 20.31 6.35
N GLU A 917 40.69 19.36 7.09
CA GLU A 917 42.12 19.08 7.14
C GLU A 917 42.41 17.86 6.29
N PRO A 918 43.40 17.91 5.40
CA PRO A 918 43.62 16.77 4.49
C PRO A 918 44.21 15.54 5.15
N GLU A 919 44.56 15.58 6.44
CA GLU A 919 45.13 14.41 7.10
C GLU A 919 44.07 13.36 7.41
N PHE A 920 42.84 13.78 7.71
CA PHE A 920 41.75 12.84 7.91
C PHE A 920 41.51 11.98 6.68
N TYR A 921 41.76 12.53 5.50
CA TYR A 921 41.59 11.81 4.25
C TYR A 921 42.86 11.13 3.80
N GLU A 922 44.02 11.67 4.18
CA GLU A 922 45.27 11.00 3.87
C GLU A 922 45.40 9.70 4.63
N ALA A 923 44.97 9.68 5.90
CA ALA A 923 44.99 8.46 6.69
C ALA A 923 44.02 7.40 6.19
N MET A 924 43.14 7.77 5.27
CA MET A 924 42.17 6.84 4.71
C MET A 924 42.80 5.87 3.72
N TYR A 925 43.98 6.18 3.21
CA TYR A 925 44.67 5.38 2.22
C TYR A 925 46.03 4.91 2.70
N THR A 926 46.22 4.82 4.00
CA THR A 926 47.49 4.45 4.62
C THR A 926 47.36 3.09 5.29
N PRO A 927 48.30 2.17 5.09
CA PRO A 927 48.05 0.76 5.43
C PRO A 927 48.04 0.41 6.90
N HIS A 928 48.01 1.39 7.81
CA HIS A 928 48.12 1.06 9.23
C HIS A 928 46.90 0.32 9.73
N THR A 929 45.72 0.62 9.20
CA THR A 929 44.51 -0.10 9.57
C THR A 929 44.23 -1.24 8.59
N PHE B 7 16.31 3.15 45.49
CA PHE B 7 17.37 3.47 46.44
C PHE B 7 16.79 4.00 47.76
N SER B 8 16.01 5.08 47.65
CA SER B 8 15.40 5.67 48.84
C SER B 8 14.33 4.79 49.45
N SER B 9 13.72 3.89 48.66
CA SER B 9 12.73 2.97 49.21
C SER B 9 13.38 1.97 50.16
N LEU B 10 14.55 1.46 49.80
CA LEU B 10 15.22 0.46 50.62
C LEU B 10 15.70 1.07 51.94
N PRO B 11 15.66 0.30 53.03
CA PRO B 11 16.10 0.84 54.33
C PRO B 11 17.60 1.05 54.46
N SER B 12 18.38 0.75 53.41
CA SER B 12 19.80 1.09 53.44
C SER B 12 20.01 2.59 53.53
N TYR B 13 19.18 3.35 52.81
CA TYR B 13 19.20 4.81 52.94
C TYR B 13 18.84 5.23 54.36
N ALA B 14 17.90 4.52 54.99
CA ALA B 14 17.55 4.83 56.36
C ALA B 14 18.72 4.58 57.31
N ALA B 15 19.42 3.47 57.13
CA ALA B 15 20.58 3.17 57.97
C ALA B 15 21.67 4.21 57.77
N PHE B 16 21.94 4.59 56.52
CA PHE B 16 22.92 5.63 56.24
C PHE B 16 22.51 6.95 56.87
N ALA B 17 21.22 7.31 56.78
CA ALA B 17 20.75 8.57 57.31
C ALA B 17 20.83 8.62 58.83
N THR B 18 20.44 7.53 59.51
CA THR B 18 20.52 7.54 60.97
C THR B 18 21.97 7.51 61.45
N ALA B 19 22.85 6.77 60.74
CA ALA B 19 24.26 6.78 61.10
C ALA B 19 24.86 8.17 60.92
N GLN B 20 24.51 8.85 59.82
CA GLN B 20 25.02 10.19 59.57
C GLN B 20 24.48 11.17 60.61
N GLU B 21 23.21 11.04 60.98
CA GLU B 21 22.64 11.92 62.00
C GLU B 21 23.33 11.71 63.34
N ALA B 22 23.58 10.45 63.73
CA ALA B 22 24.27 10.18 64.98
C ALA B 22 25.71 10.71 64.94
N TYR B 23 26.39 10.53 63.81
CA TYR B 23 27.76 11.02 63.67
C TYR B 23 27.81 12.54 63.80
N GLU B 24 26.92 13.24 63.11
CA GLU B 24 26.90 14.70 63.19
C GLU B 24 26.54 15.17 64.59
N GLN B 25 25.56 14.52 65.23
CA GLN B 25 25.16 14.91 66.57
C GLN B 25 26.30 14.73 67.57
N ALA B 26 27.02 13.61 67.47
CA ALA B 26 28.11 13.38 68.41
C ALA B 26 29.31 14.27 68.13
N VAL B 27 29.56 14.60 66.86
CA VAL B 27 30.61 15.57 66.54
C VAL B 27 30.26 16.94 67.10
N ALA B 28 29.01 17.36 66.95
CA ALA B 28 28.58 18.64 67.52
C ALA B 28 28.59 18.62 69.04
N ASN B 29 28.39 17.45 69.65
CA ASN B 29 28.40 17.32 71.10
C ASN B 29 29.80 17.15 71.67
N GLY B 30 30.83 17.09 70.83
CA GLY B 30 32.19 16.94 71.30
C GLY B 30 32.50 15.58 71.91
N ASP B 31 32.11 14.51 71.22
CA ASP B 31 32.40 13.17 71.69
C ASP B 31 33.90 12.88 71.58
N SER B 32 34.33 11.83 72.28
CA SER B 32 35.74 11.49 72.34
C SER B 32 36.22 10.93 71.00
N GLU B 33 37.55 10.82 70.88
CA GLU B 33 38.14 10.37 69.62
C GLU B 33 37.78 8.92 69.32
N VAL B 34 37.74 8.06 70.34
CA VAL B 34 37.40 6.66 70.13
C VAL B 34 35.96 6.53 69.64
N VAL B 35 35.03 7.25 70.28
CA VAL B 35 33.63 7.23 69.84
C VAL B 35 33.50 7.84 68.46
N LEU B 36 34.28 8.89 68.17
CA LEU B 36 34.24 9.51 66.85
C LEU B 36 34.69 8.53 65.77
N LYS B 37 35.76 7.78 66.03
CA LYS B 37 36.22 6.79 65.07
C LYS B 37 35.20 5.65 64.93
N LYS B 38 34.58 5.24 66.04
CA LYS B 38 33.56 4.20 65.99
C LYS B 38 32.40 4.61 65.10
N LEU B 39 31.90 5.84 65.30
CA LEU B 39 30.79 6.33 64.49
C LEU B 39 31.20 6.55 63.05
N LYS B 40 32.43 6.98 62.81
CA LYS B 40 32.92 7.10 61.44
C LYS B 40 32.94 5.75 60.73
N LYS B 41 33.43 4.71 61.41
CA LYS B 41 33.45 3.38 60.83
C LYS B 41 32.04 2.86 60.57
N SER B 42 31.12 3.10 61.51
CA SER B 42 29.74 2.67 61.31
C SER B 42 29.09 3.40 60.14
N LEU B 43 29.35 4.70 60.01
CA LEU B 43 28.84 5.46 58.87
C LEU B 43 29.44 4.95 57.57
N ASN B 44 30.73 4.61 57.58
CA ASN B 44 31.37 4.12 56.37
C ASN B 44 30.76 2.80 55.91
N VAL B 45 30.53 1.88 56.85
CA VAL B 45 29.94 0.59 56.44
C VAL B 45 28.48 0.77 56.04
N ALA B 46 27.76 1.70 56.68
CA ALA B 46 26.38 1.97 56.28
C ALA B 46 26.32 2.53 54.87
N LYS B 47 27.17 3.49 54.55
CA LYS B 47 27.24 4.03 53.19
C LYS B 47 27.70 2.97 52.20
N SER B 48 28.58 2.06 52.63
CA SER B 48 29.02 0.97 51.77
C SER B 48 27.85 0.07 51.39
N GLU B 49 27.05 -0.32 52.38
CA GLU B 49 25.85 -1.11 52.09
C GLU B 49 24.88 -0.34 51.20
N PHE B 50 24.74 0.96 51.47
CA PHE B 50 23.86 1.81 50.67
C PHE B 50 24.25 1.81 49.19
N ASP B 51 25.52 2.09 48.88
CA ASP B 51 25.91 2.14 47.47
C ASP B 51 25.94 0.74 46.86
N ARG B 52 26.26 -0.28 47.65
CA ARG B 52 26.26 -1.64 47.13
C ARG B 52 24.86 -2.08 46.71
N ASP B 53 23.84 -1.77 47.49
CA ASP B 53 22.48 -2.08 47.07
C ASP B 53 21.98 -1.11 46.00
N ALA B 54 22.49 0.12 45.97
CA ALA B 54 22.16 0.99 44.85
C ALA B 54 22.68 0.43 43.54
N ALA B 55 23.65 1.06 42.17
CA ALA B 55 24.15 0.40 40.97
C ALA B 55 23.26 -0.78 40.59
N MET B 56 22.86 -1.61 41.58
CA MET B 56 21.94 -2.70 41.30
C MET B 56 20.59 -2.17 40.83
N GLN B 57 20.16 -1.02 41.34
CA GLN B 57 18.93 -0.40 40.87
C GLN B 57 19.06 0.08 39.43
N ARG B 58 20.21 0.63 39.07
CA ARG B 58 20.46 1.01 37.69
C ARG B 58 20.35 -0.19 36.77
N LYS B 59 20.98 -1.31 37.16
CA LYS B 59 20.89 -2.54 36.38
C LYS B 59 19.46 -3.07 36.33
N LEU B 60 18.75 -2.99 37.44
CA LEU B 60 17.36 -3.42 37.47
C LEU B 60 16.52 -2.65 36.47
N GLU B 61 16.58 -1.32 36.50
CA GLU B 61 15.77 -0.52 35.59
C GLU B 61 16.22 -0.69 34.14
N LYS B 62 17.53 -0.80 33.91
CA LYS B 62 18.02 -0.99 32.56
C LYS B 62 17.53 -2.31 31.96
N MET B 63 17.68 -3.40 32.72
CA MET B 63 17.25 -4.70 32.21
C MET B 63 15.74 -4.81 32.17
N ALA B 64 15.04 -4.06 33.03
CA ALA B 64 13.58 -4.05 32.96
C ALA B 64 13.09 -3.34 31.71
N ASP B 65 13.69 -2.20 31.37
CA ASP B 65 13.33 -1.52 30.14
C ASP B 65 13.70 -2.35 28.92
N GLN B 66 14.86 -3.02 28.95
CA GLN B 66 15.22 -3.88 27.85
C GLN B 66 14.24 -5.05 27.70
N ALA B 67 13.84 -5.65 28.81
CA ALA B 67 12.87 -6.73 28.77
C ALA B 67 11.52 -6.25 28.27
N MET B 68 11.09 -5.07 28.71
CA MET B 68 9.81 -4.54 28.25
C MET B 68 9.84 -4.22 26.76
N THR B 69 10.94 -3.65 26.27
CA THR B 69 11.06 -3.37 24.85
C THR B 69 11.09 -4.66 24.04
N GLN B 70 11.80 -5.67 24.53
CA GLN B 70 11.80 -6.96 23.85
C GLN B 70 10.41 -7.56 23.82
N MET B 71 9.67 -7.45 24.92
CA MET B 71 8.33 -8.01 24.97
C MET B 71 7.40 -7.27 24.01
N TYR B 72 7.49 -5.94 23.96
CA TYR B 72 6.69 -5.16 23.02
C TYR B 72 7.01 -5.55 21.58
N LYS B 73 8.29 -5.69 21.26
CA LYS B 73 8.70 -6.06 19.91
C LYS B 73 8.20 -7.45 19.54
N GLN B 74 8.28 -8.41 20.48
CA GLN B 74 7.81 -9.75 20.19
C GLN B 74 6.30 -9.81 20.02
N ALA B 75 5.56 -9.09 20.86
CA ALA B 75 4.10 -9.05 20.69
C ALA B 75 3.71 -8.39 19.37
N ARG B 76 3.66 -6.17 19.40
CA ARG B 76 3.47 -5.47 18.14
C ARG B 76 3.73 -6.36 16.93
N SER B 77 4.80 -7.17 16.98
CA SER B 77 5.10 -8.05 15.86
C SER B 77 4.15 -9.23 15.78
N GLU B 78 3.43 -9.56 16.85
CA GLU B 78 2.39 -10.58 16.77
C GLU B 78 1.04 -10.02 16.35
N ASP B 79 0.77 -8.74 16.60
CA ASP B 79 -0.45 -8.11 16.10
C ASP B 79 -0.27 -7.54 14.70
N LYS B 80 0.97 -7.50 14.20
CA LYS B 80 1.21 -7.18 12.80
C LYS B 80 1.27 -8.41 11.92
N ARG B 81 1.46 -9.59 12.51
CA ARG B 81 1.45 -10.85 11.78
C ARG B 81 0.03 -11.25 11.42
N ALA B 82 -0.92 -11.06 12.33
CA ALA B 82 -2.30 -11.41 12.05
C ALA B 82 -2.88 -10.54 10.93
N LYS B 83 -2.47 -9.28 10.87
CA LYS B 83 -2.94 -8.39 9.82
C LYS B 83 -2.49 -8.87 8.45
N VAL B 84 -1.23 -9.27 8.31
CA VAL B 84 -0.75 -9.72 7.01
C VAL B 84 -1.31 -11.10 6.68
N THR B 85 -1.56 -11.93 7.70
CA THR B 85 -2.21 -13.22 7.45
C THR B 85 -3.61 -13.02 6.89
N SER B 86 -4.38 -12.10 7.49
CA SER B 86 -5.71 -11.81 6.98
C SER B 86 -5.65 -11.20 5.59
N ALA B 87 -4.68 -10.33 5.34
CA ALA B 87 -4.57 -9.72 4.01
C ALA B 87 -4.25 -10.75 2.95
N MET B 88 -3.33 -11.68 3.23
CA MET B 88 -3.02 -12.74 2.27
C MET B 88 -4.22 -13.64 2.05
N GLN B 89 -4.97 -13.96 3.12
CA GLN B 89 -6.15 -14.79 2.95
C GLN B 89 -7.20 -14.11 2.09
N THR B 90 -7.46 -12.83 2.31
CA THR B 90 -8.45 -12.14 1.51
C THR B 90 -8.00 -12.03 0.05
N MET B 91 -6.71 -11.79 -0.18
CA MET B 91 -6.22 -11.75 -1.57
C MET B 91 -6.40 -13.09 -2.25
N LEU B 92 -6.05 -14.18 -1.57
CA LEU B 92 -6.17 -15.50 -2.17
C LEU B 92 -7.63 -15.83 -2.48
N PHE B 93 -8.54 -15.49 -1.57
CA PHE B 93 -9.94 -15.85 -1.80
C PHE B 93 -10.60 -14.96 -2.86
N THR B 94 -10.22 -13.69 -2.96
CA THR B 94 -10.73 -12.88 -4.07
C THR B 94 -10.21 -13.40 -5.40
N MET B 95 -8.94 -13.79 -5.46
CA MET B 95 -8.42 -14.39 -6.69
C MET B 95 -9.13 -15.71 -7.01
N LEU B 96 -9.52 -16.47 -6.00
CA LEU B 96 -10.37 -17.63 -6.23
C LEU B 96 -11.69 -17.23 -6.88
N ARG B 97 -12.33 -16.21 -6.34
CA ARG B 97 -13.62 -15.78 -6.85
C ARG B 97 -13.52 -15.18 -8.25
N LYS B 98 -12.34 -14.74 -8.67
CA LYS B 98 -12.17 -14.23 -10.02
C LYS B 98 -12.16 -15.32 -11.08
N LEU B 99 -11.91 -16.57 -10.70
CA LEU B 99 -11.63 -17.63 -11.67
C LEU B 99 -12.83 -17.90 -12.57
N ASP B 100 -12.54 -18.14 -13.85
CA ASP B 100 -13.53 -18.61 -14.82
C ASP B 100 -13.66 -20.11 -14.62
N ASN B 101 -14.61 -20.51 -13.77
CA ASN B 101 -14.59 -21.87 -13.23
C ASN B 101 -14.94 -22.91 -14.29
N ASP B 102 -15.86 -22.61 -15.21
CA ASP B 102 -16.27 -23.63 -16.19
C ASP B 102 -15.17 -23.90 -17.20
N ALA B 103 -14.57 -22.85 -17.75
CA ALA B 103 -13.49 -23.05 -18.73
C ALA B 103 -12.27 -23.69 -18.10
N LEU B 104 -11.91 -23.26 -16.89
CA LEU B 104 -10.79 -23.85 -16.19
C LEU B 104 -11.06 -25.31 -15.85
N ASN B 105 -12.29 -25.63 -15.44
CA ASN B 105 -12.65 -27.01 -15.17
C ASN B 105 -12.55 -27.86 -16.43
N ASN B 106 -12.98 -27.33 -17.57
CA ASN B 106 -12.88 -28.08 -18.81
C ASN B 106 -11.43 -28.37 -19.16
N ILE B 107 -10.58 -27.34 -19.15
CA ILE B 107 -9.20 -27.56 -19.58
C ILE B 107 -8.43 -28.39 -18.56
N ILE B 108 -8.86 -28.41 -17.31
CA ILE B 108 -8.14 -29.19 -16.31
C ILE B 108 -8.64 -30.64 -16.28
N ASN B 109 -9.89 -30.88 -16.67
CA ASN B 109 -10.35 -32.25 -16.84
C ASN B 109 -9.82 -32.87 -18.11
N ASN B 110 -9.53 -32.06 -19.13
CA ASN B 110 -8.88 -32.59 -20.32
C ASN B 110 -7.44 -33.02 -20.05
N ALA B 111 -6.81 -32.49 -19.00
CA ALA B 111 -5.45 -32.87 -18.68
C ALA B 111 -5.39 -34.32 -18.19
N ARG B 112 -4.39 -35.06 -18.65
CA ARG B 112 -4.28 -36.47 -18.32
C ARG B 112 -3.91 -36.67 -16.85
N ASP B 113 -2.91 -35.94 -16.38
CA ASP B 113 -2.45 -36.03 -15.00
C ASP B 113 -3.17 -35.05 -14.08
N GLY B 114 -4.04 -34.20 -14.62
CA GLY B 114 -4.59 -33.10 -13.87
C GLY B 114 -3.69 -31.90 -13.81
N CYS B 115 -2.56 -31.93 -14.50
CA CYS B 115 -1.56 -30.88 -14.47
C CYS B 115 -1.48 -30.23 -15.84
N VAL B 116 -1.50 -28.90 -15.88
CA VAL B 116 -1.43 -28.16 -17.13
C VAL B 116 -0.35 -27.08 -17.00
N PRO B 117 0.24 -26.63 -18.11
CA PRO B 117 1.14 -25.46 -18.02
C PRO B 117 0.36 -24.23 -17.58
N LEU B 118 1.03 -23.38 -16.81
CA LEU B 118 0.40 -22.15 -16.36
C LEU B 118 0.18 -21.18 -17.50
N ASN B 119 1.08 -21.16 -18.48
CA ASN B 119 1.04 -20.17 -19.55
C ASN B 119 -0.19 -20.31 -20.44
N ILE B 120 -0.89 -21.45 -20.39
CA ILE B 120 -2.10 -21.63 -21.16
C ILE B 120 -3.37 -21.39 -20.35
N ILE B 121 -3.23 -21.13 -19.04
CA ILE B 121 -4.42 -20.88 -18.23
C ILE B 121 -5.15 -19.61 -18.66
N PRO B 122 -4.49 -18.45 -18.85
CA PRO B 122 -5.21 -17.30 -19.42
C PRO B 122 -5.59 -17.58 -20.87
N LEU B 123 -4.60 -18.03 -21.63
CA LEU B 123 -4.70 -18.19 -23.08
C LEU B 123 -5.90 -19.04 -23.50
N THR B 124 -6.42 -19.88 -22.61
CA THR B 124 -7.57 -20.71 -22.92
C THR B 124 -8.79 -20.43 -22.07
N THR B 125 -8.65 -19.71 -20.96
CA THR B 125 -9.78 -19.48 -20.06
C THR B 125 -10.07 -18.02 -19.76
N ALA B 126 -9.14 -17.10 -20.00
CA ALA B 126 -9.37 -15.70 -19.67
C ALA B 126 -10.45 -15.12 -20.55
N ALA B 127 -11.40 -14.41 -19.94
CA ALA B 127 -12.52 -13.84 -20.65
C ALA B 127 -12.23 -12.47 -21.25
N LYS B 128 -11.14 -11.83 -20.84
CA LYS B 128 -10.82 -10.48 -21.27
C LYS B 128 -9.37 -10.42 -21.71
N LEU B 129 -9.13 -9.76 -22.84
CA LEU B 129 -7.80 -9.63 -23.43
C LEU B 129 -7.43 -8.17 -23.51
N MET B 130 -6.21 -7.85 -23.07
CA MET B 130 -5.66 -6.50 -23.17
C MET B 130 -4.53 -6.53 -24.17
N VAL B 131 -4.67 -5.75 -25.24
CA VAL B 131 -3.67 -5.65 -26.29
C VAL B 131 -3.01 -4.29 -26.18
N VAL B 132 -1.70 -4.26 -25.99
CA VAL B 132 -0.93 -3.03 -25.90
C VAL B 132 -0.18 -2.85 -27.20
N ILE B 133 -0.44 -1.74 -27.87
CA ILE B 133 -0.02 -1.53 -29.26
C ILE B 133 0.81 -0.25 -29.34
N PRO B 134 2.04 -0.30 -29.83
CA PRO B 134 2.92 0.87 -29.80
C PRO B 134 2.73 1.87 -30.94
N ASP B 135 2.27 1.43 -32.10
CA ASP B 135 2.13 2.33 -33.24
C ASP B 135 0.95 1.87 -34.10
N TYR B 136 0.69 2.62 -35.18
CA TYR B 136 -0.52 2.38 -35.95
C TYR B 136 -0.41 1.16 -36.85
N ASN B 137 0.79 0.88 -37.38
CA ASN B 137 0.95 -0.30 -38.24
C ASN B 137 0.67 -1.58 -37.46
N THR B 138 1.15 -1.64 -36.22
CA THR B 138 0.85 -2.79 -35.38
C THR B 138 -0.64 -2.91 -35.11
N TYR B 139 -1.32 -1.78 -34.88
CA TYR B 139 -2.76 -1.82 -34.65
C TYR B 139 -3.50 -2.34 -35.89
N LYS B 140 -3.10 -1.87 -37.06
CA LYS B 140 -3.74 -2.34 -38.29
C LYS B 140 -3.49 -3.83 -38.50
N ASN B 141 -2.31 -4.31 -38.12
CA ASN B 141 -1.98 -5.72 -38.30
C ASN B 141 -2.77 -6.60 -37.33
N THR B 142 -2.82 -6.25 -36.05
CA THR B 142 -3.28 -7.24 -35.09
C THR B 142 -4.79 -7.17 -34.81
N CYS B 143 -5.37 -6.00 -34.60
CA CYS B 143 -6.76 -5.93 -34.17
C CYS B 143 -7.52 -4.81 -34.86
N ASP B 144 -7.30 -4.64 -36.16
CA ASP B 144 -8.11 -3.68 -36.89
C ASP B 144 -9.54 -4.19 -37.02
N GLY B 145 -10.49 -3.28 -36.92
CA GLY B 145 -11.89 -3.64 -36.88
C GLY B 145 -12.37 -3.85 -35.46
N THR B 146 -13.68 -4.05 -35.34
CA THR B 146 -14.30 -4.24 -34.03
C THR B 146 -14.17 -5.67 -33.51
N THR B 147 -13.78 -6.61 -34.36
CA THR B 147 -13.53 -7.98 -33.94
C THR B 147 -12.24 -8.46 -34.60
N PHE B 148 -11.51 -9.33 -33.89
CA PHE B 148 -10.26 -9.86 -34.41
C PHE B 148 -10.05 -11.25 -33.81
N THR B 149 -8.99 -11.91 -34.25
CA THR B 149 -8.69 -13.28 -33.86
C THR B 149 -7.34 -13.34 -33.17
N TYR B 150 -7.30 -13.94 -31.98
CA TYR B 150 -6.06 -14.20 -31.29
C TYR B 150 -6.25 -15.42 -30.42
N ALA B 151 -5.19 -16.22 -30.30
CA ALA B 151 -5.18 -17.43 -29.49
C ALA B 151 -6.26 -18.41 -29.94
N SER B 152 -6.49 -18.47 -31.26
CA SER B 152 -7.50 -19.34 -31.87
C SER B 152 -8.88 -19.07 -31.29
N ALA B 153 -9.17 -17.81 -31.00
CA ALA B 153 -10.44 -17.40 -30.44
C ALA B 153 -10.87 -16.11 -31.11
N LEU B 154 -12.11 -15.71 -30.88
CA LEU B 154 -12.67 -14.50 -31.45
C LEU B 154 -12.94 -13.51 -30.33
N TRP B 155 -12.41 -12.30 -30.49
CA TRP B 155 -12.55 -11.24 -29.50
C TRP B 155 -13.26 -10.06 -30.12
N GLU B 156 -14.09 -9.39 -29.32
CA GLU B 156 -14.78 -8.19 -29.77
C GLU B 156 -14.30 -7.01 -28.93
N ILE B 157 -13.90 -5.93 -29.61
CA ILE B 157 -13.37 -4.76 -28.93
C ILE B 157 -14.45 -4.15 -28.05
N GLN B 158 -14.17 -4.05 -26.75
CA GLN B 158 -15.10 -3.38 -25.85
C GLN B 158 -14.65 -1.98 -25.48
N GLN B 159 -13.35 -1.70 -25.54
CA GLN B 159 -12.87 -0.37 -25.19
C GLN B 159 -11.47 -0.19 -25.76
N VAL B 160 -11.11 1.06 -26.03
CA VAL B 160 -9.73 1.42 -26.35
C VAL B 160 -9.38 2.64 -25.54
N VAL B 161 -8.22 2.62 -24.89
CA VAL B 161 -7.71 3.79 -24.18
C VAL B 161 -6.29 4.06 -24.68
N ASP B 162 -5.81 5.26 -24.42
CA ASP B 162 -4.44 5.60 -24.75
C ASP B 162 -3.54 5.44 -23.53
N ALA B 163 -2.27 5.78 -23.69
CA ALA B 163 -1.34 5.75 -22.56
C ALA B 163 -1.76 6.67 -21.42
N ASP B 164 -2.59 7.68 -21.70
CA ASP B 164 -3.08 8.59 -20.67
C ASP B 164 -4.34 8.07 -19.99
N SER B 165 -4.78 6.85 -20.31
CA SER B 165 -6.02 6.26 -19.80
C SER B 165 -7.23 7.11 -20.19
N LYS B 166 -7.19 7.69 -21.39
CA LYS B 166 -8.33 8.39 -21.96
C LYS B 166 -8.93 7.54 -23.06
N ILE B 167 -10.27 7.60 -23.17
CA ILE B 167 -10.98 6.76 -24.12
C ILE B 167 -10.71 7.25 -25.54
N VAL B 168 -10.44 6.31 -26.44
CA VAL B 168 -10.21 6.58 -27.85
C VAL B 168 -11.27 5.84 -28.64
N GLN B 169 -11.87 6.50 -29.61
CA GLN B 169 -12.86 5.87 -30.47
C GLN B 169 -12.18 5.23 -31.67
N LEU B 170 -12.80 4.17 -32.19
CA LEU B 170 -12.18 3.42 -33.29
C LEU B 170 -12.07 4.23 -34.57
N SER B 171 -12.85 5.31 -34.71
CA SER B 171 -12.70 6.19 -35.86
C SER B 171 -11.50 7.11 -35.72
N GLU B 172 -11.02 7.34 -34.51
CA GLU B 172 -9.87 8.21 -34.29
C GLU B 172 -8.54 7.52 -34.54
N ILE B 173 -8.53 6.20 -34.67
CA ILE B 173 -7.29 5.45 -34.88
C ILE B 173 -7.14 5.31 -36.39
N SER B 174 -6.52 6.31 -37.01
CA SER B 174 -6.35 6.36 -38.45
C SER B 174 -4.89 6.60 -38.78
N MET B 175 -4.58 6.57 -40.08
CA MET B 175 -3.20 6.80 -40.52
C MET B 175 -2.81 8.26 -40.35
N ASP B 176 -3.77 9.18 -40.54
CA ASP B 176 -3.50 10.61 -40.40
C ASP B 176 -3.72 11.12 -38.99
N ASN B 177 -4.59 10.48 -38.23
CA ASN B 177 -4.83 10.84 -36.84
C ASN B 177 -3.88 10.13 -35.88
N SER B 178 -3.00 9.27 -36.40
CA SER B 178 -2.01 8.62 -35.57
C SER B 178 -1.08 9.57 -34.82
N PRO B 179 -0.57 10.66 -35.42
CA PRO B 179 0.29 11.58 -34.63
C PRO B 179 -0.42 12.22 -33.44
N ASN B 180 -1.74 12.33 -33.45
CA ASN B 180 -2.46 13.01 -32.39
C ASN B 180 -2.88 12.08 -31.26
N LEU B 181 -2.49 10.81 -31.31
CA LEU B 181 -2.85 9.83 -30.29
C LEU B 181 -1.65 9.54 -29.41
N ALA B 182 -1.90 9.45 -28.10
CA ALA B 182 -0.85 9.16 -27.13
C ALA B 182 -0.60 7.65 -27.12
N TRP B 183 0.24 7.21 -28.05
CA TRP B 183 0.64 5.82 -28.08
C TRP B 183 1.49 5.48 -26.85
N PRO B 184 1.45 4.23 -26.37
CA PRO B 184 0.69 3.08 -26.87
C PRO B 184 -0.80 3.12 -26.56
N LEU B 185 -1.57 2.40 -27.36
CA LEU B 185 -3.00 2.24 -27.13
C LEU B 185 -3.24 0.87 -26.50
N ILE B 186 -4.05 0.84 -25.46
CA ILE B 186 -4.42 -0.40 -24.79
C ILE B 186 -5.87 -0.67 -25.15
N VAL B 187 -6.10 -1.73 -25.91
CA VAL B 187 -7.44 -2.14 -26.31
C VAL B 187 -7.86 -3.29 -25.42
N THR B 188 -9.09 -3.21 -24.91
CA THR B 188 -9.67 -4.24 -24.08
C THR B 188 -10.80 -4.90 -24.85
N ALA B 189 -10.68 -6.21 -25.06
CA ALA B 189 -11.64 -7.00 -25.82
C ALA B 189 -12.15 -8.14 -24.95
N LEU B 190 -13.36 -8.60 -25.25
CA LEU B 190 -13.98 -9.69 -24.51
C LEU B 190 -14.13 -10.91 -25.43
N ARG B 191 -13.96 -12.10 -24.85
CA ARG B 191 -14.03 -13.31 -25.65
C ARG B 191 -15.44 -13.53 -26.16
N ALA B 192 -15.57 -13.77 -27.46
CA ALA B 192 -16.88 -13.93 -28.08
C ALA B 192 -17.29 -15.40 -28.14
N SER C 6 31.83 29.69 -18.44
CA SER C 6 30.88 28.59 -18.31
C SER C 6 29.54 28.95 -18.91
N LYS C 7 29.31 28.59 -20.16
CA LYS C 7 27.99 28.88 -20.65
C LYS C 7 27.44 27.56 -21.04
N MET C 8 28.23 26.81 -21.78
CA MET C 8 27.76 25.53 -22.23
C MET C 8 27.47 24.71 -21.03
N SER C 9 28.38 24.68 -20.08
CA SER C 9 28.16 23.86 -18.91
C SER C 9 26.97 24.36 -18.18
N ASP C 10 26.78 25.65 -18.23
CA ASP C 10 25.67 26.25 -17.54
C ASP C 10 24.31 25.88 -18.06
N VAL C 11 24.12 25.80 -19.37
CA VAL C 11 22.79 25.51 -19.89
C VAL C 11 22.31 24.17 -19.43
N LYS C 12 23.17 23.22 -19.51
CA LYS C 12 22.85 21.84 -19.11
C LYS C 12 22.27 21.77 -17.71
N CYS C 13 22.54 22.73 -16.84
CA CYS C 13 21.94 22.78 -15.53
C CYS C 13 20.59 23.48 -15.54
N THR C 14 20.44 24.49 -16.40
CA THR C 14 19.16 25.15 -16.56
C THR C 14 18.11 24.20 -17.11
N SER C 15 18.50 23.30 -18.00
CA SER C 15 17.55 22.32 -18.52
C SER C 15 17.13 21.34 -17.44
N VAL C 16 18.04 20.98 -16.55
CA VAL C 16 17.70 20.11 -15.42
C VAL C 16 16.67 20.78 -14.53
N VAL C 17 16.90 22.05 -14.19
CA VAL C 17 15.94 22.77 -13.36
C VAL C 17 14.62 22.94 -14.09
N LEU C 18 14.66 23.19 -15.40
CA LEU C 18 13.44 23.38 -16.17
C LEU C 18 12.60 22.11 -16.22
N LEU C 19 13.24 20.95 -16.41
CA LEU C 19 12.48 19.71 -16.40
C LEU C 19 11.98 19.36 -15.00
N SER C 20 12.72 19.74 -13.95
CA SER C 20 12.20 19.57 -12.61
C SER C 20 10.95 20.40 -12.39
N VAL C 21 10.95 21.64 -12.88
CA VAL C 21 9.77 22.50 -12.78
C VAL C 21 8.60 21.89 -13.55
N LEU C 22 8.87 21.40 -14.75
CA LEU C 22 7.80 20.78 -15.56
C LEU C 22 7.23 19.55 -14.88
N GLN C 23 8.10 18.72 -14.28
CA GLN C 23 7.62 17.56 -13.55
C GLN C 23 6.78 17.96 -12.35
N GLN C 24 7.17 19.04 -11.67
CA GLN C 24 6.36 19.55 -10.57
C GLN C 24 5.01 20.06 -11.05
N LEU C 25 4.94 20.55 -12.29
CA LEU C 25 3.68 21.04 -12.86
C LEU C 25 2.83 19.92 -13.47
N ARG C 26 3.14 18.66 -13.19
CA ARG C 26 2.39 17.51 -13.66
C ARG C 26 2.30 17.46 -15.19
N VAL C 27 3.38 17.88 -15.85
CA VAL C 27 3.54 17.60 -17.27
C VAL C 27 3.70 16.10 -17.50
N GLU C 28 4.15 15.39 -16.47
CA GLU C 28 4.35 13.95 -16.53
C GLU C 28 3.06 13.20 -16.82
N SER C 29 1.90 13.81 -16.57
CA SER C 29 0.63 13.12 -16.77
C SER C 29 0.30 12.98 -18.26
N SER C 30 0.67 13.97 -19.06
CA SER C 30 0.49 13.92 -20.51
C SER C 30 1.71 13.24 -21.10
N SER C 31 1.55 11.97 -21.50
CA SER C 31 2.70 11.17 -21.91
C SER C 31 3.31 11.68 -23.21
N LYS C 32 2.48 12.16 -24.13
CA LYS C 32 2.99 12.66 -25.40
C LYS C 32 3.85 13.91 -25.21
N LEU C 33 3.46 14.77 -24.26
CA LEU C 33 4.25 15.96 -23.98
C LEU C 33 5.47 15.63 -23.12
N TRP C 34 5.33 14.73 -22.16
CA TRP C 34 6.45 14.35 -21.32
C TRP C 34 7.54 13.63 -22.11
N ALA C 35 7.15 12.89 -23.15
CA ALA C 35 8.16 12.27 -24.01
C ALA C 35 8.99 13.32 -24.73
N GLN C 36 8.36 14.37 -25.25
CA GLN C 36 9.09 15.43 -25.93
C GLN C 36 9.98 16.19 -24.95
N CYS C 37 9.46 16.48 -23.75
CA CYS C 37 10.25 17.18 -22.75
C CYS C 37 11.47 16.36 -22.34
N VAL C 38 11.28 15.05 -22.14
CA VAL C 38 12.39 14.18 -21.78
C VAL C 38 13.40 14.10 -22.92
N GLN C 39 12.92 14.02 -24.16
CA GLN C 39 13.83 13.95 -25.30
C GLN C 39 14.68 15.22 -25.39
N LEU C 40 14.04 16.38 -25.23
CA LEU C 40 14.77 17.64 -25.29
C LEU C 40 15.76 17.77 -24.14
N HIS C 41 15.36 17.38 -22.94
CA HIS C 41 16.26 17.44 -21.78
C HIS C 41 17.47 16.54 -21.98
N ASN C 42 17.24 15.30 -22.42
CA ASN C 42 18.35 14.37 -22.62
C ASN C 42 19.23 14.78 -23.78
N ASP C 43 18.68 15.40 -24.82
CA ASP C 43 19.50 15.84 -25.93
C ASP C 43 20.27 17.13 -25.61
N ILE C 44 19.78 17.93 -24.66
CA ILE C 44 20.55 19.05 -24.16
C ILE C 44 21.71 18.54 -23.31
N LEU C 45 21.47 17.55 -22.46
CA LEU C 45 22.54 17.02 -21.62
C LEU C 45 23.63 16.35 -22.46
N LEU C 46 23.26 15.68 -23.53
CA LEU C 46 24.22 15.03 -24.42
C LEU C 46 24.54 15.93 -25.61
N ALA C 47 25.03 17.13 -25.34
CA ALA C 47 25.30 18.10 -26.39
C ALA C 47 26.75 18.54 -26.34
N LYS C 48 27.33 18.74 -27.52
CA LYS C 48 28.67 19.29 -27.65
C LYS C 48 28.68 20.72 -28.17
N ASP C 49 27.63 21.15 -28.85
CA ASP C 49 27.54 22.48 -29.44
C ASP C 49 26.59 23.33 -28.61
N THR C 50 26.94 24.60 -28.44
CA THR C 50 26.12 25.49 -27.62
C THR C 50 24.87 25.98 -28.35
N THR C 51 24.93 26.10 -29.67
CA THR C 51 23.78 26.59 -30.42
C THR C 51 22.64 25.58 -30.43
N GLU C 52 22.98 24.30 -30.62
CA GLU C 52 21.97 23.24 -30.56
C GLU C 52 21.30 23.19 -29.20
N ALA C 53 22.09 23.31 -28.13
CA ALA C 53 21.54 23.28 -26.79
C ALA C 53 20.63 24.47 -26.54
N PHE C 54 20.97 25.63 -27.10
CA PHE C 54 20.11 26.80 -26.90
C PHE C 54 18.82 26.69 -27.69
N GLU C 55 18.86 26.11 -28.89
CA GLU C 55 17.62 25.88 -29.63
C GLU C 55 16.72 24.89 -28.91
N LYS C 56 17.30 23.81 -28.39
CA LYS C 56 16.50 22.85 -27.64
C LYS C 56 16.02 23.44 -26.31
N MET C 57 16.76 24.38 -25.73
CA MET C 57 16.29 25.05 -24.54
C MET C 57 15.12 25.98 -24.85
N VAL C 58 15.13 26.62 -26.02
CA VAL C 58 13.97 27.41 -26.44
C VAL C 58 12.75 26.50 -26.59
N SER C 59 12.92 25.35 -27.24
CA SER C 59 11.81 24.42 -27.40
C SER C 59 11.31 23.89 -26.05
N LEU C 60 12.23 23.65 -25.11
CA LEU C 60 11.83 23.10 -23.82
C LEU C 60 11.19 24.15 -22.92
N LEU C 61 11.61 25.41 -23.04
CA LEU C 61 10.98 26.48 -22.28
C LEU C 61 9.63 26.85 -22.86
N SER C 62 9.41 26.60 -24.16
CA SER C 62 8.09 26.84 -24.74
C SER C 62 7.02 25.95 -24.13
N VAL C 63 7.40 24.79 -23.58
CA VAL C 63 6.43 23.95 -22.89
C VAL C 63 5.96 24.64 -21.61
N LEU C 64 6.90 25.23 -20.87
CA LEU C 64 6.54 25.96 -19.66
C LEU C 64 5.73 27.21 -19.99
N LEU C 65 6.08 27.90 -21.07
CA LEU C 65 5.40 29.14 -21.41
C LEU C 65 4.05 28.93 -22.06
N SER C 66 3.78 27.73 -22.60
CA SER C 66 2.51 27.50 -23.28
C SER C 66 1.37 27.30 -22.29
N MET C 67 1.64 26.70 -21.13
CA MET C 67 0.61 26.49 -20.12
C MET C 67 0.39 27.78 -19.34
N GLN C 68 -0.75 28.43 -19.60
CA GLN C 68 -0.99 29.76 -19.05
C GLN C 68 -1.26 29.72 -17.55
N GLY C 69 -2.08 28.78 -17.10
CA GLY C 69 -2.49 28.73 -15.71
C GLY C 69 -1.51 28.07 -14.77
N ALA C 70 -0.35 27.65 -15.25
CA ALA C 70 0.57 26.86 -14.43
C ALA C 70 1.44 27.74 -13.56
N VAL C 71 2.15 28.68 -14.17
CA VAL C 71 3.10 29.53 -13.45
C VAL C 71 2.74 30.99 -13.69
N ASP C 72 3.14 31.84 -12.74
CA ASP C 72 2.93 33.28 -12.84
C ASP C 72 4.22 33.89 -13.41
N ILE C 73 4.23 34.11 -14.72
CA ILE C 73 5.44 34.63 -15.37
C ILE C 73 5.74 36.05 -14.89
N ASN C 74 4.70 36.87 -14.73
CA ASN C 74 4.91 38.26 -14.34
C ASN C 74 5.50 38.35 -12.93
N LYS C 75 4.97 37.57 -11.99
CA LYS C 75 5.51 37.58 -10.64
C LYS C 75 6.92 37.00 -10.61
N LEU C 76 7.15 35.92 -11.34
CA LEU C 76 8.46 35.27 -11.36
C LEU C 76 9.52 36.17 -11.99
N CYS C 77 9.16 36.90 -13.04
CA CYS C 77 10.11 37.77 -13.73
C CYS C 77 10.21 39.15 -13.10
N GLU C 78 9.40 39.45 -12.09
CA GLU C 78 9.53 40.69 -11.34
C GLU C 78 10.33 40.51 -10.05
N GLU C 79 10.73 39.28 -9.73
CA GLU C 79 11.64 39.02 -8.63
C GLU C 79 13.10 39.17 -9.05
N MET C 80 13.35 39.49 -10.31
CA MET C 80 14.70 39.61 -10.83
C MET C 80 15.02 41.08 -11.15
N SER D 8 32.91 27.95 38.47
CA SER D 8 31.98 27.67 37.39
C SER D 8 30.55 27.96 37.81
N SER D 9 30.40 28.75 38.88
CA SER D 9 29.11 29.25 39.36
C SER D 9 28.13 28.12 39.67
N LEU D 10 28.57 27.17 40.47
CA LEU D 10 27.73 26.09 40.96
C LEU D 10 28.06 25.80 42.42
N PRO D 11 27.17 25.14 43.16
CA PRO D 11 27.43 24.94 44.61
C PRO D 11 28.64 24.07 44.92
N SER D 12 28.71 22.88 44.32
CA SER D 12 29.81 21.97 44.61
C SER D 12 31.15 22.57 44.21
N TYR D 13 31.16 23.42 43.17
CA TYR D 13 32.40 24.13 42.86
C TYR D 13 32.73 25.16 43.93
N ALA D 14 31.73 25.76 44.56
CA ALA D 14 32.01 26.65 45.68
C ALA D 14 32.68 25.89 46.82
N ALA D 15 32.16 24.71 47.15
CA ALA D 15 32.76 23.90 48.20
C ALA D 15 34.18 23.48 47.84
N PHE D 16 34.37 22.96 46.62
CA PHE D 16 35.69 22.52 46.18
C PHE D 16 36.67 23.70 46.11
N ALA D 17 36.21 24.86 45.66
CA ALA D 17 37.07 26.02 45.52
C ALA D 17 37.50 26.55 46.88
N THR D 18 36.58 26.59 47.86
CA THR D 18 37.00 27.05 49.18
C THR D 18 37.90 26.03 49.87
N ALA D 19 37.69 24.74 49.61
CA ALA D 19 38.62 23.74 50.14
C ALA D 19 39.99 23.86 49.50
N GLN D 20 40.04 24.12 48.20
CA GLN D 20 41.31 24.33 47.50
C GLN D 20 42.02 25.58 48.01
N GLU D 21 41.27 26.66 48.25
CA GLU D 21 41.87 27.87 48.79
C GLU D 21 42.39 27.65 50.22
N ALA D 22 41.64 26.92 51.04
CA ALA D 22 42.09 26.61 52.39
C ALA D 22 43.36 25.76 52.36
N TYR D 23 43.41 24.76 51.47
CA TYR D 23 44.61 23.94 51.35
C TYR D 23 45.78 24.74 50.79
N GLU D 24 45.51 25.69 49.89
CA GLU D 24 46.58 26.54 49.37
C GLU D 24 47.16 27.41 50.47
N GLN D 25 46.32 28.01 51.30
CA GLN D 25 46.81 28.80 52.43
C GLN D 25 47.57 27.91 53.42
N ALA D 26 47.04 26.71 53.70
CA ALA D 26 47.70 25.81 54.64
C ALA D 26 49.07 25.37 54.13
N VAL D 27 49.17 25.02 52.85
CA VAL D 27 50.46 24.63 52.29
C VAL D 27 51.39 25.82 52.13
N ALA D 28 50.85 27.03 52.02
CA ALA D 28 51.69 28.22 52.15
C ALA D 28 52.29 28.31 53.55
N ASN D 29 51.51 27.94 54.56
CA ASN D 29 52.07 27.78 55.90
C ASN D 29 52.83 26.45 56.00
N GLY D 30 52.10 25.33 55.89
CA GLY D 30 52.68 24.01 55.72
C GLY D 30 53.67 23.56 56.78
N ASP D 31 53.38 23.85 58.05
CA ASP D 31 54.34 23.49 59.09
C ASP D 31 54.52 21.98 59.21
N SER D 32 53.51 21.29 59.76
CA SER D 32 53.43 19.83 59.87
C SER D 32 52.16 19.47 60.64
N GLU D 33 51.69 18.23 60.47
CA GLU D 33 51.76 17.45 59.22
C GLU D 33 50.40 16.78 59.07
N VAL D 34 49.80 16.50 60.23
CA VAL D 34 48.53 15.78 60.28
C VAL D 34 47.40 16.66 59.75
N VAL D 35 47.42 17.96 60.10
CA VAL D 35 46.46 18.89 59.54
C VAL D 35 46.63 18.98 58.02
N LEU D 36 47.87 18.94 57.54
CA LEU D 36 48.11 19.00 56.10
C LEU D 36 47.54 17.78 55.39
N LYS D 37 47.76 16.58 55.94
CA LYS D 37 47.21 15.38 55.30
C LYS D 37 45.69 15.33 55.40
N LYS D 38 45.13 15.75 56.54
CA LYS D 38 43.68 15.80 56.68
C LYS D 38 43.07 16.79 55.70
N LEU D 39 43.76 17.92 55.46
CA LEU D 39 43.26 18.89 54.49
C LEU D 39 43.42 18.37 53.06
N LYS D 40 44.46 17.58 52.80
CA LYS D 40 44.56 16.91 51.51
C LYS D 40 43.39 15.97 51.28
N LYS D 41 43.03 15.21 52.32
CA LYS D 41 41.90 14.28 52.20
C LYS D 41 40.58 15.03 52.07
N SER D 42 40.43 16.15 52.78
CA SER D 42 39.22 16.96 52.66
C SER D 42 39.11 17.57 51.27
N LEU D 43 40.23 18.04 50.73
CA LEU D 43 40.25 18.54 49.35
C LEU D 43 39.84 17.44 48.38
N ASN D 44 40.36 16.23 48.56
CA ASN D 44 40.00 15.13 47.67
C ASN D 44 38.53 14.78 47.76
N VAL D 45 37.99 14.71 48.99
CA VAL D 45 36.59 14.30 49.14
C VAL D 45 35.64 15.37 48.64
N ALA D 46 36.01 16.65 48.77
CA ALA D 46 35.18 17.70 48.20
C ALA D 46 35.29 17.76 46.69
N LYS D 47 36.51 17.59 46.16
CA LYS D 47 36.73 17.58 44.72
C LYS D 47 35.97 16.44 44.05
N SER D 48 35.90 15.28 44.70
CA SER D 48 35.21 14.14 44.10
C SER D 48 33.72 14.41 43.95
N GLU D 49 33.09 15.00 44.98
CA GLU D 49 31.67 15.34 44.86
C GLU D 49 31.45 16.44 43.83
N PHE D 50 32.35 17.43 43.79
CA PHE D 50 32.25 18.45 42.76
C PHE D 50 32.40 17.85 41.38
N ASP D 51 33.27 16.84 41.23
CA ASP D 51 33.49 16.23 39.93
C ASP D 51 32.29 15.39 39.52
N ARG D 52 31.64 14.73 40.47
CA ARG D 52 30.41 14.02 40.16
C ARG D 52 29.32 14.98 39.72
N ASP D 53 29.19 16.12 40.41
CA ASP D 53 28.23 17.14 39.99
C ASP D 53 28.55 17.71 38.62
N ALA D 54 29.84 17.93 38.33
CA ALA D 54 30.23 18.43 37.02
C ALA D 54 29.98 17.38 35.93
N ALA D 55 30.26 16.11 36.17
CA ALA D 55 30.09 15.20 35.05
C ALA D 55 28.66 15.07 34.57
N MET D 56 27.75 14.97 35.51
CA MET D 56 26.37 14.78 35.15
C MET D 56 25.87 15.92 34.30
N GLN D 57 26.28 17.14 34.62
CA GLN D 57 25.80 18.27 33.85
C GLN D 57 26.25 18.15 32.40
N ARG D 58 27.49 17.76 32.19
CA ARG D 58 27.97 17.64 30.84
C ARG D 58 27.15 16.62 30.15
N LYS D 59 26.90 15.53 30.85
CA LYS D 59 26.14 14.47 30.23
C LYS D 59 24.77 14.92 29.79
N LEU D 60 24.06 15.64 30.66
CA LEU D 60 22.74 16.07 30.26
C LEU D 60 22.78 17.00 29.09
N GLU D 61 23.71 17.95 29.16
CA GLU D 61 23.82 18.99 28.15
C GLU D 61 24.20 18.42 26.79
N LYS D 62 24.94 17.32 26.76
CA LYS D 62 25.21 16.65 25.49
C LYS D 62 23.92 16.09 24.90
N MET D 63 23.07 15.48 25.73
CA MET D 63 21.79 15.02 25.22
C MET D 63 20.88 16.16 24.80
N ALA D 64 20.99 17.32 25.47
CA ALA D 64 20.26 18.50 25.02
C ALA D 64 20.69 18.92 23.62
N ASP D 65 22.01 18.93 23.37
CA ASP D 65 22.49 19.30 22.03
C ASP D 65 22.06 18.28 20.99
N GLN D 66 22.07 16.99 21.34
CA GLN D 66 21.54 15.96 20.46
C GLN D 66 20.11 16.28 20.05
N ALA D 67 19.26 16.57 21.06
CA ALA D 67 17.86 16.85 20.78
C ALA D 67 17.70 18.10 19.92
N MET D 68 18.45 19.17 20.23
CA MET D 68 18.35 20.40 19.47
C MET D 68 18.69 20.16 18.00
N THR D 69 19.82 19.50 17.75
CA THR D 69 20.25 19.25 16.37
C THR D 69 19.24 18.37 15.64
N GLN D 70 18.77 17.30 16.29
CA GLN D 70 17.84 16.39 15.62
C GLN D 70 16.53 17.07 15.28
N MET D 71 15.99 17.86 16.22
CA MET D 71 14.73 18.55 15.95
C MET D 71 14.90 19.60 14.86
N TYR D 72 16.02 20.32 14.84
CA TYR D 72 16.25 21.28 13.78
C TYR D 72 16.32 20.59 12.42
N LYS D 73 17.05 19.47 12.34
CA LYS D 73 17.14 18.76 11.07
C LYS D 73 15.76 18.29 10.61
N GLN D 74 14.97 17.73 11.52
CA GLN D 74 13.64 17.27 11.15
C GLN D 74 12.76 18.41 10.66
N ALA D 75 12.75 19.52 11.39
CA ALA D 75 11.89 20.65 11.04
C ALA D 75 12.29 21.25 9.70
N ARG D 76 13.59 21.46 9.50
CA ARG D 76 14.04 22.05 8.23
C ARG D 76 13.81 21.10 7.07
N SER D 77 14.04 19.80 7.26
CA SER D 77 13.82 18.86 6.17
C SER D 77 12.36 18.79 5.77
N GLU D 78 11.45 18.75 6.75
CA GLU D 78 10.03 18.69 6.40
C GLU D 78 9.57 20.01 5.79
N ASP D 79 10.16 21.09 6.28
CA ASP D 79 9.87 22.40 5.76
C ASP D 79 10.34 22.60 4.32
N LYS D 80 11.54 22.15 4.02
CA LYS D 80 12.08 22.37 2.68
C LYS D 80 11.24 21.73 1.62
N ARG D 81 10.76 20.54 1.90
CA ARG D 81 9.90 19.88 0.95
C ARG D 81 8.68 20.74 0.83
N ALA D 82 8.29 21.36 1.94
CA ALA D 82 7.09 22.18 1.96
C ALA D 82 7.11 23.38 1.01
N LYS D 83 8.24 24.05 0.86
CA LYS D 83 8.34 25.23 0.02
C LYS D 83 9.00 24.98 -1.31
N VAL D 84 9.08 23.74 -1.75
CA VAL D 84 9.75 23.44 -3.00
C VAL D 84 9.27 24.03 -4.32
N THR D 85 7.98 24.13 -4.56
CA THR D 85 7.54 24.59 -5.88
C THR D 85 7.99 26.02 -6.15
N SER D 86 7.68 26.93 -5.24
CA SER D 86 8.05 28.34 -5.43
C SER D 86 9.55 28.53 -5.42
N ALA D 87 10.27 27.79 -4.57
CA ALA D 87 11.72 27.89 -4.53
C ALA D 87 12.33 27.42 -5.84
N MET D 88 11.82 26.30 -6.39
CA MET D 88 12.33 25.80 -7.66
C MET D 88 12.02 26.74 -8.81
N GLN D 89 10.83 27.37 -8.78
CA GLN D 89 10.49 28.31 -9.85
C GLN D 89 11.34 29.57 -9.78
N THR D 90 11.58 30.09 -8.58
CA THR D 90 12.45 31.24 -8.43
C THR D 90 13.88 30.91 -8.85
N MET D 91 14.35 29.72 -8.48
CA MET D 91 15.69 29.29 -8.91
C MET D 91 15.76 29.18 -10.43
N LEU D 92 14.72 28.62 -11.05
CA LEU D 92 14.69 28.48 -12.50
C LEU D 92 14.77 29.83 -13.19
N PHE D 93 14.00 30.80 -12.72
CA PHE D 93 14.02 32.09 -13.40
C PHE D 93 15.28 32.89 -13.10
N THR D 94 15.88 32.69 -11.92
CA THR D 94 17.20 33.25 -11.67
C THR D 94 18.23 32.72 -12.65
N MET D 95 18.23 31.39 -12.86
CA MET D 95 19.18 30.79 -13.79
C MET D 95 18.89 31.22 -15.22
N LEU D 96 17.61 31.38 -15.57
CA LEU D 96 17.24 31.85 -16.89
C LEU D 96 17.74 33.26 -17.14
N ARG D 97 17.60 34.14 -16.14
CA ARG D 97 18.10 35.50 -16.29
C ARG D 97 19.62 35.53 -16.38
N LYS D 98 20.30 34.66 -15.64
CA LYS D 98 21.76 34.66 -15.66
C LYS D 98 22.33 34.23 -17.00
N LEU D 99 21.63 33.32 -17.71
CA LEU D 99 22.11 32.87 -19.01
C LEU D 99 22.17 34.03 -20.00
N ASP D 100 21.13 34.88 -20.00
CA ASP D 100 21.01 36.02 -20.90
C ASP D 100 21.21 35.62 -22.36
N ASN D 101 20.52 34.55 -22.76
CA ASN D 101 20.41 34.21 -24.16
C ASN D 101 19.35 35.09 -24.82
N ASP D 102 19.59 35.45 -26.08
CA ASP D 102 18.68 36.40 -26.73
C ASP D 102 17.36 35.76 -27.12
N ALA D 103 17.37 34.47 -27.45
CA ALA D 103 16.12 33.79 -27.77
C ALA D 103 15.28 33.54 -26.52
N LEU D 104 15.91 33.08 -25.45
CA LEU D 104 15.19 32.85 -24.20
C LEU D 104 14.63 34.15 -23.64
N ASN D 105 15.42 35.22 -23.69
CA ASN D 105 14.93 36.51 -23.24
C ASN D 105 13.77 36.98 -24.09
N ASN D 106 13.82 36.71 -25.40
CA ASN D 106 12.74 37.13 -26.29
C ASN D 106 11.45 36.40 -25.95
N ILE D 107 11.51 35.07 -25.80
CA ILE D 107 10.29 34.34 -25.52
C ILE D 107 9.76 34.67 -24.13
N ILE D 108 10.64 34.95 -23.17
CA ILE D 108 10.18 35.30 -21.83
C ILE D 108 9.53 36.68 -21.82
N ASN D 109 10.14 37.65 -22.51
CA ASN D 109 9.54 38.98 -22.58
C ASN D 109 8.21 38.96 -23.31
N ASN D 110 8.08 38.12 -24.34
CA ASN D 110 6.79 37.96 -24.99
C ASN D 110 5.78 37.28 -24.07
N ALA D 111 6.22 36.30 -23.28
CA ALA D 111 5.31 35.62 -22.37
C ALA D 111 4.78 36.57 -21.30
N ARG D 112 5.61 37.53 -20.86
CA ARG D 112 5.13 38.52 -19.92
C ARG D 112 4.01 39.36 -20.52
N ASP D 113 4.14 39.71 -21.81
CA ASP D 113 3.10 40.46 -22.48
C ASP D 113 1.87 39.62 -22.79
N GLY D 114 2.00 38.29 -22.76
CA GLY D 114 0.92 37.40 -23.11
C GLY D 114 1.00 36.79 -24.49
N CYS D 115 2.08 37.04 -25.22
CA CYS D 115 2.29 36.44 -26.55
C CYS D 115 2.98 35.09 -26.38
N VAL D 116 2.24 34.15 -25.80
CA VAL D 116 2.77 32.83 -25.49
C VAL D 116 2.52 31.88 -26.65
N PRO D 117 3.30 30.81 -26.80
CA PRO D 117 2.99 29.81 -27.83
C PRO D 117 1.89 28.88 -27.36
N LEU D 118 1.30 28.18 -28.32
CA LEU D 118 0.31 27.16 -28.04
C LEU D 118 0.87 25.75 -28.08
N ASN D 119 2.05 25.57 -28.66
CA ASN D 119 2.69 24.27 -28.74
C ASN D 119 4.19 24.45 -28.53
N ILE D 120 4.91 23.34 -28.53
CA ILE D 120 6.37 23.40 -28.38
C ILE D 120 6.97 24.09 -29.59
N ILE D 121 7.85 25.06 -29.35
CA ILE D 121 8.54 25.76 -30.42
C ILE D 121 9.39 24.74 -31.17
N PRO D 122 9.21 24.60 -32.49
CA PRO D 122 9.91 23.56 -33.22
C PRO D 122 11.28 23.98 -33.70
N LEU D 123 12.16 22.98 -33.85
CA LEU D 123 13.53 23.21 -34.28
C LEU D 123 13.75 22.88 -35.75
N THR D 124 12.99 21.94 -36.29
CA THR D 124 13.11 21.59 -37.70
C THR D 124 12.63 22.73 -38.58
N THR D 125 13.29 22.89 -39.72
CA THR D 125 12.91 23.92 -40.68
C THR D 125 11.57 23.59 -41.30
N ALA D 126 10.81 24.65 -41.62
CA ALA D 126 9.46 24.55 -42.18
C ALA D 126 8.56 23.71 -41.27
N ALA D 127 8.60 24.01 -39.98
CA ALA D 127 7.71 23.41 -39.00
C ALA D 127 6.79 24.47 -38.43
N LYS D 128 5.69 24.02 -37.85
CA LYS D 128 4.53 24.86 -37.55
C LYS D 128 4.55 25.36 -36.11
N LEU D 129 4.47 26.67 -35.94
CA LEU D 129 4.37 27.32 -34.64
C LEU D 129 3.06 28.07 -34.55
N MET D 130 2.30 27.82 -33.49
CA MET D 130 1.04 28.52 -33.23
C MET D 130 1.23 29.37 -31.98
N VAL D 131 1.01 30.68 -32.11
CA VAL D 131 1.29 31.61 -31.03
C VAL D 131 0.14 32.61 -30.94
N VAL D 132 -0.32 32.89 -29.72
CA VAL D 132 -1.46 33.78 -29.50
C VAL D 132 -0.94 35.19 -29.24
N ILE D 133 -1.44 36.16 -29.99
CA ILE D 133 -1.12 37.57 -29.87
C ILE D 133 -2.33 38.27 -29.28
N PRO D 134 -2.21 38.92 -28.11
CA PRO D 134 -3.39 39.45 -27.42
C PRO D 134 -3.75 40.91 -27.71
N ASP D 135 -2.93 41.64 -28.46
CA ASP D 135 -3.23 43.04 -28.74
C ASP D 135 -2.38 43.49 -29.91
N TYR D 136 -2.76 44.63 -30.49
CA TYR D 136 -2.04 45.18 -31.63
C TYR D 136 -0.62 45.58 -31.28
N ASN D 137 -0.34 45.90 -30.01
CA ASN D 137 1.01 46.24 -29.60
C ASN D 137 1.97 45.08 -29.83
N THR D 138 1.58 43.89 -29.38
CA THR D 138 2.45 42.73 -29.57
C THR D 138 2.55 42.31 -31.02
N TYR D 139 1.55 42.66 -31.84
CA TYR D 139 1.62 42.35 -33.27
C TYR D 139 2.55 43.31 -34.01
N LYS D 140 2.56 44.58 -33.61
CA LYS D 140 3.32 45.58 -34.38
C LYS D 140 4.82 45.32 -34.32
N ASN D 141 5.33 44.94 -33.14
CA ASN D 141 6.77 44.67 -33.02
C ASN D 141 7.15 43.36 -33.69
N THR D 142 6.38 42.30 -33.43
CA THR D 142 6.78 40.96 -33.87
C THR D 142 6.54 40.73 -35.35
N CYS D 143 5.43 41.23 -35.89
CA CYS D 143 5.03 40.94 -37.25
C CYS D 143 5.32 42.11 -38.16
N ASP D 144 6.22 41.91 -39.12
CA ASP D 144 6.53 42.89 -40.15
C ASP D 144 6.12 42.30 -41.49
N GLY D 145 5.06 42.83 -42.08
CA GLY D 145 4.52 42.26 -43.29
C GLY D 145 4.05 40.83 -43.04
N THR D 146 4.57 39.91 -43.85
CA THR D 146 4.28 38.50 -43.70
C THR D 146 5.32 37.77 -42.86
N THR D 147 6.27 38.50 -42.29
CA THR D 147 7.34 37.90 -41.51
C THR D 147 7.06 38.08 -40.02
N PHE D 148 7.48 37.10 -39.23
CA PHE D 148 7.19 37.05 -37.81
C PHE D 148 8.48 36.74 -37.07
N THR D 149 8.90 37.65 -36.20
CA THR D 149 10.14 37.48 -35.45
C THR D 149 9.81 36.94 -34.08
N TYR D 150 10.35 35.78 -33.75
CA TYR D 150 10.05 35.13 -32.48
C TYR D 150 11.15 34.13 -32.17
N ALA D 151 11.51 34.03 -30.90
CA ALA D 151 12.53 33.09 -30.43
C ALA D 151 13.86 33.31 -31.15
N SER D 152 14.16 34.58 -31.44
CA SER D 152 15.35 34.96 -32.20
C SER D 152 15.43 34.22 -33.53
N ALA D 153 14.28 34.10 -34.19
CA ALA D 153 14.20 33.40 -35.46
C ALA D 153 13.09 34.03 -36.29
N LEU D 154 13.19 33.85 -37.60
CA LEU D 154 12.25 34.42 -38.55
C LEU D 154 11.32 33.32 -39.05
N TRP D 155 10.01 33.60 -39.02
CA TRP D 155 8.97 32.66 -39.39
C TRP D 155 8.10 33.32 -40.45
N GLU D 156 7.52 32.51 -41.33
CA GLU D 156 6.61 33.00 -42.36
C GLU D 156 5.18 32.79 -41.90
N ILE D 157 4.43 33.89 -41.79
CA ILE D 157 3.06 33.81 -41.32
C ILE D 157 2.22 33.04 -42.32
N GLN D 158 1.48 32.05 -41.85
CA GLN D 158 0.62 31.25 -42.71
C GLN D 158 -0.86 31.56 -42.52
N GLN D 159 -1.31 31.66 -41.28
CA GLN D 159 -2.75 31.65 -41.03
C GLN D 159 -3.06 32.36 -39.72
N VAL D 160 -3.85 33.43 -39.78
CA VAL D 160 -4.25 34.18 -38.60
C VAL D 160 -5.73 33.93 -38.36
N VAL D 161 -6.08 33.53 -37.14
CA VAL D 161 -7.47 33.24 -36.77
C VAL D 161 -7.79 34.01 -35.50
N ASP D 162 -9.07 34.04 -35.16
CA ASP D 162 -9.55 34.64 -33.92
C ASP D 162 -10.02 33.54 -32.97
N ALA D 163 -10.59 33.95 -31.83
CA ALA D 163 -11.19 32.98 -30.91
C ALA D 163 -12.49 32.40 -31.46
N ASP D 164 -13.02 32.99 -32.53
CA ASP D 164 -14.11 32.39 -33.28
C ASP D 164 -13.60 31.46 -34.37
N SER D 165 -12.28 31.27 -34.45
CA SER D 165 -11.62 30.47 -35.48
C SER D 165 -11.85 31.01 -36.89
N LYS D 166 -12.24 32.28 -36.99
CA LYS D 166 -12.45 32.89 -38.29
C LYS D 166 -11.12 33.33 -38.89
N ILE D 167 -10.89 32.94 -40.15
CA ILE D 167 -9.67 33.36 -40.84
C ILE D 167 -9.72 34.85 -41.08
N VAL D 168 -8.66 35.55 -40.70
CA VAL D 168 -8.53 36.98 -40.92
C VAL D 168 -7.29 37.21 -41.77
N GLN D 169 -7.44 37.95 -42.86
CA GLN D 169 -6.31 38.26 -43.71
C GLN D 169 -5.36 39.23 -43.01
N LEU D 170 -4.10 39.19 -43.42
CA LEU D 170 -3.08 40.06 -42.83
C LEU D 170 -3.35 41.52 -43.13
N SER D 171 -4.18 41.82 -44.13
CA SER D 171 -4.54 43.20 -44.44
C SER D 171 -5.54 43.79 -43.45
N GLU D 172 -6.25 42.95 -42.71
CA GLU D 172 -7.28 43.42 -41.78
C GLU D 172 -6.73 43.80 -40.42
N ILE D 173 -5.44 43.57 -40.16
CA ILE D 173 -4.82 43.93 -38.88
C ILE D 173 -4.28 45.34 -39.02
N SER D 174 -4.94 46.29 -38.36
CA SER D 174 -4.56 47.69 -38.46
C SER D 174 -5.10 48.43 -37.24
N MET D 175 -4.77 49.72 -37.16
CA MET D 175 -5.16 50.52 -36.00
C MET D 175 -6.67 50.74 -35.93
N ASP D 176 -7.38 50.56 -37.05
CA ASP D 176 -8.79 50.92 -37.10
C ASP D 176 -9.74 49.72 -37.15
N ASN D 177 -9.37 48.66 -37.88
CA ASN D 177 -10.27 47.52 -38.04
C ASN D 177 -10.14 46.49 -36.92
N SER D 178 -8.91 46.25 -36.44
CA SER D 178 -8.72 45.34 -35.31
C SER D 178 -9.48 45.72 -34.05
N PRO D 179 -9.63 47.04 -33.65
CA PRO D 179 -10.42 47.36 -32.45
C PRO D 179 -11.86 46.87 -32.49
N ASN D 180 -12.29 46.34 -33.63
CA ASN D 180 -13.55 45.63 -33.75
C ASN D 180 -13.39 44.12 -33.89
N LEU D 181 -12.15 43.63 -33.92
CA LEU D 181 -11.93 42.22 -34.19
C LEU D 181 -12.12 41.39 -32.92
N ALA D 182 -12.00 40.07 -33.07
CA ALA D 182 -12.12 39.15 -31.94
C ALA D 182 -10.74 38.76 -31.42
N TRP D 183 -10.06 39.74 -30.83
CA TRP D 183 -8.80 39.49 -30.16
C TRP D 183 -9.02 38.51 -29.00
N PRO D 184 -8.00 37.72 -28.65
CA PRO D 184 -6.64 37.64 -29.18
C PRO D 184 -6.54 36.84 -30.48
N LEU D 185 -5.71 37.31 -31.41
CA LEU D 185 -5.44 36.53 -32.60
C LEU D 185 -4.58 35.32 -32.26
N ILE D 186 -4.64 34.32 -33.12
CA ILE D 186 -3.75 33.17 -33.06
C ILE D 186 -3.09 33.05 -34.43
N VAL D 187 -1.76 33.13 -34.45
CA VAL D 187 -0.99 33.14 -35.68
C VAL D 187 -0.29 31.80 -35.80
N THR D 188 -0.49 31.14 -36.94
CA THR D 188 0.22 29.93 -37.31
C THR D 188 1.24 30.29 -38.37
N ALA D 189 2.50 29.96 -38.10
CA ALA D 189 3.61 30.30 -38.97
C ALA D 189 4.52 29.09 -39.16
N LEU D 190 5.42 29.19 -40.12
CA LEU D 190 6.36 28.13 -40.44
C LEU D 190 7.79 28.63 -40.31
N ARG D 191 8.66 27.79 -39.75
CA ARG D 191 10.03 28.20 -39.51
C ARG D 191 10.78 28.42 -40.83
N ALA D 192 11.31 29.62 -41.00
CA ALA D 192 12.04 29.96 -42.21
C ALA D 192 13.53 30.12 -41.93
N ALA E 5 5.87 23.45 11.52
CA ALA E 5 6.93 24.13 10.80
C ALA E 5 7.52 25.23 11.66
N VAL E 6 8.57 25.86 11.16
CA VAL E 6 9.18 26.94 11.90
C VAL E 6 8.23 28.09 11.65
N GLY E 7 7.89 28.86 12.67
CA GLY E 7 6.97 29.95 12.43
C GLY E 7 7.31 31.13 13.30
N ALA E 8 6.36 32.05 13.38
CA ALA E 8 6.54 33.31 14.10
C ALA E 8 5.49 33.43 15.20
N CYS E 9 5.94 33.81 16.40
CA CYS E 9 5.03 33.96 17.53
C CYS E 9 3.98 35.00 17.23
N VAL E 10 2.76 34.77 17.72
CA VAL E 10 1.65 35.65 17.33
C VAL E 10 1.79 37.02 17.97
N LEU E 11 2.17 37.07 19.24
CA LEU E 11 2.14 38.34 19.96
C LEU E 11 3.49 39.02 20.09
N CYS E 12 4.56 38.43 19.57
CA CYS E 12 5.85 39.13 19.55
C CYS E 12 6.60 38.97 18.23
N ASN E 13 6.16 38.11 17.33
CA ASN E 13 6.80 37.88 16.03
C ASN E 13 8.28 37.55 16.16
N SER E 14 8.62 36.79 17.20
CA SER E 14 9.92 36.16 17.29
C SER E 14 9.86 34.84 16.53
N GLN E 15 10.99 34.15 16.42
CA GLN E 15 11.01 32.84 15.79
C GLN E 15 10.58 31.79 16.81
N THR E 16 9.91 30.75 16.33
CA THR E 16 9.39 29.74 17.24
C THR E 16 9.13 28.45 16.47
N SER E 17 8.87 27.40 17.24
CA SER E 17 8.46 26.12 16.66
C SER E 17 7.37 25.47 17.48
N LEU E 18 6.78 26.19 18.43
CA LEU E 18 5.76 25.64 19.31
C LEU E 18 4.39 26.15 18.87
N ARG E 19 3.38 25.36 19.18
CA ARG E 19 1.99 25.74 18.97
C ARG E 19 1.19 25.27 20.17
N CYS E 20 0.06 25.92 20.41
CA CYS E 20 -0.82 25.51 21.49
C CYS E 20 -1.83 24.51 20.95
N GLY E 21 -1.81 23.29 21.49
CA GLY E 21 -2.70 22.26 21.00
C GLY E 21 -4.15 22.52 21.33
N ALA E 22 -4.42 23.03 22.53
CA ALA E 22 -5.80 23.21 22.98
C ALA E 22 -6.50 24.33 22.22
N CYS E 23 -5.76 25.34 21.77
CA CYS E 23 -6.37 26.43 21.01
C CYS E 23 -6.92 25.92 19.69
N ILE E 24 -8.06 26.46 19.29
CA ILE E 24 -8.73 25.99 18.08
C ILE E 24 -7.89 26.27 16.85
N ARG E 25 -7.23 27.43 16.81
CA ARG E 25 -6.47 27.81 15.64
C ARG E 25 -5.03 27.32 15.65
N ARG E 26 -4.56 26.76 16.77
CA ARG E 26 -3.20 26.26 16.93
C ARG E 26 -2.18 27.32 16.52
N PRO E 27 -2.01 28.39 17.29
CA PRO E 27 -1.11 29.46 16.89
C PRO E 27 0.31 29.23 17.33
N PHE E 28 1.25 29.71 16.52
CA PHE E 28 2.65 29.64 16.90
C PHE E 28 2.91 30.50 18.12
N LEU E 29 3.80 30.04 18.99
CA LEU E 29 4.13 30.77 20.20
C LEU E 29 5.60 30.57 20.51
N CYS E 30 6.29 31.67 20.82
CA CYS E 30 7.69 31.58 21.21
C CYS E 30 7.80 30.97 22.61
N CYS E 31 9.04 30.74 23.05
CA CYS E 31 9.24 30.03 24.30
C CYS E 31 8.68 30.80 25.50
N LYS E 32 9.06 32.07 25.64
CA LYS E 32 8.58 32.86 26.76
C LYS E 32 7.06 33.03 26.72
N CYS E 33 6.53 33.36 25.54
CA CYS E 33 5.09 33.56 25.43
C CYS E 33 4.32 32.26 25.64
N CYS E 34 4.85 31.14 25.17
CA CYS E 34 4.19 29.86 25.42
C CYS E 34 4.20 29.49 26.89
N TYR E 35 5.29 29.73 27.60
CA TYR E 35 5.29 29.49 29.03
C TYR E 35 4.29 30.37 29.75
N ASP E 36 4.23 31.65 29.40
CA ASP E 36 3.27 32.55 30.02
C ASP E 36 1.83 32.11 29.74
N HIS E 37 1.56 31.61 28.54
CA HIS E 37 0.20 31.20 28.23
C HIS E 37 -0.18 29.89 28.91
N VAL E 38 0.72 28.92 28.97
CA VAL E 38 0.32 27.62 29.51
C VAL E 38 0.35 27.60 31.03
N ILE E 39 1.27 28.33 31.67
CA ILE E 39 1.34 28.24 33.13
C ILE E 39 0.22 28.98 33.82
N SER E 40 -0.56 29.78 33.10
CA SER E 40 -1.60 30.59 33.71
C SER E 40 -3.01 30.14 33.32
N THR E 41 -3.22 29.65 32.12
CA THR E 41 -4.54 29.24 31.68
C THR E 41 -4.70 27.73 31.89
N SER E 42 -5.79 27.19 31.35
CA SER E 42 -6.07 25.76 31.41
C SER E 42 -5.52 25.00 30.22
N HIS E 43 -4.92 25.69 29.25
CA HIS E 43 -4.31 25.02 28.11
C HIS E 43 -3.00 24.41 28.55
N LYS E 44 -2.85 23.09 28.34
CA LYS E 44 -1.67 22.37 28.76
C LYS E 44 -1.19 21.38 27.71
N LEU E 45 -1.34 21.71 26.43
CA LEU E 45 -0.86 20.86 25.35
C LEU E 45 -0.10 21.70 24.35
N VAL E 46 1.16 21.33 24.09
CA VAL E 46 2.05 22.11 23.23
C VAL E 46 2.58 21.19 22.14
N LEU E 47 2.41 21.60 20.90
CA LEU E 47 2.86 20.83 19.75
C LEU E 47 4.13 21.46 19.20
N SER E 48 5.23 20.73 19.27
CA SER E 48 6.44 21.07 18.53
C SER E 48 6.37 20.37 17.19
N VAL E 49 7.50 20.25 16.50
CA VAL E 49 7.57 19.42 15.29
C VAL E 49 7.04 18.03 15.59
N ASN E 50 7.34 17.50 16.78
CA ASN E 50 6.61 16.37 17.32
C ASN E 50 5.75 16.84 18.49
N PRO E 51 4.55 16.29 18.65
CA PRO E 51 3.72 16.67 19.80
C PRO E 51 4.39 16.24 21.11
N TYR E 52 4.03 16.95 22.19
CA TYR E 52 4.71 16.77 23.46
C TYR E 52 4.04 15.75 24.37
N VAL E 53 3.39 14.73 23.80
CA VAL E 53 2.86 13.66 24.63
C VAL E 53 4.03 12.79 25.10
N CYS E 54 3.77 11.91 26.07
CA CYS E 54 4.82 11.08 26.63
C CYS E 54 4.97 9.81 25.81
N ASN E 55 6.20 9.47 25.46
CA ASN E 55 6.45 8.35 24.54
C ASN E 55 6.75 7.06 25.27
N ALA E 56 5.91 6.69 26.24
CA ALA E 56 6.01 5.36 26.83
C ALA E 56 5.41 4.34 25.87
N PRO E 57 5.47 3.03 26.19
CA PRO E 57 4.69 2.06 25.41
C PRO E 57 3.23 2.46 25.25
N GLY E 58 2.54 2.63 26.38
CA GLY E 58 1.30 3.38 26.41
C GLY E 58 1.26 4.33 27.57
N CYS E 59 1.27 5.63 27.30
CA CYS E 59 1.05 6.63 28.34
C CYS E 59 0.45 7.86 27.70
N ASP E 60 -0.42 8.54 28.44
CA ASP E 60 -1.13 9.73 27.98
C ASP E 60 -0.94 10.83 29.02
N VAL E 61 0.17 11.54 28.90
CA VAL E 61 0.42 12.75 29.68
C VAL E 61 0.67 13.88 28.69
N THR E 62 -0.06 14.97 28.83
CA THR E 62 0.09 16.12 27.95
C THR E 62 0.51 17.39 28.66
N ASP E 63 0.19 17.54 29.94
CA ASP E 63 0.57 18.72 30.70
C ASP E 63 2.08 18.90 30.64
N VAL E 64 2.52 20.09 30.27
CA VAL E 64 3.91 20.28 29.87
C VAL E 64 4.84 20.41 31.08
N THR E 65 4.33 20.81 32.23
CA THR E 65 5.20 20.83 33.39
C THR E 65 5.46 19.45 33.95
N GLN E 66 4.67 18.45 33.56
CA GLN E 66 4.89 17.07 33.98
C GLN E 66 5.98 16.38 33.19
N LEU E 67 6.29 16.88 32.00
CA LEU E 67 7.11 16.14 31.06
C LEU E 67 8.58 16.50 31.18
N TYR E 68 9.41 15.69 30.54
CA TYR E 68 10.83 15.90 30.42
C TYR E 68 11.23 15.50 29.01
N LEU E 69 12.34 16.04 28.54
CA LEU E 69 12.97 15.58 27.31
C LEU E 69 14.03 14.58 27.70
N GLY E 70 13.73 13.30 27.56
CA GLY E 70 14.64 12.26 28.02
C GLY E 70 15.06 11.40 26.86
N GLY E 71 16.33 11.01 26.88
CA GLY E 71 16.87 10.21 25.80
C GLY E 71 16.73 10.95 24.49
N MET E 72 15.78 10.50 23.66
CA MET E 72 15.55 11.16 22.38
C MET E 72 14.07 11.51 22.17
N SER E 73 13.27 11.53 23.24
CA SER E 73 11.88 11.89 23.06
C SER E 73 11.31 12.43 24.36
N TYR E 74 10.06 12.85 24.30
CA TYR E 74 9.40 13.48 25.42
C TYR E 74 8.74 12.40 26.27
N TYR E 75 9.11 12.34 27.55
CA TYR E 75 8.66 11.30 28.45
C TYR E 75 8.14 11.91 29.74
N CYS E 76 7.17 11.25 30.36
CA CYS E 76 6.51 11.78 31.54
C CYS E 76 7.39 11.55 32.78
N LYS E 77 6.80 11.75 33.96
CA LYS E 77 7.57 11.78 35.20
C LYS E 77 8.19 10.42 35.55
N SER E 78 7.44 9.34 35.39
CA SER E 78 7.89 8.00 35.76
C SER E 78 8.02 7.09 34.56
N HIS E 79 8.14 7.66 33.38
CA HIS E 79 8.52 6.92 32.20
C HIS E 79 9.82 7.45 31.61
N LYS E 80 10.38 8.52 32.16
CA LYS E 80 11.52 9.17 31.56
C LYS E 80 12.74 8.26 31.59
N PRO E 81 13.62 8.39 30.60
CA PRO E 81 14.97 7.86 30.73
C PRO E 81 15.66 8.51 31.91
N PRO E 82 16.54 7.80 32.61
CA PRO E 82 16.98 8.26 33.93
C PRO E 82 17.65 9.62 33.85
N ILE E 83 18.20 9.91 32.68
CA ILE E 83 18.74 11.22 32.35
C ILE E 83 17.58 12.09 31.89
N SER E 84 17.43 13.26 32.52
CA SER E 84 16.30 14.15 32.34
C SER E 84 16.53 14.96 31.04
N PHE E 85 15.88 16.11 30.76
CA PHE E 85 15.69 17.31 31.60
C PHE E 85 14.32 17.98 31.43
N PRO E 86 13.89 18.76 32.43
CA PRO E 86 12.52 19.32 32.39
C PRO E 86 12.26 20.16 31.15
N LEU E 87 11.06 20.03 30.61
CA LEU E 87 10.68 20.81 29.43
C LEU E 87 10.25 22.20 29.83
N CYS E 88 9.19 22.30 30.63
CA CYS E 88 8.56 23.57 30.97
C CYS E 88 9.19 24.08 32.26
N ALA E 89 10.23 24.89 32.13
CA ALA E 89 10.98 25.34 33.30
C ALA E 89 11.87 26.52 32.89
N ASN E 90 12.54 27.09 33.89
CA ASN E 90 13.44 28.23 33.70
C ASN E 90 12.72 29.40 33.05
N GLY E 91 11.45 29.57 33.40
CA GLY E 91 10.66 30.63 32.82
C GLY E 91 10.33 30.46 31.35
N GLN E 92 10.66 29.31 30.76
CA GLN E 92 10.42 29.09 29.34
C GLN E 92 9.81 27.71 29.13
N VAL E 93 9.46 27.43 27.89
CA VAL E 93 9.11 26.10 27.42
C VAL E 93 10.09 25.73 26.33
N PHE E 94 10.74 24.58 26.49
CA PHE E 94 11.82 24.19 25.59
C PHE E 94 11.30 23.98 24.17
N GLY E 95 11.86 24.72 23.22
CA GLY E 95 11.54 24.58 21.82
C GLY E 95 12.70 25.07 20.99
N LEU E 96 12.50 25.10 19.68
CA LEU E 96 13.54 25.62 18.80
C LEU E 96 13.64 27.14 18.97
N TYR E 97 14.81 27.67 18.62
CA TYR E 97 15.13 29.09 18.76
C TYR E 97 14.92 29.56 20.20
N LYS E 98 15.41 28.74 21.13
CA LYS E 98 15.08 28.93 22.54
C LYS E 98 15.64 30.23 23.09
N ASN E 99 16.88 30.58 22.74
CA ASN E 99 17.54 31.74 23.33
C ASN E 99 17.44 32.98 22.44
N THR E 100 16.35 33.11 21.68
CA THR E 100 16.10 34.32 20.90
C THR E 100 14.65 34.77 21.04
N CYS E 101 13.90 34.18 21.98
CA CYS E 101 12.47 34.42 22.11
C CYS E 101 12.23 35.51 23.15
N VAL E 102 11.85 36.69 22.67
CA VAL E 102 11.54 37.79 23.55
C VAL E 102 10.18 38.36 23.13
N GLY E 103 9.26 38.46 24.08
CA GLY E 103 7.92 38.97 23.82
C GLY E 103 7.57 40.21 24.61
N SER E 104 6.32 40.29 25.03
CA SER E 104 5.83 41.42 25.81
C SER E 104 4.63 40.95 26.62
N ASP E 105 4.17 41.75 27.58
CA ASP E 105 3.05 41.29 28.40
C ASP E 105 1.76 40.99 27.63
N ASN E 106 1.34 41.86 26.72
CA ASN E 106 0.10 41.48 26.08
C ASN E 106 -0.26 40.02 26.32
N VAL E 107 0.31 39.40 27.35
CA VAL E 107 -0.08 38.05 27.73
C VAL E 107 -1.15 38.15 28.79
N THR E 108 -1.73 39.34 28.93
CA THR E 108 -2.95 39.52 29.72
C THR E 108 -4.18 39.70 28.86
N ASP E 109 -4.03 40.24 27.65
CA ASP E 109 -5.13 40.29 26.70
C ASP E 109 -5.21 39.01 25.88
N PHE E 110 -4.08 38.36 25.63
CA PHE E 110 -4.10 37.13 24.86
C PHE E 110 -4.74 35.99 25.64
N ASN E 111 -4.59 35.98 26.97
CA ASN E 111 -5.30 34.99 27.78
C ASN E 111 -6.80 35.16 27.63
N ALA E 112 -7.28 36.40 27.69
CA ALA E 112 -8.70 36.65 27.53
C ALA E 112 -9.18 36.30 26.14
N ILE E 113 -8.39 36.61 25.11
CA ILE E 113 -8.80 36.29 23.75
C ILE E 113 -8.88 34.78 23.55
N ALA E 114 -7.89 34.04 24.04
CA ALA E 114 -7.87 32.60 23.85
C ALA E 114 -8.97 31.92 24.66
N THR E 115 -9.19 32.37 25.89
CA THR E 115 -10.12 31.70 26.79
C THR E 115 -11.59 31.97 26.43
N CYS E 116 -11.90 33.20 26.02
CA CYS E 116 -13.28 33.62 25.90
C CYS E 116 -14.03 32.83 24.82
N ASP E 117 -15.31 32.59 25.08
CA ASP E 117 -16.17 31.82 24.20
C ASP E 117 -16.98 32.68 23.25
N TRP E 118 -16.73 34.00 23.23
CA TRP E 118 -17.43 34.94 22.36
C TRP E 118 -18.93 34.93 22.62
N THR E 119 -19.32 34.68 23.86
CA THR E 119 -20.72 34.76 24.26
C THR E 119 -21.10 36.14 24.75
N ASN E 120 -20.28 36.74 25.61
CA ASN E 120 -20.56 38.08 26.11
C ASN E 120 -20.32 39.11 25.01
N ALA E 121 -20.51 40.38 25.36
CA ALA E 121 -20.25 41.46 24.43
C ALA E 121 -18.87 42.05 24.60
N GLY E 122 -18.32 42.02 25.81
CA GLY E 122 -17.00 42.59 26.06
C GLY E 122 -15.88 41.88 25.33
N ASP E 123 -16.09 40.62 24.95
CA ASP E 123 -15.06 39.91 24.19
C ASP E 123 -14.82 40.57 22.85
N TYR E 124 -15.86 41.13 22.24
CA TYR E 124 -15.67 41.81 20.97
C TYR E 124 -15.01 43.17 21.16
N ILE E 125 -15.35 43.88 22.24
CA ILE E 125 -14.72 45.17 22.49
C ILE E 125 -13.30 45.04 22.99
N LEU E 126 -12.87 43.84 23.38
CA LEU E 126 -11.45 43.60 23.61
C LEU E 126 -10.77 42.97 22.42
N ALA E 127 -11.53 42.36 21.51
CA ALA E 127 -10.99 41.78 20.29
C ALA E 127 -10.82 42.80 19.17
N ASN E 128 -11.15 44.06 19.43
CA ASN E 128 -11.08 45.09 18.41
C ASN E 128 -10.37 46.36 18.86
N THR E 129 -9.95 46.45 20.11
CA THR E 129 -9.16 47.58 20.58
C THR E 129 -7.78 47.16 21.06
N CYS E 130 -7.34 45.96 20.70
CA CYS E 130 -6.04 45.45 21.10
C CYS E 130 -5.00 45.81 20.06
N THR E 131 -3.82 45.18 20.14
CA THR E 131 -2.75 45.44 19.20
C THR E 131 -3.08 44.81 17.84
N GLU E 132 -2.23 45.11 16.86
CA GLU E 132 -2.57 44.77 15.47
C GLU E 132 -2.50 43.28 15.20
N ARG E 133 -1.53 42.57 15.80
CA ARG E 133 -1.47 41.12 15.61
C ARG E 133 -2.62 40.42 16.32
N LEU E 134 -3.00 40.89 17.51
CA LEU E 134 -4.15 40.33 18.17
C LEU E 134 -5.45 40.64 17.45
N LYS E 135 -5.53 41.75 16.72
CA LYS E 135 -6.71 42.00 15.90
C LYS E 135 -6.89 40.93 14.84
N LEU E 136 -5.79 40.35 14.36
CA LEU E 136 -5.90 39.27 13.39
C LEU E 136 -6.16 37.93 14.07
N PHE E 137 -5.47 37.67 15.18
CA PHE E 137 -5.66 36.39 15.86
C PHE E 137 -7.08 36.27 16.41
N ALA E 138 -7.62 37.35 16.95
CA ALA E 138 -8.97 37.30 17.51
C ALA E 138 -10.01 37.08 16.43
N ALA E 139 -9.84 37.71 15.27
CA ALA E 139 -10.73 37.45 14.16
C ALA E 139 -10.63 36.01 13.70
N GLU E 140 -9.41 35.47 13.65
CA GLU E 140 -9.24 34.09 13.24
C GLU E 140 -9.92 33.12 14.20
N THR E 141 -9.72 33.31 15.50
CA THR E 141 -10.34 32.39 16.46
C THR E 141 -11.84 32.60 16.55
N LEU E 142 -12.32 33.82 16.27
CA LEU E 142 -13.76 34.05 16.25
C LEU E 142 -14.41 33.31 15.09
N LYS E 143 -13.80 33.37 13.91
CA LYS E 143 -14.31 32.59 12.79
C LYS E 143 -14.26 31.10 13.09
N ALA E 144 -13.17 30.64 13.72
CA ALA E 144 -13.06 29.23 14.06
C ALA E 144 -14.15 28.80 15.03
N THR E 145 -14.44 29.62 16.03
CA THR E 145 -15.50 29.27 16.98
C THR E 145 -16.88 29.31 16.31
N GLU E 146 -17.10 30.29 15.42
CA GLU E 146 -18.36 30.34 14.70
C GLU E 146 -18.55 29.10 13.83
N GLU E 147 -17.46 28.57 13.28
CA GLU E 147 -17.54 27.34 12.50
C GLU E 147 -17.80 26.13 13.41
N THR E 148 -17.07 26.03 14.52
CA THR E 148 -17.22 24.87 15.40
C THR E 148 -18.52 24.88 16.18
N PHE E 149 -19.24 26.00 16.18
CA PHE E 149 -20.57 25.97 16.79
C PHE E 149 -21.54 25.13 15.98
N LYS E 150 -21.33 25.03 14.67
CA LYS E 150 -22.20 24.22 13.83
C LYS E 150 -22.08 22.73 14.13
N LEU E 151 -21.01 22.31 14.79
CA LEU E 151 -20.83 20.91 15.14
C LEU E 151 -21.81 20.45 16.22
N SER E 152 -22.53 21.37 16.87
CA SER E 152 -23.46 21.02 17.93
C SER E 152 -24.90 20.96 17.43
N TYR E 153 -25.08 21.04 16.12
CA TYR E 153 -26.41 20.99 15.48
C TYR E 153 -27.00 19.59 15.32
N GLY E 154 -28.29 19.52 14.99
CA GLY E 154 -29.00 18.26 14.78
C GLY E 154 -29.16 17.95 13.29
N ILE E 155 -28.83 16.72 12.90
CA ILE E 155 -28.89 16.29 11.48
C ILE E 155 -30.27 15.77 11.16
N ALA E 156 -30.77 16.03 9.96
CA ALA E 156 -32.14 15.71 9.62
C ALA E 156 -32.39 14.28 9.11
N THR E 157 -33.61 14.07 8.64
CA THR E 157 -34.00 12.93 7.81
C THR E 157 -35.37 13.25 7.21
N VAL E 158 -35.84 12.39 6.32
CA VAL E 158 -37.11 12.59 5.63
C VAL E 158 -38.15 11.66 6.25
N ARG E 159 -39.33 12.22 6.55
CA ARG E 159 -40.43 11.40 7.03
C ARG E 159 -41.02 10.57 5.90
N GLU E 160 -41.57 11.23 4.89
CA GLU E 160 -42.05 10.64 3.65
C GLU E 160 -42.25 11.76 2.63
N VAL E 161 -42.83 11.43 1.48
CA VAL E 161 -43.15 12.43 0.45
C VAL E 161 -44.54 12.12 -0.09
N LEU E 162 -45.52 12.89 0.34
CA LEU E 162 -46.82 12.95 -0.34
C LEU E 162 -46.73 13.89 -1.54
N SER E 163 -46.12 15.05 -1.34
CA SER E 163 -45.88 16.02 -2.39
C SER E 163 -44.38 16.18 -2.60
N ASP E 164 -43.96 16.00 -3.85
CA ASP E 164 -42.56 16.10 -4.21
C ASP E 164 -42.06 17.54 -4.27
N ARG E 165 -42.95 18.53 -4.20
CA ARG E 165 -42.54 19.92 -4.13
C ARG E 165 -42.29 20.38 -2.71
N GLU E 166 -42.84 19.66 -1.73
CA GLU E 166 -42.69 19.98 -0.31
C GLU E 166 -42.17 18.75 0.42
N LEU E 167 -40.90 18.77 0.78
CA LEU E 167 -40.35 17.67 1.56
C LEU E 167 -40.99 17.62 2.94
N HIS E 168 -41.01 16.44 3.52
CA HIS E 168 -41.32 16.27 4.93
C HIS E 168 -40.01 16.20 5.70
N LEU E 169 -40.00 16.77 6.89
CA LEU E 169 -38.79 16.87 7.70
C LEU E 169 -38.92 16.03 8.97
N SER E 170 -37.79 15.54 9.47
CA SER E 170 -37.74 14.83 10.74
C SER E 170 -36.37 15.08 11.35
N TRP E 171 -36.34 15.81 12.46
CA TRP E 171 -35.07 16.08 13.11
C TRP E 171 -34.69 14.94 14.05
N GLU E 172 -33.39 14.81 14.30
CA GLU E 172 -32.93 13.82 15.27
C GLU E 172 -33.36 14.22 16.68
N VAL E 173 -33.82 13.23 17.44
CA VAL E 173 -34.30 13.48 18.80
C VAL E 173 -33.11 13.71 19.71
N GLY E 174 -33.15 14.82 20.46
CA GLY E 174 -32.12 15.13 21.42
C GLY E 174 -31.09 16.15 21.00
N LYS E 175 -31.35 16.93 19.96
CA LYS E 175 -30.46 17.96 19.49
C LYS E 175 -31.26 19.17 19.02
N PRO E 176 -30.66 20.37 19.03
CA PRO E 176 -31.38 21.55 18.53
C PRO E 176 -31.62 21.49 17.03
N ARG E 177 -32.64 22.22 16.59
CA ARG E 177 -33.05 22.23 15.19
C ARG E 177 -32.63 23.55 14.55
N PRO E 178 -31.91 23.53 13.43
CA PRO E 178 -31.44 24.78 12.83
C PRO E 178 -32.59 25.55 12.21
N PRO E 179 -32.47 26.88 12.12
CA PRO E 179 -33.53 27.65 11.46
C PRO E 179 -33.57 27.39 9.97
N LEU E 180 -34.76 27.53 9.40
CA LEU E 180 -35.00 27.24 7.99
C LEU E 180 -35.06 28.55 7.21
N ASN E 181 -34.01 28.85 6.47
CA ASN E 181 -33.98 29.99 5.58
C ASN E 181 -32.91 29.74 4.52
N ARG E 182 -32.59 30.79 3.76
CA ARG E 182 -31.70 30.63 2.61
C ARG E 182 -30.24 30.49 3.04
N ASN E 183 -29.86 31.09 4.16
CA ASN E 183 -28.45 31.17 4.54
C ASN E 183 -27.83 29.80 4.79
N TYR E 184 -28.63 28.82 5.23
CA TYR E 184 -28.11 27.53 5.63
C TYR E 184 -28.36 26.50 4.54
N VAL E 185 -27.33 25.69 4.25
CA VAL E 185 -27.43 24.62 3.26
C VAL E 185 -27.31 23.29 3.98
N PHE E 186 -27.45 22.20 3.24
CA PHE E 186 -27.32 20.86 3.81
C PHE E 186 -26.74 19.94 2.76
N THR E 187 -26.14 18.84 3.22
CA THR E 187 -25.62 17.80 2.34
C THR E 187 -25.93 16.47 2.99
N GLY E 188 -26.27 15.47 2.17
CA GLY E 188 -26.94 14.29 2.67
C GLY E 188 -26.05 13.09 2.94
N TYR E 189 -26.73 12.00 3.31
CA TYR E 189 -26.17 10.69 3.59
C TYR E 189 -27.23 9.65 3.21
N ARG E 190 -26.78 8.43 2.96
CA ARG E 190 -27.66 7.31 2.63
C ARG E 190 -27.21 6.04 3.36
N VAL E 191 -26.99 6.15 4.67
CA VAL E 191 -26.08 5.28 5.42
C VAL E 191 -26.56 3.85 5.66
N THR E 192 -27.65 3.44 4.99
CA THR E 192 -28.24 2.14 5.25
C THR E 192 -27.23 1.00 5.21
N LYS E 193 -26.69 0.64 4.03
CA LYS E 193 -25.62 -0.34 4.08
C LYS E 193 -24.30 -0.04 3.35
N ASN E 194 -24.23 0.13 2.01
CA ASN E 194 -25.06 0.86 1.00
C ASN E 194 -25.00 2.38 1.13
N SER E 195 -23.80 2.90 0.84
CA SER E 195 -23.54 4.31 0.53
C SER E 195 -23.70 5.31 1.66
N LYS E 196 -22.79 5.30 2.61
CA LYS E 196 -22.57 6.49 3.42
C LYS E 196 -21.84 7.56 2.61
N VAL E 197 -22.48 8.05 1.54
CA VAL E 197 -21.90 9.04 0.64
C VAL E 197 -22.94 10.13 0.40
N GLN E 198 -22.46 11.37 0.21
CA GLN E 198 -23.34 12.53 0.01
C GLN E 198 -24.27 12.31 -1.19
N ILE E 199 -25.40 13.01 -1.17
CA ILE E 199 -26.44 12.79 -2.17
C ILE E 199 -26.86 14.11 -2.82
N GLY E 200 -26.10 15.17 -2.57
CA GLY E 200 -26.36 16.46 -3.17
C GLY E 200 -26.36 17.57 -2.13
N GLU E 201 -26.47 18.80 -2.64
CA GLU E 201 -26.57 19.99 -1.82
C GLU E 201 -28.01 20.50 -1.85
N TYR E 202 -28.67 20.46 -0.70
CA TYR E 202 -30.06 20.86 -0.59
C TYR E 202 -30.19 22.08 0.31
N THR E 203 -31.38 22.67 0.32
CA THR E 203 -31.73 23.75 1.22
C THR E 203 -33.23 23.73 1.47
N PHE E 204 -33.64 24.37 2.56
CA PHE E 204 -34.98 24.18 3.11
C PHE E 204 -35.67 25.52 3.34
N GLU E 205 -36.99 25.45 3.52
CA GLU E 205 -37.81 26.56 3.98
C GLU E 205 -39.16 26.02 4.40
N LYS E 206 -39.72 26.59 5.47
CA LYS E 206 -40.91 26.03 6.09
C LYS E 206 -42.15 26.25 5.25
N GLY E 207 -43.17 25.43 5.50
CA GLY E 207 -44.47 25.61 4.89
C GLY E 207 -45.49 26.11 5.90
N ASP E 208 -46.50 26.80 5.37
CA ASP E 208 -47.50 27.44 6.23
C ASP E 208 -48.35 26.40 6.95
N TYR E 209 -48.72 25.32 6.28
CA TYR E 209 -49.71 24.38 6.80
C TYR E 209 -49.02 23.10 7.29
N GLY E 210 -49.46 22.63 8.46
CA GLY E 210 -48.97 21.37 8.98
C GLY E 210 -47.47 21.40 9.23
N ASP E 211 -46.81 20.28 8.92
CA ASP E 211 -45.36 20.18 8.97
C ASP E 211 -44.89 19.85 7.57
N ALA E 212 -44.13 20.76 6.96
CA ALA E 212 -43.63 20.56 5.61
C ALA E 212 -42.55 21.58 5.34
N VAL E 213 -41.65 21.23 4.42
CA VAL E 213 -40.61 22.14 3.95
C VAL E 213 -40.59 22.08 2.43
N VAL E 214 -40.72 23.24 1.79
CA VAL E 214 -40.75 23.33 0.33
C VAL E 214 -39.30 23.51 -0.12
N TYR E 215 -38.62 22.39 -0.34
CA TYR E 215 -37.16 22.34 -0.39
C TYR E 215 -36.62 22.87 -1.71
N ARG E 216 -35.31 22.74 -1.88
CA ARG E 216 -34.64 23.04 -3.13
C ARG E 216 -33.36 22.23 -3.15
N GLY E 217 -32.93 21.84 -4.36
CA GLY E 217 -31.74 21.05 -4.51
C GLY E 217 -30.86 21.57 -5.62
N THR E 218 -29.59 21.16 -5.60
CA THR E 218 -28.69 21.47 -6.70
C THR E 218 -28.80 20.43 -7.80
N THR E 219 -29.16 19.20 -7.47
CA THR E 219 -29.49 18.14 -8.41
C THR E 219 -30.94 17.72 -8.18
N THR E 220 -31.33 16.62 -8.80
CA THR E 220 -32.70 16.12 -8.75
C THR E 220 -32.71 14.67 -8.29
N TYR E 221 -32.03 14.39 -7.19
CA TYR E 221 -32.15 13.09 -6.52
C TYR E 221 -33.31 13.11 -5.52
N LYS E 222 -34.01 11.98 -5.46
CA LYS E 222 -35.05 11.75 -4.47
C LYS E 222 -34.45 11.03 -3.27
N LEU E 223 -35.16 11.11 -2.15
CA LEU E 223 -34.71 10.51 -0.90
C LEU E 223 -35.60 9.31 -0.61
N ASN E 224 -35.07 8.11 -0.84
CA ASN E 224 -35.60 6.95 -0.17
C ASN E 224 -35.35 7.13 1.31
N VAL E 225 -36.36 6.83 2.13
CA VAL E 225 -36.56 7.42 3.46
C VAL E 225 -35.32 7.43 4.33
N GLY E 226 -34.37 6.53 4.05
CA GLY E 226 -33.14 6.48 4.84
C GLY E 226 -32.21 7.64 4.57
N ASP E 227 -32.30 8.23 3.38
CA ASP E 227 -31.45 9.38 3.03
C ASP E 227 -31.77 10.57 3.91
N TYR E 228 -30.74 11.34 4.25
CA TYR E 228 -30.92 12.40 5.23
C TYR E 228 -29.87 13.48 4.99
N PHE E 229 -29.87 14.50 5.85
CA PHE E 229 -29.05 15.68 5.66
C PHE E 229 -28.30 16.06 6.93
N VAL E 230 -27.15 16.71 6.72
CA VAL E 230 -26.33 17.32 7.77
C VAL E 230 -25.84 18.66 7.25
N LEU E 231 -25.88 19.68 8.10
CA LEU E 231 -25.33 20.98 7.73
C LEU E 231 -23.81 20.87 7.58
N THR E 232 -23.32 21.38 6.45
CA THR E 232 -21.91 21.38 6.07
C THR E 232 -20.95 22.33 6.82
N SER E 233 -19.76 21.82 7.13
CA SER E 233 -18.68 22.53 7.82
C SER E 233 -17.78 23.40 6.93
N HIS E 234 -16.90 24.20 7.55
CA HIS E 234 -16.01 25.03 6.75
C HIS E 234 -14.74 25.27 7.57
N THR E 235 -13.64 24.66 7.15
CA THR E 235 -12.36 24.96 7.76
C THR E 235 -11.96 26.40 7.44
N VAL E 236 -11.39 27.08 8.44
CA VAL E 236 -11.06 28.50 8.33
C VAL E 236 -9.57 28.63 8.07
N MET E 237 -9.22 29.33 7.00
CA MET E 237 -7.84 29.50 6.60
C MET E 237 -7.14 30.54 7.47
N PRO E 238 -5.83 30.52 7.49
CA PRO E 238 -5.09 31.48 8.30
C PRO E 238 -5.41 32.87 7.81
N LEU E 239 -5.48 33.82 8.73
CA LEU E 239 -5.76 35.18 8.38
C LEU E 239 -4.42 35.69 7.94
N SER E 240 -4.08 35.30 6.72
CA SER E 240 -2.79 35.60 6.10
C SER E 240 -2.38 37.06 5.84
N ALA E 241 -3.33 37.88 5.41
CA ALA E 241 -3.09 39.27 5.05
C ALA E 241 -3.61 40.22 6.13
N PRO E 242 -3.00 41.39 6.28
CA PRO E 242 -3.46 42.32 7.31
C PRO E 242 -4.86 42.84 7.00
N THR E 243 -5.55 43.26 8.05
CA THR E 243 -6.92 43.75 7.89
C THR E 243 -6.95 45.00 7.02
N LEU E 244 -6.05 45.94 7.29
CA LEU E 244 -5.89 47.13 6.45
C LEU E 244 -4.43 47.26 6.05
N VAL E 245 -4.19 47.34 4.74
CA VAL E 245 -2.83 47.60 4.25
C VAL E 245 -2.39 48.97 4.75
N PRO E 246 -1.16 49.11 5.25
CA PRO E 246 -0.75 50.40 5.85
C PRO E 246 -0.79 51.54 4.85
N GLN E 247 -1.21 52.70 5.33
CA GLN E 247 -1.46 53.84 4.45
C GLN E 247 -0.18 54.60 4.17
N GLU E 248 -0.04 55.03 2.93
CA GLU E 248 1.01 55.95 2.52
C GLU E 248 0.36 57.09 1.76
N HIS E 249 0.83 58.31 2.01
CA HIS E 249 0.29 59.50 1.35
C HIS E 249 1.23 59.92 0.24
N TYR E 250 0.84 59.67 -1.00
CA TYR E 250 1.63 60.07 -2.15
C TYR E 250 1.56 61.58 -2.33
N VAL E 251 2.60 62.15 -2.94
CA VAL E 251 2.58 63.57 -3.25
C VAL E 251 1.59 63.85 -4.38
N ARG E 252 1.56 62.97 -5.39
CA ARG E 252 0.69 63.14 -6.55
C ARG E 252 0.16 61.79 -6.98
N ILE E 253 -0.85 61.83 -7.85
CA ILE E 253 -1.55 60.62 -8.27
C ILE E 253 -0.59 59.70 -9.00
N THR E 254 -0.50 58.46 -8.54
CA THR E 254 0.37 57.45 -9.15
C THR E 254 -0.47 56.23 -9.50
N GLY E 255 -0.33 55.75 -10.73
CA GLY E 255 -1.05 54.58 -11.18
C GLY E 255 -2.44 54.86 -11.70
N LEU E 256 -2.93 56.08 -11.62
CA LEU E 256 -4.27 56.43 -12.05
C LEU E 256 -4.20 57.68 -12.93
N TYR E 257 -5.19 57.83 -13.80
CA TYR E 257 -5.19 58.91 -14.77
C TYR E 257 -6.55 59.59 -14.83
N PRO E 258 -6.61 60.91 -14.85
CA PRO E 258 -7.90 61.61 -14.93
C PRO E 258 -8.57 61.46 -16.28
N THR E 259 -9.69 62.16 -16.48
CA THR E 259 -10.45 62.07 -17.70
C THR E 259 -10.83 63.45 -18.20
N LEU E 260 -11.33 63.50 -19.43
CA LEU E 260 -11.67 64.72 -20.13
C LEU E 260 -13.17 64.96 -19.98
N ASN E 261 -13.54 65.87 -19.08
CA ASN E 261 -14.93 66.24 -18.85
C ASN E 261 -15.76 65.00 -18.50
N ILE E 262 -15.45 64.46 -17.32
CA ILE E 262 -15.96 63.19 -16.81
C ILE E 262 -17.45 63.03 -17.08
N SER E 263 -18.24 64.01 -16.63
CA SER E 263 -19.65 64.13 -16.95
C SER E 263 -20.14 65.43 -16.32
N ASP E 264 -21.38 65.78 -16.64
CA ASP E 264 -22.03 66.91 -15.99
C ASP E 264 -22.72 66.52 -14.69
N GLU E 265 -22.81 65.22 -14.40
CA GLU E 265 -23.46 64.72 -13.20
C GLU E 265 -22.49 64.43 -12.07
N PHE E 266 -21.28 63.98 -12.38
CA PHE E 266 -20.28 63.66 -11.37
C PHE E 266 -19.27 64.79 -11.17
N SER E 267 -19.62 66.02 -11.55
CA SER E 267 -18.64 67.10 -11.50
C SER E 267 -18.38 67.59 -10.08
N SER E 268 -19.18 67.15 -9.10
CA SER E 268 -19.01 67.64 -7.74
C SER E 268 -17.99 66.84 -6.95
N ASN E 269 -17.86 65.55 -7.21
CA ASN E 269 -16.98 64.68 -6.44
C ASN E 269 -15.56 64.63 -6.97
N VAL E 270 -15.16 65.62 -7.77
CA VAL E 270 -13.84 65.57 -8.39
C VAL E 270 -12.74 65.64 -7.34
N ALA E 271 -12.89 66.52 -6.36
CA ALA E 271 -11.86 66.68 -5.33
C ALA E 271 -11.67 65.39 -4.55
N ASN E 272 -12.77 64.71 -4.22
CA ASN E 272 -12.65 63.43 -3.53
C ASN E 272 -12.02 62.37 -4.42
N TYR E 273 -12.23 62.43 -5.74
CA TYR E 273 -11.53 61.51 -6.63
C TYR E 273 -10.04 61.74 -6.57
N GLN E 274 -9.62 63.01 -6.59
CA GLN E 274 -8.18 63.30 -6.51
C GLN E 274 -7.61 62.87 -5.16
N LYS E 275 -8.36 63.07 -4.09
CA LYS E 275 -7.92 62.62 -2.77
C LYS E 275 -7.78 61.10 -2.74
N VAL E 276 -8.71 60.38 -3.39
CA VAL E 276 -8.58 58.93 -3.48
C VAL E 276 -7.30 58.56 -4.21
N GLY E 277 -7.00 59.26 -5.29
CA GLY E 277 -5.79 58.98 -6.03
C GLY E 277 -4.53 59.22 -5.21
N MET E 278 -4.56 60.24 -4.34
CA MET E 278 -3.36 60.60 -3.58
C MET E 278 -3.02 59.55 -2.53
N GLN E 279 -4.01 59.01 -1.83
CA GLN E 279 -3.78 58.13 -0.70
C GLN E 279 -3.83 56.67 -1.10
N LYS E 280 -3.24 55.81 -0.26
CA LYS E 280 -3.25 54.38 -0.54
C LYS E 280 -4.65 53.80 -0.39
N TYR E 281 -5.31 54.08 0.72
CA TYR E 281 -6.70 53.70 0.89
C TYR E 281 -7.49 54.88 1.45
N SER E 282 -8.76 54.93 1.08
CA SER E 282 -9.63 56.02 1.50
C SER E 282 -10.93 55.45 2.03
N THR E 283 -11.59 56.22 2.89
CA THR E 283 -12.84 55.82 3.49
C THR E 283 -13.89 56.89 3.22
N LEU E 284 -15.03 56.47 2.71
CA LEU E 284 -16.15 57.36 2.42
C LEU E 284 -17.31 56.98 3.33
N GLN E 285 -17.65 57.88 4.25
CA GLN E 285 -18.75 57.67 5.18
C GLN E 285 -19.83 58.69 4.92
N GLY E 286 -21.05 58.22 4.72
CA GLY E 286 -22.17 59.11 4.52
C GLY E 286 -23.48 58.48 4.92
N PRO E 287 -24.42 59.30 5.35
CA PRO E 287 -25.78 58.82 5.62
C PRO E 287 -26.37 58.16 4.39
N PRO E 288 -27.35 57.28 4.55
CA PRO E 288 -27.78 56.44 3.43
C PRO E 288 -28.48 57.26 2.36
N GLY E 289 -28.21 56.90 1.11
CA GLY E 289 -28.80 57.62 -0.01
C GLY E 289 -28.31 59.04 -0.13
N THR E 290 -27.00 59.23 0.00
CA THR E 290 -26.40 60.54 -0.22
C THR E 290 -25.46 60.57 -1.41
N GLY E 291 -25.15 59.42 -2.01
CA GLY E 291 -24.27 59.39 -3.15
C GLY E 291 -23.03 58.58 -2.90
N LYS E 292 -23.11 57.58 -2.02
CA LYS E 292 -21.93 56.78 -1.72
C LYS E 292 -21.70 55.72 -2.79
N SER E 293 -22.66 54.83 -3.00
CA SER E 293 -22.47 53.76 -3.97
C SER E 293 -22.49 54.25 -5.41
N HIS E 294 -22.90 55.50 -5.63
CA HIS E 294 -22.80 56.13 -6.94
C HIS E 294 -21.49 56.88 -7.10
N PHE E 295 -20.88 57.27 -5.98
CA PHE E 295 -19.55 57.85 -6.00
C PHE E 295 -18.55 56.88 -6.62
N ALA E 296 -18.69 55.58 -6.34
CA ALA E 296 -17.76 54.60 -6.89
C ALA E 296 -17.85 54.53 -8.40
N ILE E 297 -19.07 54.56 -8.95
CA ILE E 297 -19.22 54.53 -10.39
C ILE E 297 -18.71 55.82 -11.01
N GLY E 298 -18.95 56.94 -10.34
CA GLY E 298 -18.32 58.18 -10.80
C GLY E 298 -16.81 58.10 -10.79
N LEU E 299 -16.25 57.42 -9.79
CA LEU E 299 -14.81 57.20 -9.76
C LEU E 299 -14.36 56.38 -10.95
N ALA E 300 -15.13 55.35 -11.30
CA ALA E 300 -14.81 54.58 -12.48
C ALA E 300 -14.83 55.44 -13.73
N LEU E 301 -15.83 56.31 -13.85
CA LEU E 301 -15.87 57.22 -14.99
C LEU E 301 -14.77 58.26 -14.93
N TYR E 302 -14.14 58.47 -13.77
CA TYR E 302 -13.04 59.43 -13.67
C TYR E 302 -11.70 58.79 -13.93
N TYR E 303 -11.56 57.50 -13.66
CA TYR E 303 -10.34 56.76 -13.98
C TYR E 303 -10.69 55.68 -14.99
N PRO E 304 -10.93 56.06 -16.26
CA PRO E 304 -11.51 55.10 -17.20
C PRO E 304 -10.63 53.90 -17.49
N SER E 305 -9.30 54.09 -17.51
CA SER E 305 -8.42 52.97 -17.85
C SER E 305 -8.20 52.03 -16.67
N ALA E 306 -8.56 52.45 -15.47
CA ALA E 306 -8.22 51.68 -14.28
C ALA E 306 -9.13 50.47 -14.15
N ARG E 307 -8.54 49.29 -14.07
CA ARG E 307 -9.29 48.09 -13.78
C ARG E 307 -9.80 48.14 -12.35
N ILE E 308 -11.08 47.85 -12.15
CA ILE E 308 -11.71 48.04 -10.85
C ILE E 308 -12.49 46.80 -10.46
N VAL E 309 -12.34 46.40 -9.20
CA VAL E 309 -13.05 45.27 -8.63
C VAL E 309 -13.97 45.83 -7.56
N TYR E 310 -15.28 45.68 -7.76
CA TYR E 310 -16.26 46.07 -6.76
C TYR E 310 -16.65 44.86 -5.93
N THR E 311 -16.75 45.07 -4.63
CA THR E 311 -17.08 43.95 -3.76
C THR E 311 -17.95 44.43 -2.62
N ALA E 312 -18.66 43.48 -2.01
CA ALA E 312 -19.51 43.75 -0.86
C ALA E 312 -19.74 42.43 -0.14
N CYS E 313 -20.22 42.52 1.10
CA CYS E 313 -20.47 41.33 1.88
C CYS E 313 -21.79 40.66 1.53
N SER E 314 -22.76 41.42 1.03
CA SER E 314 -24.08 40.90 0.70
C SER E 314 -24.18 40.58 -0.78
N HIS E 315 -25.29 39.96 -1.16
CA HIS E 315 -25.57 39.75 -2.57
C HIS E 315 -26.55 40.78 -3.11
N ALA E 316 -27.56 41.14 -2.33
CA ALA E 316 -28.56 42.10 -2.79
C ALA E 316 -28.04 43.53 -2.81
N ALA E 317 -26.87 43.78 -2.24
CA ALA E 317 -26.23 45.09 -2.36
C ALA E 317 -25.36 45.17 -3.60
N VAL E 318 -24.54 44.15 -3.82
CA VAL E 318 -23.72 44.13 -5.02
C VAL E 318 -24.59 44.00 -6.27
N ASP E 319 -25.78 43.40 -6.15
CA ASP E 319 -26.69 43.38 -7.29
C ASP E 319 -27.19 44.79 -7.62
N ALA E 320 -27.52 45.58 -6.60
CA ALA E 320 -27.93 46.95 -6.84
C ALA E 320 -26.80 47.77 -7.44
N LEU E 321 -25.58 47.55 -6.95
CA LEU E 321 -24.42 48.22 -7.54
C LEU E 321 -24.23 47.80 -8.99
N CYS E 322 -24.47 46.52 -9.30
CA CYS E 322 -24.39 46.05 -10.68
C CYS E 322 -25.41 46.75 -11.56
N GLU E 323 -26.64 46.91 -11.06
CA GLU E 323 -27.67 47.59 -11.85
C GLU E 323 -27.29 49.04 -12.10
N LYS E 324 -26.75 49.72 -11.08
CA LYS E 324 -26.31 51.09 -11.26
C LYS E 324 -25.19 51.18 -12.29
N ALA E 325 -24.25 50.25 -12.24
CA ALA E 325 -23.16 50.25 -13.21
C ALA E 325 -23.67 50.01 -14.62
N LEU E 326 -24.64 49.11 -14.77
CA LEU E 326 -25.27 48.92 -16.06
C LEU E 326 -25.93 50.20 -16.56
N LYS E 327 -26.54 50.95 -15.64
CA LYS E 327 -27.16 52.21 -16.03
C LYS E 327 -26.14 53.24 -16.46
N TYR E 328 -24.93 53.21 -15.88
CA TYR E 328 -23.94 54.25 -16.15
C TYR E 328 -22.75 53.75 -16.97
N LEU E 329 -22.04 52.74 -16.50
CA LEU E 329 -20.82 52.30 -17.16
C LEU E 329 -21.15 51.63 -18.49
N PRO E 330 -20.17 51.53 -19.40
CA PRO E 330 -20.36 50.70 -20.59
C PRO E 330 -20.58 49.25 -20.17
N ILE E 331 -21.67 48.67 -20.68
CA ILE E 331 -22.06 47.34 -20.22
C ILE E 331 -21.17 46.25 -20.81
N ASP E 332 -20.47 46.54 -21.91
CA ASP E 332 -19.65 45.51 -22.55
C ASP E 332 -18.55 45.03 -21.62
N LYS E 333 -17.86 45.96 -20.95
CA LYS E 333 -16.77 45.62 -20.05
C LYS E 333 -17.31 45.63 -18.61
N CYS E 334 -18.03 44.58 -18.27
CA CYS E 334 -18.41 44.32 -16.89
C CYS E 334 -18.32 42.82 -16.67
N SER E 335 -18.52 42.40 -15.43
CA SER E 335 -18.72 40.98 -15.19
C SER E 335 -19.61 40.82 -13.97
N ARG E 336 -19.68 39.59 -13.47
CA ARG E 336 -20.35 39.29 -12.23
C ARG E 336 -19.91 37.90 -11.82
N ILE E 337 -19.34 37.77 -10.63
CA ILE E 337 -18.75 36.51 -10.21
C ILE E 337 -19.66 35.89 -9.16
N ILE E 338 -20.08 34.66 -9.41
CA ILE E 338 -21.06 33.97 -8.57
C ILE E 338 -20.44 32.71 -8.00
N PRO E 339 -20.79 32.32 -6.78
CA PRO E 339 -20.25 31.07 -6.21
C PRO E 339 -20.81 29.86 -6.93
N ALA E 340 -20.18 28.72 -6.67
CA ALA E 340 -20.55 27.48 -7.36
C ALA E 340 -21.99 27.10 -7.07
N ARG E 341 -22.39 27.15 -5.80
CA ARG E 341 -23.76 26.78 -5.48
C ARG E 341 -24.75 27.87 -5.84
N ALA E 342 -24.36 29.12 -5.64
CA ALA E 342 -25.20 30.29 -5.92
C ALA E 342 -26.57 30.16 -5.24
N ARG E 343 -26.51 30.22 -3.91
CA ARG E 343 -27.71 30.01 -3.09
C ARG E 343 -28.79 31.04 -3.43
N VAL E 344 -28.41 32.30 -3.54
CA VAL E 344 -29.34 33.32 -3.99
C VAL E 344 -29.30 33.42 -5.51
N GLU E 345 -30.36 33.99 -6.09
CA GLU E 345 -30.40 34.23 -7.53
C GLU E 345 -29.71 35.56 -7.83
N CYS E 346 -28.62 35.49 -8.57
CA CYS E 346 -27.72 36.62 -8.77
C CYS E 346 -28.10 37.41 -10.01
N PHE E 347 -27.21 38.30 -10.42
CA PHE E 347 -27.46 39.22 -11.52
C PHE E 347 -26.96 38.61 -12.83
N ASP E 348 -27.88 38.29 -13.72
CA ASP E 348 -27.53 37.73 -15.04
C ASP E 348 -27.98 38.72 -16.11
N LYS E 349 -27.16 39.74 -16.34
CA LYS E 349 -27.27 40.61 -17.50
C LYS E 349 -25.93 40.94 -18.13
N PHE E 350 -24.83 40.82 -17.40
CA PHE E 350 -23.48 40.97 -17.91
C PHE E 350 -22.93 39.62 -18.35
N LYS E 351 -21.72 39.61 -18.89
CA LYS E 351 -21.04 38.35 -19.19
C LYS E 351 -20.60 37.74 -17.88
N VAL E 352 -21.45 36.86 -17.33
CA VAL E 352 -21.26 36.40 -15.98
C VAL E 352 -20.01 35.52 -15.86
N ASN E 353 -19.32 35.67 -14.74
CA ASN E 353 -18.15 34.87 -14.37
C ASN E 353 -17.04 34.92 -15.44
N SER E 354 -16.50 36.11 -15.63
CA SER E 354 -15.25 36.31 -16.36
C SER E 354 -14.40 37.25 -15.51
N THR E 355 -13.44 36.68 -14.80
CA THR E 355 -12.67 37.44 -13.82
C THR E 355 -11.79 38.51 -14.47
N LEU E 356 -11.27 38.24 -15.66
CA LEU E 356 -10.29 39.11 -16.29
C LEU E 356 -10.92 40.28 -17.04
N GLU E 357 -12.16 40.64 -16.72
CA GLU E 357 -12.79 41.81 -17.29
C GLU E 357 -12.42 43.06 -16.50
N GLN E 358 -12.59 44.22 -17.14
CA GLN E 358 -12.10 45.47 -16.57
C GLN E 358 -12.83 45.86 -15.29
N TYR E 359 -14.16 45.85 -15.30
CA TYR E 359 -14.93 46.10 -14.09
C TYR E 359 -15.57 44.79 -13.65
N VAL E 360 -15.19 44.32 -12.46
CA VAL E 360 -15.61 42.99 -12.00
C VAL E 360 -16.30 43.13 -10.65
N PHE E 361 -17.52 42.64 -10.57
CA PHE E 361 -18.32 42.74 -9.35
C PHE E 361 -18.43 41.36 -8.72
N CYS E 362 -18.21 41.29 -7.41
CA CYS E 362 -18.31 40.00 -6.73
C CYS E 362 -18.60 40.21 -5.26
N THR E 363 -19.07 39.17 -4.61
CA THR E 363 -19.16 39.14 -3.16
C THR E 363 -17.77 38.94 -2.59
N VAL E 364 -17.62 39.19 -1.29
CA VAL E 364 -16.31 38.99 -0.66
C VAL E 364 -15.95 37.50 -0.67
N ASN E 365 -16.90 36.64 -0.32
CA ASN E 365 -16.59 35.23 -0.11
C ASN E 365 -16.19 34.53 -1.39
N ALA E 366 -16.70 34.98 -2.53
CA ALA E 366 -16.41 34.37 -3.81
C ALA E 366 -15.36 35.12 -4.61
N LEU E 367 -14.55 35.95 -3.94
CA LEU E 367 -13.53 36.71 -4.65
C LEU E 367 -12.44 35.79 -5.17
N PRO E 368 -12.05 35.91 -6.43
CA PRO E 368 -10.90 35.17 -6.94
C PRO E 368 -9.62 35.96 -6.84
N GLU E 369 -8.53 35.23 -6.58
CA GLU E 369 -7.21 35.85 -6.47
C GLU E 369 -6.81 36.54 -7.76
N THR E 370 -6.67 37.85 -7.73
CA THR E 370 -6.34 38.62 -8.91
C THR E 370 -5.72 39.94 -8.50
N THR E 371 -5.48 40.80 -9.48
CA THR E 371 -4.97 42.14 -9.27
C THR E 371 -6.02 43.16 -9.72
N ALA E 372 -5.70 44.44 -9.51
CA ALA E 372 -6.57 45.53 -9.90
C ALA E 372 -5.75 46.81 -9.89
N ASP E 373 -6.42 47.92 -10.18
CA ASP E 373 -5.80 49.23 -10.01
C ASP E 373 -6.48 50.06 -8.95
N ILE E 374 -7.72 49.72 -8.58
CA ILE E 374 -8.36 50.21 -7.37
C ILE E 374 -9.50 49.27 -7.04
N VAL E 375 -9.61 48.85 -5.79
CA VAL E 375 -10.68 47.94 -5.38
C VAL E 375 -11.64 48.69 -4.47
N VAL E 376 -12.93 48.60 -4.78
CA VAL E 376 -13.96 49.36 -4.08
C VAL E 376 -14.75 48.37 -3.24
N PHE E 377 -14.49 48.38 -1.94
CA PHE E 377 -15.30 47.64 -0.99
C PHE E 377 -16.49 48.49 -0.60
N ASP E 378 -17.67 47.87 -0.54
CA ASP E 378 -18.91 48.60 -0.31
C ASP E 378 -19.67 47.99 0.86
N GLU E 379 -20.36 48.86 1.59
CA GLU E 379 -21.14 48.49 2.77
C GLU E 379 -20.26 47.72 3.77
N ILE E 380 -19.26 48.43 4.28
CA ILE E 380 -18.35 47.84 5.25
C ILE E 380 -19.00 47.52 6.58
N SER E 381 -20.19 48.04 6.84
CA SER E 381 -20.91 47.66 8.05
C SER E 381 -21.23 46.17 8.05
N MET E 382 -21.60 45.64 6.87
CA MET E 382 -21.90 44.21 6.77
C MET E 382 -20.65 43.35 6.94
N ALA E 383 -19.47 43.93 6.79
CA ALA E 383 -18.25 43.14 6.74
C ALA E 383 -17.57 43.08 8.09
N THR E 384 -17.13 41.88 8.45
CA THR E 384 -16.31 41.65 9.62
C THR E 384 -14.83 41.64 9.21
N ASN E 385 -13.95 41.54 10.20
CA ASN E 385 -12.52 41.57 9.91
C ASN E 385 -12.10 40.40 9.05
N TYR E 386 -12.84 39.29 9.09
CA TYR E 386 -12.56 38.19 8.19
C TYR E 386 -12.73 38.62 6.74
N ASP E 387 -13.80 39.36 6.44
CA ASP E 387 -14.02 39.80 5.08
C ASP E 387 -12.95 40.78 4.63
N LEU E 388 -12.53 41.67 5.53
CA LEU E 388 -11.47 42.61 5.19
C LEU E 388 -10.16 41.89 4.91
N SER E 389 -9.82 40.90 5.73
CA SER E 389 -8.60 40.14 5.47
C SER E 389 -8.70 39.34 4.18
N VAL E 390 -9.88 38.80 3.88
CA VAL E 390 -10.06 38.03 2.65
C VAL E 390 -9.86 38.93 1.44
N VAL E 391 -10.52 40.09 1.43
CA VAL E 391 -10.40 40.98 0.28
C VAL E 391 -9.00 41.55 0.19
N ASN E 392 -8.31 41.70 1.32
CA ASN E 392 -6.95 42.19 1.28
C ASN E 392 -5.95 41.12 0.88
N ALA E 393 -6.34 39.85 0.98
CA ALA E 393 -5.46 38.76 0.58
C ALA E 393 -5.62 38.39 -0.87
N ARG E 394 -6.86 38.18 -1.32
CA ARG E 394 -7.07 37.68 -2.67
C ARG E 394 -6.79 38.75 -3.72
N LEU E 395 -7.28 39.96 -3.51
CA LEU E 395 -7.21 41.03 -4.51
C LEU E 395 -6.05 41.95 -4.18
N ARG E 396 -4.98 41.87 -4.96
CA ARG E 396 -3.96 42.89 -4.88
C ARG E 396 -4.46 44.15 -5.58
N ALA E 397 -3.95 45.30 -5.15
CA ALA E 397 -4.48 46.55 -5.69
C ALA E 397 -3.47 47.67 -5.49
N LYS E 398 -3.68 48.75 -6.23
CA LYS E 398 -2.86 49.94 -6.05
C LYS E 398 -3.53 50.94 -5.12
N HIS E 399 -4.85 51.08 -5.22
CA HIS E 399 -5.61 51.95 -4.34
C HIS E 399 -6.84 51.22 -3.83
N TYR E 400 -7.17 51.45 -2.57
CA TYR E 400 -8.33 50.83 -1.94
C TYR E 400 -9.31 51.92 -1.56
N VAL E 401 -10.60 51.67 -1.78
CA VAL E 401 -11.64 52.61 -1.35
C VAL E 401 -12.71 51.82 -0.63
N TYR E 402 -12.95 52.17 0.63
CA TYR E 402 -13.99 51.55 1.44
C TYR E 402 -15.12 52.55 1.61
N ILE E 403 -16.30 52.22 1.09
CA ILE E 403 -17.46 53.09 1.17
C ILE E 403 -18.50 52.41 2.03
N GLY E 404 -19.09 53.15 2.95
CA GLY E 404 -20.09 52.58 3.83
C GLY E 404 -20.35 53.51 4.99
N ASP E 405 -21.33 53.13 5.80
CA ASP E 405 -21.71 53.93 6.95
C ASP E 405 -21.89 53.04 8.18
N PRO E 406 -21.47 53.51 9.36
CA PRO E 406 -21.66 52.69 10.56
C PRO E 406 -23.08 52.68 11.08
N ALA E 407 -23.85 53.75 10.88
CA ALA E 407 -25.20 53.83 11.44
C ALA E 407 -26.19 52.87 10.78
N GLN E 408 -25.83 52.26 9.66
CA GLN E 408 -26.64 51.20 9.10
C GLN E 408 -26.47 49.93 9.95
N LEU E 409 -27.15 48.86 9.57
CA LEU E 409 -27.11 47.66 10.39
C LEU E 409 -25.79 46.92 10.19
N PRO E 410 -25.22 46.35 11.25
CA PRO E 410 -23.95 45.64 11.13
C PRO E 410 -24.10 44.21 10.67
N ALA E 411 -23.01 43.45 10.71
CA ALA E 411 -23.04 42.03 10.41
C ALA E 411 -23.90 41.31 11.45
N PRO E 412 -24.44 40.12 11.10
CA PRO E 412 -25.34 39.41 12.02
C PRO E 412 -24.81 39.20 13.43
N ARG E 413 -23.64 38.57 13.55
CA ARG E 413 -23.05 38.23 14.86
C ARG E 413 -24.03 37.38 15.68
N THR E 414 -24.29 36.19 15.14
CA THR E 414 -25.28 35.29 15.73
C THR E 414 -24.91 34.90 17.15
N LEU E 415 -23.62 34.78 17.46
CA LEU E 415 -23.21 34.37 18.80
C LEU E 415 -23.47 35.45 19.83
N LEU E 416 -23.41 36.73 19.44
CA LEU E 416 -23.58 37.82 20.37
C LEU E 416 -25.01 37.86 20.88
N THR E 417 -25.18 37.76 22.20
CA THR E 417 -26.50 37.81 22.78
C THR E 417 -26.58 38.60 24.07
N LYS E 418 -25.50 39.21 24.53
CA LYS E 418 -25.53 40.06 25.72
C LYS E 418 -24.92 41.41 25.38
N GLY E 419 -25.63 42.48 25.71
CA GLY E 419 -25.16 43.81 25.43
C GLY E 419 -25.30 44.16 23.96
N THR E 420 -24.91 45.39 23.65
CA THR E 420 -24.99 45.91 22.30
C THR E 420 -23.60 46.33 21.83
N LEU E 421 -23.35 46.16 20.54
CA LEU E 421 -22.08 46.52 19.93
C LEU E 421 -22.18 47.92 19.38
N GLU E 422 -21.31 48.81 19.86
CA GLU E 422 -21.27 50.17 19.36
C GLU E 422 -20.76 50.16 17.92
N PRO E 423 -21.05 51.22 17.14
CA PRO E 423 -20.57 51.25 15.76
C PRO E 423 -19.07 51.11 15.62
N GLU E 424 -18.30 51.78 16.47
CA GLU E 424 -16.85 51.86 16.34
C GLU E 424 -16.14 50.55 16.56
N TYR E 425 -16.87 49.45 16.76
CA TYR E 425 -16.25 48.14 16.90
C TYR E 425 -16.85 47.13 15.92
N PHE E 426 -17.47 47.60 14.84
CA PHE E 426 -18.00 46.65 13.85
C PHE E 426 -16.86 45.93 13.15
N ASN E 427 -15.84 46.66 12.71
CA ASN E 427 -14.61 46.10 12.18
C ASN E 427 -13.55 47.18 12.23
N SER E 428 -12.41 46.94 11.58
CA SER E 428 -11.33 47.92 11.63
C SER E 428 -11.68 49.17 10.85
N VAL E 429 -12.37 49.03 9.72
CA VAL E 429 -12.68 50.18 8.88
C VAL E 429 -13.65 51.12 9.59
N CYS E 430 -14.72 50.57 10.20
CA CYS E 430 -15.64 51.41 10.93
C CYS E 430 -14.97 52.04 12.15
N ARG E 431 -14.05 51.33 12.78
CA ARG E 431 -13.27 51.91 13.86
C ARG E 431 -12.46 53.10 13.38
N LEU E 432 -11.84 52.98 12.20
CA LEU E 432 -11.13 54.10 11.61
C LEU E 432 -12.07 55.26 11.34
N MET E 433 -13.25 54.97 10.81
CA MET E 433 -14.20 56.02 10.48
C MET E 433 -14.64 56.80 11.72
N LYS E 434 -14.91 56.09 12.82
CA LYS E 434 -15.44 56.77 14.00
C LYS E 434 -14.33 57.40 14.83
N THR E 435 -13.11 56.86 14.77
CA THR E 435 -12.04 57.37 15.63
C THR E 435 -11.52 58.71 15.15
N ILE E 436 -10.97 58.75 13.93
CA ILE E 436 -10.30 59.94 13.44
C ILE E 436 -11.17 60.65 12.41
N GLY E 437 -12.06 59.91 11.76
CA GLY E 437 -12.97 60.49 10.81
C GLY E 437 -12.79 59.93 9.42
N PRO E 438 -13.82 60.02 8.59
CA PRO E 438 -13.70 59.56 7.21
C PRO E 438 -12.81 60.49 6.41
N ASP E 439 -12.22 59.93 5.35
CA ASP E 439 -11.46 60.78 4.44
C ASP E 439 -12.37 61.58 3.53
N MET E 440 -13.49 60.99 3.10
CA MET E 440 -14.48 61.71 2.31
C MET E 440 -15.84 61.58 2.97
N PHE E 441 -16.59 62.68 3.02
CA PHE E 441 -17.84 62.72 3.76
C PHE E 441 -18.85 63.59 3.01
N LEU E 442 -20.00 63.02 2.70
CA LEU E 442 -21.03 63.71 1.92
C LEU E 442 -22.39 63.50 2.60
N GLY E 443 -23.11 64.50 3.14
CA GLY E 443 -24.50 64.19 3.63
C GLY E 443 -25.86 64.96 3.38
N THR E 444 -26.94 64.32 2.85
CA THR E 444 -28.33 64.92 2.62
C THR E 444 -29.48 63.93 2.16
N CYS E 445 -30.82 64.21 2.14
CA CYS E 445 -31.52 63.04 1.63
C CYS E 445 -32.14 63.36 0.28
N ARG E 446 -31.75 62.59 -0.74
CA ARG E 446 -32.23 62.78 -2.09
C ARG E 446 -33.26 61.75 -2.52
N ARG E 447 -33.58 60.78 -1.68
CA ARG E 447 -34.45 59.68 -2.04
C ARG E 447 -35.79 59.67 -1.33
N CYS E 448 -35.79 59.79 -0.01
CA CYS E 448 -37.01 59.59 0.75
C CYS E 448 -37.80 60.88 0.88
N PRO E 449 -39.12 60.81 1.10
CA PRO E 449 -39.93 62.03 1.18
C PRO E 449 -39.61 62.86 2.42
N ALA E 450 -40.34 63.97 2.59
CA ALA E 450 -40.00 64.88 3.69
C ALA E 450 -40.42 64.31 5.03
N GLU E 451 -41.53 63.57 5.09
CA GLU E 451 -42.05 63.10 6.36
C GLU E 451 -41.16 62.05 6.99
N ILE E 452 -40.78 61.03 6.21
CA ILE E 452 -40.00 59.93 6.78
C ILE E 452 -38.60 60.39 7.13
N VAL E 453 -38.01 61.29 6.35
CA VAL E 453 -36.70 61.81 6.71
C VAL E 453 -36.80 62.75 7.89
N ASP E 454 -37.91 63.50 8.01
CA ASP E 454 -38.07 64.41 9.13
C ASP E 454 -38.38 63.65 10.41
N THR E 455 -38.77 62.38 10.31
CA THR E 455 -38.85 61.56 11.50
C THR E 455 -37.55 60.84 11.80
N VAL E 456 -36.83 60.38 10.77
CA VAL E 456 -35.59 59.66 11.01
C VAL E 456 -34.46 60.60 11.43
N SER E 457 -34.60 61.90 11.20
CA SER E 457 -33.68 62.87 11.78
C SER E 457 -34.00 63.16 13.23
N ALA E 458 -34.85 62.35 13.85
CA ALA E 458 -35.12 62.37 15.28
C ALA E 458 -34.80 61.06 15.97
N LEU E 459 -34.87 59.93 15.25
CA LEU E 459 -34.55 58.65 15.85
C LEU E 459 -33.05 58.47 16.00
N VAL E 460 -32.32 58.48 14.88
CA VAL E 460 -30.92 58.07 14.84
C VAL E 460 -29.99 59.28 14.73
N TYR E 461 -30.26 60.18 13.79
CA TYR E 461 -29.40 61.33 13.59
C TYR E 461 -29.95 62.52 14.35
N ASP E 462 -29.09 63.19 15.13
CA ASP E 462 -29.52 64.27 16.01
C ASP E 462 -29.79 65.52 15.17
N ASN E 463 -30.98 65.56 14.57
CA ASN E 463 -31.50 66.71 13.82
C ASN E 463 -30.44 67.33 12.92
N LYS E 464 -29.84 66.48 12.10
CA LYS E 464 -28.79 66.89 11.18
C LYS E 464 -29.30 67.07 9.76
N LEU E 465 -30.14 66.16 9.27
CA LEU E 465 -30.55 66.16 7.88
C LEU E 465 -31.69 67.13 7.63
N LYS E 466 -31.43 68.13 6.80
CA LYS E 466 -32.46 68.62 5.90
C LYS E 466 -32.56 67.62 4.76
N ALA E 467 -33.56 67.76 3.92
CA ALA E 467 -33.70 66.85 2.80
C ALA E 467 -34.46 67.56 1.69
N HIS E 468 -34.81 66.80 0.66
CA HIS E 468 -35.48 67.38 -0.50
C HIS E 468 -36.54 66.41 -1.00
N LYS E 469 -37.79 66.73 -0.67
CA LYS E 469 -39.00 66.30 -1.38
C LYS E 469 -40.14 67.11 -0.77
N ASP E 470 -41.37 66.73 -1.08
CA ASP E 470 -42.52 67.17 -0.30
C ASP E 470 -43.20 65.96 0.31
N LYS E 471 -43.61 66.10 1.57
CA LYS E 471 -44.26 64.99 2.28
C LYS E 471 -45.61 64.70 1.63
N SER E 472 -45.68 63.60 0.88
CA SER E 472 -46.84 63.24 0.09
C SER E 472 -48.03 62.80 0.93
N ALA E 473 -47.88 62.78 2.26
CA ALA E 473 -48.90 62.31 3.20
C ALA E 473 -49.21 60.83 3.04
N GLN E 474 -48.39 60.11 2.28
CA GLN E 474 -48.51 58.66 2.13
C GLN E 474 -47.52 57.96 3.04
N CYS E 475 -47.27 58.55 4.20
CA CYS E 475 -46.53 57.90 5.27
C CYS E 475 -47.51 57.60 6.39
N PHE E 476 -47.70 56.31 6.67
CA PHE E 476 -48.72 55.86 7.60
C PHE E 476 -48.09 55.12 8.76
N LYS E 477 -48.58 55.38 9.96
CA LYS E 477 -48.20 54.66 11.16
C LYS E 477 -49.45 54.03 11.75
N MET E 478 -49.45 52.71 11.87
CA MET E 478 -50.62 51.94 12.26
C MET E 478 -50.54 51.54 13.73
N PHE E 479 -51.71 51.42 14.35
CA PHE E 479 -51.86 50.81 15.66
C PHE E 479 -52.56 49.47 15.46
N TYR E 480 -51.86 48.40 15.84
CA TYR E 480 -52.42 47.05 15.75
C TYR E 480 -51.66 46.17 16.73
N LYS E 481 -52.39 45.40 17.54
CA LYS E 481 -51.75 44.69 18.65
C LYS E 481 -50.79 43.63 18.15
N GLY E 482 -51.19 42.85 17.16
CA GLY E 482 -50.28 41.90 16.56
C GLY E 482 -49.91 40.72 17.44
N VAL E 483 -50.85 39.81 17.67
CA VAL E 483 -50.58 38.66 18.52
C VAL E 483 -49.48 37.79 17.94
N ILE E 484 -48.75 37.10 18.82
CA ILE E 484 -47.48 36.48 18.50
C ILE E 484 -47.66 35.00 18.25
N THR E 485 -46.99 34.48 17.21
CA THR E 485 -46.84 33.04 16.98
C THR E 485 -45.35 32.80 16.76
N HIS E 486 -44.63 32.46 17.84
CA HIS E 486 -43.20 32.18 17.76
C HIS E 486 -43.03 30.80 17.17
N ASP E 487 -43.06 30.74 15.83
CA ASP E 487 -43.23 29.49 15.10
C ASP E 487 -41.91 28.86 14.66
N VAL E 488 -41.13 29.59 13.86
CA VAL E 488 -39.99 29.02 13.15
C VAL E 488 -38.71 29.29 13.95
N SER E 489 -38.88 29.63 15.22
CA SER E 489 -37.89 30.21 16.15
C SER E 489 -37.63 31.66 15.75
N SER E 490 -38.16 32.11 14.62
CA SER E 490 -38.33 33.51 14.31
C SER E 490 -39.81 33.78 14.30
N ALA E 491 -40.24 34.88 14.92
CA ALA E 491 -41.65 35.09 15.18
C ALA E 491 -42.43 35.29 13.88
N ILE E 492 -43.71 34.91 13.93
CA ILE E 492 -44.67 35.21 12.87
C ILE E 492 -45.85 35.92 13.52
N ASN E 493 -46.28 37.02 12.92
CA ASN E 493 -47.40 37.81 13.44
C ASN E 493 -48.54 37.69 12.44
N ARG E 494 -49.33 36.63 12.59
CA ARG E 494 -50.47 36.41 11.69
C ARG E 494 -51.51 37.52 11.70
N PRO E 495 -51.96 38.05 12.85
CA PRO E 495 -52.96 39.12 12.78
C PRO E 495 -52.44 40.42 12.20
N GLN E 496 -51.15 40.72 12.33
CA GLN E 496 -50.63 41.92 11.67
C GLN E 496 -50.62 41.74 10.16
N ILE E 497 -50.20 40.56 9.70
CA ILE E 497 -50.32 40.23 8.29
C ILE E 497 -51.77 40.28 7.84
N GLY E 498 -52.69 39.94 8.75
CA GLY E 498 -54.11 40.09 8.43
C GLY E 498 -54.54 41.53 8.28
N VAL E 499 -54.01 42.40 9.14
CA VAL E 499 -54.28 43.84 9.00
C VAL E 499 -53.82 44.31 7.64
N VAL E 500 -52.62 43.90 7.24
CA VAL E 500 -52.08 44.32 5.94
C VAL E 500 -52.97 43.80 4.82
N ARG E 501 -53.34 42.52 4.87
CA ARG E 501 -54.14 41.91 3.81
C ARG E 501 -55.51 42.56 3.71
N GLU E 502 -56.12 42.90 4.85
CA GLU E 502 -57.42 43.54 4.85
C GLU E 502 -57.33 45.01 4.43
N PHE E 503 -56.16 45.61 4.53
CA PHE E 503 -56.00 46.96 3.99
C PHE E 503 -54.83 47.02 3.02
N LEU E 504 -54.79 46.07 2.10
CA LEU E 504 -54.03 46.19 0.85
C LEU E 504 -54.93 46.09 -0.37
N THR E 505 -56.20 45.71 -0.18
CA THR E 505 -57.21 45.87 -1.21
C THR E 505 -57.93 47.20 -1.12
N ARG E 506 -57.65 47.98 -0.08
CA ARG E 506 -58.18 49.33 0.07
C ARG E 506 -57.20 50.38 -0.41
N ASN E 507 -56.05 49.97 -0.93
CA ASN E 507 -54.99 50.88 -1.40
C ASN E 507 -54.64 50.50 -2.83
N PRO E 508 -55.35 51.06 -3.82
CA PRO E 508 -55.09 50.68 -5.22
C PRO E 508 -53.70 51.03 -5.73
N ALA E 509 -53.01 51.98 -5.11
CA ALA E 509 -51.67 52.35 -5.52
C ALA E 509 -50.57 51.65 -4.73
N TRP E 510 -50.93 50.77 -3.80
CA TRP E 510 -49.98 50.06 -2.95
C TRP E 510 -49.87 48.58 -3.29
N ARG E 511 -50.27 48.18 -4.51
CA ARG E 511 -50.27 46.78 -4.88
C ARG E 511 -48.86 46.22 -5.10
N LYS E 512 -47.84 47.07 -5.12
CA LYS E 512 -46.48 46.61 -5.39
C LYS E 512 -45.48 47.02 -4.32
N ALA E 513 -45.94 47.53 -3.18
CA ALA E 513 -45.04 47.89 -2.09
C ALA E 513 -44.34 46.66 -1.55
N VAL E 514 -43.03 46.77 -1.32
CA VAL E 514 -42.27 45.64 -0.79
C VAL E 514 -42.60 45.44 0.68
N PHE E 515 -42.69 44.19 1.10
CA PHE E 515 -43.03 43.84 2.48
C PHE E 515 -41.75 43.65 3.27
N ILE E 516 -41.58 44.46 4.32
CA ILE E 516 -40.38 44.46 5.14
C ILE E 516 -40.78 44.17 6.58
N SER E 517 -40.06 43.24 7.21
CA SER E 517 -40.24 42.91 8.62
C SER E 517 -38.91 42.34 9.11
N PRO E 518 -38.56 42.61 10.37
CA PRO E 518 -37.24 42.15 10.86
C PRO E 518 -37.07 40.66 10.86
N TYR E 519 -38.15 39.91 11.03
CA TYR E 519 -38.09 38.45 11.16
C TYR E 519 -38.23 37.79 9.79
N ASN E 520 -37.32 36.88 9.50
CA ASN E 520 -37.35 36.19 8.23
C ASN E 520 -38.53 35.23 8.11
N SER E 521 -39.08 34.76 9.23
CA SER E 521 -40.17 33.79 9.16
C SER E 521 -41.45 34.41 8.65
N GLN E 522 -41.90 35.50 9.29
CA GLN E 522 -43.09 36.19 8.81
C GLN E 522 -42.87 36.76 7.42
N ASN E 523 -41.69 37.36 7.19
CA ASN E 523 -41.37 37.93 5.89
C ASN E 523 -41.44 36.88 4.79
N ALA E 524 -41.02 35.66 5.09
CA ALA E 524 -41.09 34.59 4.09
C ALA E 524 -42.51 34.06 3.95
N VAL E 525 -43.24 33.93 5.05
CA VAL E 525 -44.57 33.34 4.99
C VAL E 525 -45.62 34.31 4.48
N ALA E 526 -45.28 35.60 4.34
CA ALA E 526 -46.24 36.56 3.83
C ALA E 526 -46.49 36.39 2.34
N SER E 527 -45.60 35.67 1.64
CA SER E 527 -45.69 35.57 0.19
C SER E 527 -47.00 34.92 -0.27
N LYS E 528 -47.55 34.01 0.51
CA LYS E 528 -48.80 33.37 0.12
C LYS E 528 -49.99 34.30 0.29
N ILE E 529 -50.04 35.05 1.39
CA ILE E 529 -51.25 35.76 1.77
C ILE E 529 -51.44 37.12 1.08
N LEU E 530 -50.37 37.74 0.62
CA LEU E 530 -50.47 39.01 -0.09
C LEU E 530 -49.76 39.02 -1.42
N GLY E 531 -48.75 38.17 -1.61
CA GLY E 531 -48.10 38.02 -2.89
C GLY E 531 -47.10 39.10 -3.25
N LEU E 532 -46.84 40.05 -2.36
CA LEU E 532 -45.91 41.12 -2.63
C LEU E 532 -44.48 40.60 -2.64
N PRO E 533 -43.57 41.31 -3.29
CA PRO E 533 -42.14 41.04 -3.07
C PRO E 533 -41.83 41.22 -1.59
N THR E 534 -41.07 40.28 -1.04
CA THR E 534 -40.75 40.29 0.38
C THR E 534 -39.26 40.50 0.57
N GLN E 535 -38.89 41.07 1.70
CA GLN E 535 -37.48 41.36 1.95
C GLN E 535 -37.27 41.59 3.44
N THR E 536 -36.23 40.96 3.99
CA THR E 536 -35.84 41.22 5.36
C THR E 536 -35.11 42.55 5.46
N VAL E 537 -35.08 43.10 6.67
CA VAL E 537 -34.48 44.42 6.88
C VAL E 537 -32.98 44.36 6.65
N ASP E 538 -32.34 43.25 7.02
CA ASP E 538 -30.89 43.14 6.91
C ASP E 538 -30.44 43.20 5.46
N SER E 539 -31.17 42.56 4.55
CA SER E 539 -30.81 42.58 3.14
C SER E 539 -31.48 43.72 2.38
N SER E 540 -32.52 44.34 2.93
CA SER E 540 -33.11 45.48 2.26
C SER E 540 -32.17 46.67 2.21
N GLN E 541 -31.18 46.73 3.09
CA GLN E 541 -30.27 47.85 3.15
C GLN E 541 -29.50 47.99 1.84
N GLY E 542 -29.42 49.21 1.33
CA GLY E 542 -28.75 49.48 0.08
C GLY E 542 -29.64 49.48 -1.14
N SER E 543 -30.91 49.09 -1.00
CA SER E 543 -31.83 49.02 -2.11
C SER E 543 -33.04 49.91 -1.83
N GLU E 544 -33.51 50.60 -2.85
CA GLU E 544 -34.65 51.49 -2.73
C GLU E 544 -35.85 50.91 -3.47
N TYR E 545 -37.04 51.22 -2.97
CA TYR E 545 -38.28 50.80 -3.59
C TYR E 545 -39.27 51.95 -3.54
N ASP E 546 -40.21 51.95 -4.49
CA ASP E 546 -41.14 53.06 -4.60
C ASP E 546 -42.17 53.10 -3.47
N TYR E 547 -42.34 51.99 -2.75
CA TYR E 547 -43.38 51.89 -1.71
C TYR E 547 -43.02 50.74 -0.78
N VAL E 548 -43.16 50.96 0.52
CA VAL E 548 -42.76 49.97 1.51
C VAL E 548 -43.87 49.79 2.55
N ILE E 549 -44.16 48.54 2.89
CA ILE E 549 -45.02 48.19 4.01
C ILE E 549 -44.14 47.50 5.04
N PHE E 550 -43.95 48.13 6.19
CA PHE E 550 -43.11 47.62 7.27
C PHE E 550 -44.01 47.15 8.40
N THR E 551 -43.72 45.96 8.94
CA THR E 551 -44.52 45.39 10.02
C THR E 551 -43.61 45.02 11.17
N GLN E 552 -43.71 45.73 12.29
CA GLN E 552 -43.01 45.34 13.50
C GLN E 552 -43.66 44.09 14.06
N THR E 553 -43.04 42.94 13.83
CA THR E 553 -43.65 41.66 14.16
C THR E 553 -43.92 41.56 15.65
N THR E 554 -42.88 41.55 16.48
CA THR E 554 -43.03 41.41 17.91
C THR E 554 -42.13 42.40 18.62
N GLU E 555 -42.56 42.82 19.81
CA GLU E 555 -41.72 43.64 20.66
C GLU E 555 -40.58 42.79 21.20
N THR E 556 -39.35 43.24 20.98
CA THR E 556 -38.16 42.57 21.45
C THR E 556 -37.03 43.59 21.53
N ALA E 557 -35.81 43.11 21.67
CA ALA E 557 -34.63 43.94 21.46
C ALA E 557 -34.10 43.83 20.04
N HIS E 558 -34.70 42.98 19.21
CA HIS E 558 -34.30 42.86 17.82
C HIS E 558 -35.13 43.73 16.89
N SER E 559 -36.45 43.77 17.10
CA SER E 559 -37.34 44.55 16.25
C SER E 559 -37.54 45.96 16.73
N CYS E 560 -37.32 46.24 18.01
CA CYS E 560 -37.34 47.60 18.51
C CYS E 560 -35.96 48.24 18.49
N ASN E 561 -35.08 47.78 17.61
CA ASN E 561 -33.75 48.35 17.47
C ASN E 561 -33.82 49.58 16.59
N VAL E 562 -33.35 50.72 17.10
CA VAL E 562 -33.50 51.97 16.38
C VAL E 562 -32.71 51.96 15.08
N ASN E 563 -31.53 51.33 15.07
CA ASN E 563 -30.76 51.24 13.84
C ASN E 563 -31.49 50.42 12.79
N ARG E 564 -32.04 49.28 13.18
CA ARG E 564 -32.77 48.43 12.24
C ARG E 564 -34.01 49.15 11.70
N PHE E 565 -34.75 49.80 12.58
CA PHE E 565 -35.96 50.48 12.13
C PHE E 565 -35.62 51.67 11.23
N ASN E 566 -34.53 52.36 11.52
CA ASN E 566 -34.12 53.49 10.69
C ASN E 566 -33.64 53.03 9.32
N VAL E 567 -32.93 51.91 9.25
CA VAL E 567 -32.55 51.39 7.93
C VAL E 567 -33.72 50.72 7.24
N ALA E 568 -34.81 50.44 7.97
CA ALA E 568 -35.99 49.87 7.35
C ALA E 568 -36.84 50.94 6.69
N ILE E 569 -37.15 52.00 7.42
CA ILE E 569 -38.10 52.98 6.89
C ILE E 569 -37.50 53.75 5.72
N THR E 570 -36.20 54.04 5.75
CA THR E 570 -35.60 54.94 4.78
C THR E 570 -35.32 54.29 3.43
N ARG E 571 -35.91 53.13 3.15
CA ARG E 571 -35.86 52.57 1.80
C ARG E 571 -37.03 53.01 0.94
N ALA E 572 -38.01 53.69 1.52
CA ALA E 572 -39.14 54.18 0.76
C ALA E 572 -38.71 55.32 -0.16
N LYS E 573 -39.46 55.50 -1.24
CA LYS E 573 -39.15 56.58 -2.16
C LYS E 573 -40.25 57.62 -2.25
N VAL E 574 -41.52 57.22 -2.20
CA VAL E 574 -42.60 58.20 -2.15
C VAL E 574 -43.53 58.02 -0.96
N GLY E 575 -43.65 56.83 -0.38
CA GLY E 575 -44.52 56.63 0.76
C GLY E 575 -44.28 55.28 1.38
N ILE E 576 -44.66 55.18 2.66
CA ILE E 576 -44.43 53.95 3.42
C ILE E 576 -45.50 53.83 4.50
N LEU E 577 -46.14 52.67 4.58
CA LEU E 577 -47.01 52.35 5.69
C LEU E 577 -46.31 51.35 6.60
N CYS E 578 -46.26 51.66 7.88
CA CYS E 578 -45.65 50.77 8.86
C CYS E 578 -46.60 50.59 10.02
N ILE E 579 -46.74 49.35 10.46
CA ILE E 579 -47.51 49.02 11.65
C ILE E 579 -46.52 48.70 12.77
N MET E 580 -46.75 49.31 13.93
CA MET E 580 -45.76 49.32 15.00
C MET E 580 -46.30 48.63 16.25
N SER E 581 -45.38 48.32 17.16
CA SER E 581 -45.69 47.63 18.41
C SER E 581 -45.37 48.48 19.63
N ASP E 582 -44.17 49.01 19.72
CA ASP E 582 -43.74 49.74 20.90
C ASP E 582 -44.46 51.07 20.98
N ARG E 583 -45.16 51.30 22.09
CA ARG E 583 -45.89 52.56 22.28
C ARG E 583 -44.96 53.76 22.19
N ASP E 584 -43.67 53.56 22.46
CA ASP E 584 -42.69 54.61 22.28
C ASP E 584 -42.34 54.78 20.81
N LEU E 585 -42.04 53.69 20.12
CA LEU E 585 -41.53 53.78 18.75
C LEU E 585 -42.53 54.41 17.82
N TYR E 586 -43.80 54.03 17.92
CA TYR E 586 -44.86 54.67 17.14
C TYR E 586 -45.02 56.14 17.53
N ASP E 587 -44.59 56.53 18.72
CA ASP E 587 -44.77 57.91 19.17
C ASP E 587 -43.60 58.80 18.82
N LYS E 588 -42.40 58.23 18.66
CA LYS E 588 -41.23 59.05 18.36
C LYS E 588 -41.24 59.56 16.93
N LEU E 589 -41.88 58.84 16.02
CA LEU E 589 -42.10 59.28 14.66
C LEU E 589 -43.41 60.06 14.57
N GLN E 590 -43.50 60.92 13.56
CA GLN E 590 -44.68 61.75 13.36
C GLN E 590 -45.29 61.43 12.00
N PHE E 591 -46.25 60.52 11.99
CA PHE E 591 -46.92 60.10 10.77
C PHE E 591 -48.43 60.29 10.86
N THR E 592 -49.17 59.74 9.90
CA THR E 592 -50.59 60.00 9.75
C THR E 592 -51.43 59.14 10.70
N SER E 593 -52.75 59.31 10.62
CA SER E 593 -53.62 58.96 11.73
C SER E 593 -54.00 57.47 11.75
N LEU E 594 -54.72 57.02 10.72
CA LEU E 594 -55.39 55.70 10.72
C LEU E 594 -56.30 55.53 11.93
N ALA F 5 -0.33 -11.13 22.09
CA ALA F 5 -1.57 -10.41 21.83
C ALA F 5 -2.00 -9.62 23.05
N VAL F 6 -2.40 -8.38 22.86
CA VAL F 6 -2.88 -7.55 23.93
C VAL F 6 -4.40 -7.48 23.87
N GLY F 7 -5.01 -7.10 24.96
CA GLY F 7 -6.45 -7.01 25.01
C GLY F 7 -6.91 -6.16 26.18
N ALA F 8 -8.13 -6.42 26.62
CA ALA F 8 -8.75 -5.68 27.70
C ALA F 8 -8.95 -6.61 28.89
N CYS F 9 -8.59 -6.13 30.08
CA CYS F 9 -8.84 -6.86 31.30
C CYS F 9 -10.33 -7.14 31.44
N VAL F 10 -10.66 -8.30 32.01
CA VAL F 10 -12.07 -8.67 32.05
C VAL F 10 -12.84 -7.80 33.04
N LEU F 11 -12.27 -7.51 34.20
CA LEU F 11 -13.03 -6.83 35.24
C LEU F 11 -12.71 -5.35 35.38
N CYS F 12 -11.80 -4.82 34.56
CA CYS F 12 -11.59 -3.37 34.55
C CYS F 12 -11.43 -2.78 33.16
N ASN F 13 -11.31 -3.60 32.12
CA ASN F 13 -11.26 -3.17 30.71
C ASN F 13 -10.10 -2.23 30.41
N SER F 14 -9.07 -2.22 31.23
CA SER F 14 -7.84 -1.53 30.88
C SER F 14 -7.04 -2.37 29.90
N GLN F 15 -6.11 -1.72 29.20
CA GLN F 15 -5.23 -2.45 28.29
C GLN F 15 -4.30 -3.35 29.08
N THR F 16 -4.04 -4.54 28.54
CA THR F 16 -3.18 -5.50 29.23
C THR F 16 -2.64 -6.50 28.23
N SER F 17 -1.66 -7.28 28.68
CA SER F 17 -1.10 -8.34 27.87
C SER F 17 -0.80 -9.59 28.69
N LEU F 18 -1.51 -9.80 29.77
CA LEU F 18 -1.38 -11.01 30.57
C LEU F 18 -2.54 -11.94 30.27
N ARG F 19 -2.57 -13.06 30.98
CA ARG F 19 -3.63 -14.04 30.82
C ARG F 19 -3.51 -15.03 31.94
N CYS F 20 -4.64 -15.52 32.44
CA CYS F 20 -4.59 -16.54 33.48
C CYS F 20 -4.60 -17.89 32.79
N GLY F 21 -3.42 -18.50 32.66
CA GLY F 21 -3.28 -19.70 31.86
C GLY F 21 -3.94 -20.92 32.48
N ALA F 22 -4.14 -20.91 33.79
CA ALA F 22 -4.76 -22.07 34.42
C ALA F 22 -6.26 -22.12 34.19
N CYS F 23 -6.88 -20.99 33.86
CA CYS F 23 -8.31 -20.99 33.60
C CYS F 23 -8.61 -21.73 32.31
N ILE F 24 -9.85 -22.20 32.19
CA ILE F 24 -10.26 -22.93 30.99
C ILE F 24 -10.26 -21.98 29.80
N ARG F 25 -10.64 -20.73 30.01
CA ARG F 25 -10.81 -19.80 28.90
C ARG F 25 -9.62 -18.89 28.68
N ARG F 26 -8.69 -18.81 29.63
CA ARG F 26 -7.55 -17.92 29.53
C ARG F 26 -7.99 -16.49 29.30
N PRO F 27 -8.59 -15.82 30.29
CA PRO F 27 -9.01 -14.44 30.10
C PRO F 27 -7.87 -13.47 30.30
N PHE F 28 -7.93 -12.36 29.58
CA PHE F 28 -6.96 -11.29 29.79
C PHE F 28 -7.14 -10.69 31.17
N LEU F 29 -6.03 -10.25 31.75
CA LEU F 29 -6.06 -9.68 33.08
C LEU F 29 -5.05 -8.55 33.18
N CYS F 30 -5.48 -7.41 33.68
CA CYS F 30 -4.58 -6.30 33.90
C CYS F 30 -3.66 -6.61 35.07
N CYS F 31 -2.64 -5.75 35.23
CA CYS F 31 -1.58 -6.02 36.20
C CYS F 31 -2.13 -6.20 37.61
N LYS F 32 -2.78 -5.18 38.15
CA LYS F 32 -3.29 -5.27 39.52
C LYS F 32 -4.36 -6.34 39.62
N CYS F 33 -5.23 -6.45 38.62
CA CYS F 33 -6.25 -7.48 38.64
C CYS F 33 -5.63 -8.87 38.56
N CYS F 34 -4.57 -9.02 37.76
CA CYS F 34 -3.92 -10.34 37.70
C CYS F 34 -3.26 -10.70 39.02
N TYR F 35 -2.62 -9.73 39.67
CA TYR F 35 -2.03 -10.02 40.96
C TYR F 35 -3.11 -10.42 41.96
N ASP F 36 -4.24 -9.73 41.95
CA ASP F 36 -5.31 -10.06 42.87
C ASP F 36 -5.91 -11.42 42.57
N HIS F 37 -5.90 -11.85 41.30
CA HIS F 37 -6.40 -13.17 40.98
C HIS F 37 -5.43 -14.27 41.36
N VAL F 38 -4.12 -14.01 41.26
CA VAL F 38 -3.18 -15.09 41.52
C VAL F 38 -2.82 -15.21 43.00
N ILE F 39 -2.78 -14.11 43.74
CA ILE F 39 -2.48 -14.21 45.17
C ILE F 39 -3.64 -14.82 45.96
N SER F 40 -4.86 -14.75 45.44
CA SER F 40 -6.03 -15.27 46.13
C SER F 40 -6.32 -16.72 45.79
N THR F 41 -6.56 -17.01 44.52
CA THR F 41 -6.99 -18.33 44.10
C THR F 41 -5.79 -19.27 44.00
N SER F 42 -6.01 -20.45 43.42
CA SER F 42 -4.96 -21.43 43.23
C SER F 42 -4.44 -21.44 41.79
N HIS F 43 -4.79 -20.43 41.00
CA HIS F 43 -4.20 -20.28 39.67
C HIS F 43 -2.89 -19.53 39.79
N LYS F 44 -1.78 -20.23 39.56
CA LYS F 44 -0.47 -19.63 39.70
C LYS F 44 0.30 -19.63 38.38
N LEU F 45 -0.38 -19.84 37.25
CA LEU F 45 0.26 -19.80 35.94
C LEU F 45 -0.30 -18.62 35.17
N VAL F 46 0.59 -17.75 34.68
CA VAL F 46 0.21 -16.54 33.96
C VAL F 46 0.93 -16.52 32.63
N LEU F 47 0.20 -16.27 31.57
CA LEU F 47 0.74 -16.26 30.22
C LEU F 47 0.81 -14.83 29.72
N SER F 48 2.01 -14.34 29.52
CA SER F 48 2.28 -13.09 28.81
C SER F 48 2.51 -13.43 27.34
N VAL F 49 3.11 -12.52 26.57
CA VAL F 49 3.43 -12.80 25.18
C VAL F 49 4.33 -14.02 25.04
N ASN F 50 5.04 -14.40 26.11
CA ASN F 50 5.66 -15.69 26.24
C ASN F 50 5.21 -16.29 27.57
N PRO F 51 5.03 -17.61 27.64
CA PRO F 51 4.59 -18.21 28.91
C PRO F 51 5.60 -17.98 30.02
N TYR F 52 5.09 -17.81 31.24
CA TYR F 52 5.93 -17.60 32.40
C TYR F 52 6.40 -18.90 33.03
N VAL F 53 7.35 -19.56 32.37
CA VAL F 53 7.92 -20.80 32.88
C VAL F 53 9.40 -20.60 33.16
N CYS F 54 10.05 -21.63 33.67
CA CYS F 54 11.48 -21.57 33.99
C CYS F 54 12.28 -21.98 32.77
N ASN F 55 12.91 -21.02 32.11
CA ASN F 55 13.62 -21.27 30.86
C ASN F 55 15.03 -21.78 31.11
N ALA F 56 15.15 -22.78 31.92
CA ALA F 56 16.42 -23.44 32.20
C ALA F 56 16.61 -24.62 31.26
N PRO F 57 17.84 -25.12 31.11
CA PRO F 57 17.99 -26.40 30.42
C PRO F 57 17.20 -27.50 31.10
N GLY F 58 17.41 -27.72 32.39
CA GLY F 58 16.50 -28.55 33.14
C GLY F 58 15.89 -27.88 34.34
N CYS F 59 14.61 -27.54 34.24
CA CYS F 59 13.74 -27.17 35.35
C CYS F 59 12.36 -26.86 34.81
N ASP F 60 11.33 -27.05 35.64
CA ASP F 60 9.94 -26.83 35.23
C ASP F 60 9.20 -26.20 36.41
N VAL F 61 9.14 -24.87 36.42
CA VAL F 61 8.41 -24.12 37.42
C VAL F 61 7.35 -23.29 36.71
N THR F 62 6.10 -23.47 37.11
CA THR F 62 4.99 -22.73 36.52
C THR F 62 4.47 -21.60 37.39
N ASP F 63 4.66 -21.71 38.71
CA ASP F 63 4.15 -20.70 39.62
C ASP F 63 4.73 -19.33 39.27
N VAL F 64 3.90 -18.30 39.41
CA VAL F 64 4.35 -16.94 39.10
C VAL F 64 4.76 -16.19 40.37
N THR F 65 4.27 -16.57 41.54
CA THR F 65 4.78 -15.95 42.75
C THR F 65 6.20 -16.40 43.06
N GLN F 66 6.66 -17.49 42.43
CA GLN F 66 8.00 -18.02 42.62
C GLN F 66 8.84 -17.93 41.36
N LEU F 67 8.56 -16.97 40.49
CA LEU F 67 9.37 -16.72 39.31
C LEU F 67 10.03 -15.35 39.43
N TYR F 68 11.34 -15.31 39.17
CA TYR F 68 12.10 -14.08 39.10
C TYR F 68 12.67 -14.00 37.70
N LEU F 69 12.52 -12.87 37.05
CA LEU F 69 13.08 -12.72 35.72
C LEU F 69 14.50 -12.19 35.82
N GLY F 70 15.31 -12.60 34.87
CA GLY F 70 16.71 -12.20 34.84
C GLY F 70 17.21 -12.25 33.41
N GLY F 71 18.05 -11.28 33.07
CA GLY F 71 18.54 -11.16 31.71
C GLY F 71 17.39 -11.02 30.74
N MET F 72 17.17 -12.06 29.94
CA MET F 72 16.05 -12.07 29.00
C MET F 72 15.20 -13.33 29.17
N SER F 73 15.05 -13.81 30.41
CA SER F 73 14.22 -14.98 30.64
C SER F 73 13.64 -14.91 32.04
N TYR F 74 12.94 -15.97 32.43
CA TYR F 74 12.36 -16.08 33.76
C TYR F 74 12.80 -17.42 34.35
N TYR F 75 13.39 -17.38 35.54
CA TYR F 75 13.80 -18.59 36.23
C TYR F 75 13.26 -18.59 37.65
N CYS F 76 13.33 -19.75 38.28
CA CYS F 76 13.01 -19.85 39.70
C CYS F 76 14.23 -19.40 40.49
N LYS F 77 14.24 -19.65 41.79
CA LYS F 77 15.33 -19.15 42.63
C LYS F 77 16.61 -19.97 42.46
N SER F 78 16.51 -21.19 41.97
CA SER F 78 17.69 -22.03 41.79
C SER F 78 18.41 -21.77 40.48
N HIS F 79 17.86 -20.93 39.61
CA HIS F 79 18.40 -20.79 38.27
C HIS F 79 18.46 -19.33 37.82
N LYS F 80 18.39 -18.36 38.74
CA LYS F 80 18.36 -16.92 38.47
C LYS F 80 19.76 -16.35 38.50
N PRO F 81 19.99 -15.22 37.83
CA PRO F 81 21.36 -14.69 37.71
C PRO F 81 21.74 -13.95 38.97
N PRO F 82 22.95 -13.38 39.04
CA PRO F 82 23.28 -12.50 40.18
C PRO F 82 22.39 -11.27 40.32
N ILE F 83 21.70 -10.88 39.26
CA ILE F 83 20.74 -9.78 39.28
C ILE F 83 19.37 -10.33 39.69
N SER F 84 18.50 -9.45 40.15
CA SER F 84 17.15 -9.79 40.57
C SER F 84 16.30 -9.90 39.29
N PHE F 85 14.95 -10.00 39.31
CA PHE F 85 13.98 -9.46 40.26
C PHE F 85 12.61 -10.15 40.15
N PRO F 86 11.75 -9.99 41.16
CA PRO F 86 10.45 -10.67 41.13
C PRO F 86 9.59 -10.23 39.96
N LEU F 87 8.94 -11.19 39.32
CA LEU F 87 7.98 -10.88 38.29
C LEU F 87 6.69 -10.34 38.90
N CYS F 88 6.37 -10.78 40.11
CA CYS F 88 5.08 -10.53 40.76
C CYS F 88 5.33 -9.78 42.06
N ALA F 89 5.33 -8.45 41.98
CA ALA F 89 5.73 -7.63 43.13
C ALA F 89 5.10 -6.27 43.01
N ASN F 90 5.16 -5.52 44.12
CA ASN F 90 4.62 -4.17 44.21
C ASN F 90 3.12 -4.13 43.94
N GLY F 91 2.44 -5.24 44.20
CA GLY F 91 1.03 -5.33 43.91
C GLY F 91 0.68 -5.61 42.47
N GLN F 92 1.66 -5.78 41.59
CA GLN F 92 1.40 -5.97 40.17
C GLN F 92 2.21 -7.13 39.64
N VAL F 93 1.71 -7.73 38.56
CA VAL F 93 2.42 -8.76 37.82
C VAL F 93 3.00 -8.12 36.58
N PHE F 94 4.32 -8.25 36.41
CA PHE F 94 5.04 -7.56 35.36
C PHE F 94 4.52 -7.92 33.98
N GLY F 95 3.94 -6.95 33.29
CA GLY F 95 3.41 -7.16 31.95
C GLY F 95 3.36 -5.88 31.16
N LEU F 96 2.72 -5.89 30.00
CA LEU F 96 2.63 -4.68 29.21
C LEU F 96 1.64 -3.69 29.82
N TYR F 97 1.85 -2.42 29.53
CA TYR F 97 1.02 -1.32 30.00
C TYR F 97 0.93 -1.32 31.52
N LYS F 98 2.10 -1.10 32.15
CA LYS F 98 2.18 -1.27 33.59
C LYS F 98 1.53 -0.11 34.34
N ASN F 99 1.42 1.05 33.70
CA ASN F 99 0.93 2.24 34.41
C ASN F 99 -0.37 2.78 33.84
N THR F 100 -1.09 1.98 33.05
CA THR F 100 -2.45 2.31 32.65
C THR F 100 -3.46 1.35 33.27
N CYS F 101 -3.01 0.49 34.17
CA CYS F 101 -3.81 -0.59 34.71
C CYS F 101 -4.47 -0.14 35.99
N VAL F 102 -5.78 0.04 35.96
CA VAL F 102 -6.58 0.39 37.13
C VAL F 102 -7.09 -0.89 37.78
N GLY F 103 -6.88 -1.01 39.08
CA GLY F 103 -7.41 -2.14 39.80
C GLY F 103 -8.91 -2.03 39.98
N SER F 104 -9.53 -3.17 40.27
CA SER F 104 -10.97 -3.23 40.49
C SER F 104 -11.22 -4.39 41.42
N ASP F 105 -11.83 -4.13 42.58
CA ASP F 105 -12.04 -5.21 43.51
C ASP F 105 -12.97 -6.32 43.03
N ASN F 106 -14.10 -5.96 42.44
CA ASN F 106 -14.98 -7.01 41.98
C ASN F 106 -14.22 -8.26 41.59
N VAL F 107 -13.01 -8.44 42.12
CA VAL F 107 -12.32 -9.71 42.02
C VAL F 107 -12.84 -10.69 43.06
N THR F 108 -13.52 -10.21 44.09
CA THR F 108 -14.08 -11.08 45.13
C THR F 108 -15.20 -11.96 44.59
N ASP F 109 -15.74 -11.65 43.43
CA ASP F 109 -16.66 -12.53 42.74
C ASP F 109 -16.04 -13.15 41.49
N PHE F 110 -15.03 -12.52 40.91
CA PHE F 110 -14.32 -13.14 39.82
C PHE F 110 -13.61 -14.40 40.27
N ASN F 111 -13.15 -14.44 41.53
CA ASN F 111 -12.60 -15.68 42.06
C ASN F 111 -13.65 -16.79 42.06
N ALA F 112 -14.87 -16.47 42.51
CA ALA F 112 -15.90 -17.50 42.59
C ALA F 112 -16.41 -17.89 41.22
N ILE F 113 -16.31 -17.00 40.24
CA ILE F 113 -16.67 -17.37 38.87
C ILE F 113 -15.60 -18.27 38.27
N ALA F 114 -14.33 -17.91 38.43
CA ALA F 114 -13.25 -18.62 37.76
C ALA F 114 -12.94 -19.95 38.43
N THR F 115 -13.20 -20.08 39.73
CA THR F 115 -12.72 -21.25 40.43
C THR F 115 -13.82 -22.30 40.65
N CYS F 116 -15.07 -21.94 40.42
CA CYS F 116 -16.16 -22.87 40.65
C CYS F 116 -16.15 -23.98 39.60
N ASP F 117 -16.87 -25.06 39.90
CA ASP F 117 -17.04 -26.17 38.98
C ASP F 117 -18.49 -26.40 38.59
N TRP F 118 -19.38 -25.45 38.91
CA TRP F 118 -20.76 -25.41 38.45
C TRP F 118 -21.62 -26.55 38.98
N THR F 119 -21.06 -27.39 39.85
CA THR F 119 -21.80 -28.52 40.38
C THR F 119 -22.95 -28.05 41.27
N ASN F 120 -22.73 -27.03 42.08
CA ASN F 120 -23.77 -26.56 42.98
C ASN F 120 -24.69 -25.57 42.27
N ALA F 121 -25.77 -25.20 42.95
CA ALA F 121 -26.75 -24.30 42.36
C ALA F 121 -26.27 -22.86 42.35
N GLY F 122 -25.64 -22.39 43.43
CA GLY F 122 -25.33 -20.99 43.57
C GLY F 122 -24.37 -20.44 42.53
N ASP F 123 -23.60 -21.32 41.89
CA ASP F 123 -22.66 -20.87 40.87
C ASP F 123 -23.39 -20.19 39.73
N TYR F 124 -24.52 -20.75 39.31
CA TYR F 124 -25.32 -20.11 38.27
C TYR F 124 -25.95 -18.81 38.79
N ILE F 125 -26.45 -18.81 40.02
CA ILE F 125 -27.16 -17.65 40.53
C ILE F 125 -26.23 -16.46 40.73
N LEU F 126 -24.93 -16.70 40.91
CA LEU F 126 -23.98 -15.59 40.98
C LEU F 126 -23.18 -15.43 39.70
N ALA F 127 -23.36 -16.33 38.74
CA ALA F 127 -22.84 -16.16 37.40
C ALA F 127 -23.80 -15.41 36.49
N ASN F 128 -24.91 -14.92 37.05
CA ASN F 128 -25.92 -14.22 36.28
C ASN F 128 -26.23 -12.83 36.82
N THR F 129 -25.93 -12.54 38.08
CA THR F 129 -26.19 -11.22 38.65
C THR F 129 -24.97 -10.32 38.63
N CYS F 130 -23.83 -10.82 38.18
CA CYS F 130 -22.60 -10.03 38.13
C CYS F 130 -22.70 -9.03 36.97
N THR F 131 -21.64 -8.24 36.79
CA THR F 131 -21.66 -7.22 35.76
C THR F 131 -21.62 -7.85 34.37
N GLU F 132 -21.66 -7.00 33.34
CA GLU F 132 -21.82 -7.51 31.99
C GLU F 132 -20.58 -8.21 31.49
N ARG F 133 -19.41 -7.60 31.66
CA ARG F 133 -18.18 -8.22 31.19
C ARG F 133 -17.84 -9.48 31.96
N LEU F 134 -18.50 -9.73 33.08
CA LEU F 134 -18.44 -11.02 33.76
C LEU F 134 -19.63 -11.91 33.44
N LYS F 135 -20.77 -11.32 33.08
CA LYS F 135 -21.87 -12.11 32.52
C LYS F 135 -21.42 -12.85 31.28
N LEU F 136 -20.57 -12.23 30.46
CA LEU F 136 -20.06 -12.91 29.28
C LEU F 136 -19.05 -13.99 29.63
N PHE F 137 -18.12 -13.68 30.54
CA PHE F 137 -17.06 -14.63 30.87
C PHE F 137 -17.61 -15.86 31.57
N ALA F 138 -18.60 -15.69 32.45
CA ALA F 138 -19.18 -16.84 33.12
C ALA F 138 -19.88 -17.76 32.12
N ALA F 139 -20.60 -17.20 31.16
CA ALA F 139 -21.24 -18.01 30.14
C ALA F 139 -20.21 -18.74 29.30
N GLU F 140 -19.13 -18.06 28.92
CA GLU F 140 -18.09 -18.69 28.12
C GLU F 140 -17.45 -19.86 28.85
N THR F 141 -17.08 -19.66 30.13
CA THR F 141 -16.42 -20.73 30.85
C THR F 141 -17.39 -21.86 31.18
N LEU F 142 -18.68 -21.56 31.35
CA LEU F 142 -19.66 -22.62 31.54
C LEU F 142 -19.77 -23.49 30.30
N LYS F 143 -19.84 -22.87 29.12
CA LYS F 143 -19.91 -23.68 27.91
C LYS F 143 -18.64 -24.49 27.72
N ALA F 144 -17.48 -23.90 28.03
CA ALA F 144 -16.24 -24.67 27.93
C ALA F 144 -16.24 -25.86 28.87
N THR F 145 -16.74 -25.66 30.10
CA THR F 145 -16.80 -26.76 31.05
C THR F 145 -17.71 -27.86 30.55
N GLU F 146 -18.87 -27.51 29.99
CA GLU F 146 -19.76 -28.53 29.46
C GLU F 146 -19.12 -29.28 28.29
N GLU F 147 -18.43 -28.55 27.41
CA GLU F 147 -17.79 -29.21 26.28
C GLU F 147 -16.70 -30.18 26.73
N THR F 148 -15.91 -29.80 27.72
CA THR F 148 -14.92 -30.73 28.23
C THR F 148 -15.55 -31.87 29.01
N PHE F 149 -16.71 -31.63 29.63
CA PHE F 149 -17.42 -32.69 30.33
C PHE F 149 -17.93 -33.74 29.35
N LYS F 150 -18.31 -33.33 28.15
CA LYS F 150 -18.72 -34.27 27.11
C LYS F 150 -17.53 -34.96 26.45
N LEU F 151 -16.31 -34.76 26.95
CA LEU F 151 -15.14 -35.49 26.49
C LEU F 151 -14.88 -36.74 27.32
N SER F 152 -15.45 -36.82 28.51
CA SER F 152 -15.43 -38.02 29.34
C SER F 152 -16.75 -38.74 29.11
N TYR F 153 -16.85 -39.63 28.12
CA TYR F 153 -18.15 -40.28 27.88
C TYR F 153 -18.18 -41.76 27.45
N GLY F 154 -19.37 -42.37 27.59
CA GLY F 154 -19.63 -43.76 27.22
C GLY F 154 -19.65 -43.97 25.71
N ILE F 155 -19.48 -45.21 25.23
CA ILE F 155 -19.44 -45.41 23.78
C ILE F 155 -20.08 -46.75 23.44
N ALA F 156 -20.79 -46.79 22.32
CA ALA F 156 -21.56 -47.95 21.92
C ALA F 156 -21.20 -48.33 20.49
N THR F 157 -22.00 -49.24 19.93
CA THR F 157 -22.13 -49.43 18.49
C THR F 157 -23.50 -50.01 18.24
N VAL F 158 -23.74 -50.46 17.00
CA VAL F 158 -24.96 -51.17 16.63
C VAL F 158 -24.67 -52.66 16.76
N ARG F 159 -25.55 -53.38 17.46
CA ARG F 159 -25.35 -54.81 17.68
C ARG F 159 -25.23 -55.55 16.35
N GLU F 160 -26.30 -55.51 15.57
CA GLU F 160 -26.27 -56.02 14.20
C GLU F 160 -27.40 -55.31 13.44
N VAL F 161 -27.37 -55.44 12.11
CA VAL F 161 -28.46 -54.91 11.29
C VAL F 161 -29.77 -55.51 11.78
N LEU F 162 -30.69 -54.64 12.22
CA LEU F 162 -31.93 -55.10 12.84
C LEU F 162 -33.19 -54.58 12.14
N SER F 163 -33.22 -53.31 11.75
CA SER F 163 -34.36 -52.78 11.01
C SER F 163 -33.90 -51.61 10.18
N ASP F 164 -34.74 -51.23 9.20
CA ASP F 164 -34.48 -50.06 8.37
C ASP F 164 -34.90 -48.78 9.04
N ARG F 165 -35.85 -48.83 9.97
CA ARG F 165 -36.23 -47.70 10.80
C ARG F 165 -35.62 -47.73 12.19
N GLU F 166 -35.02 -48.85 12.59
CA GLU F 166 -34.49 -49.00 13.94
C GLU F 166 -33.20 -49.79 13.91
N LEU F 167 -32.23 -49.37 14.71
CA LEU F 167 -31.00 -50.13 14.96
C LEU F 167 -31.06 -50.73 16.37
N HIS F 168 -29.95 -51.29 16.82
CA HIS F 168 -29.81 -51.71 18.20
C HIS F 168 -28.59 -51.04 18.81
N LEU F 169 -28.36 -51.31 20.09
CA LEU F 169 -27.37 -50.61 20.90
C LEU F 169 -26.50 -51.60 21.67
N SER F 170 -25.19 -51.50 21.49
CA SER F 170 -24.21 -52.30 22.21
C SER F 170 -23.24 -51.33 22.88
N TRP F 171 -23.51 -51.01 24.15
CA TRP F 171 -22.71 -50.04 24.87
C TRP F 171 -21.55 -50.73 25.57
N GLU F 172 -20.58 -49.92 26.02
CA GLU F 172 -19.53 -50.46 26.86
C GLU F 172 -20.03 -50.61 28.30
N VAL F 173 -19.29 -51.37 29.11
CA VAL F 173 -19.68 -51.66 30.48
C VAL F 173 -18.87 -50.79 31.43
N GLY F 174 -19.56 -50.09 32.33
CA GLY F 174 -18.92 -49.28 33.35
C GLY F 174 -19.06 -47.79 33.19
N LYS F 175 -19.81 -47.33 32.18
CA LYS F 175 -19.95 -45.91 31.91
C LYS F 175 -21.42 -45.54 31.78
N PRO F 176 -21.77 -44.30 32.14
CA PRO F 176 -23.18 -43.88 32.02
C PRO F 176 -23.58 -43.68 30.57
N ARG F 177 -24.90 -43.48 30.38
CA ARG F 177 -25.47 -43.29 29.07
C ARG F 177 -26.30 -42.00 29.03
N PRO F 178 -26.35 -41.32 27.89
CA PRO F 178 -26.94 -39.97 27.85
C PRO F 178 -28.45 -40.04 27.77
N PRO F 179 -29.13 -38.89 27.85
CA PRO F 179 -30.54 -38.85 27.45
C PRO F 179 -30.67 -38.94 25.94
N LEU F 180 -31.87 -39.32 25.50
CA LEU F 180 -32.14 -39.61 24.10
C LEU F 180 -33.30 -38.76 23.60
N ASN F 181 -32.98 -37.79 22.75
CA ASN F 181 -33.95 -36.96 22.03
C ASN F 181 -33.17 -36.24 20.93
N ARG F 182 -33.81 -35.26 20.28
CA ARG F 182 -33.17 -34.55 19.20
C ARG F 182 -32.01 -33.68 19.65
N ASN F 183 -31.90 -33.40 20.95
CA ASN F 183 -30.81 -32.56 21.44
C ASN F 183 -29.49 -33.32 21.45
N TYR F 184 -29.51 -34.57 21.89
CA TYR F 184 -28.31 -35.40 21.96
C TYR F 184 -28.13 -36.17 20.67
N VAL F 185 -27.06 -35.85 19.94
CA VAL F 185 -26.76 -36.52 18.68
C VAL F 185 -25.49 -37.34 18.87
N PHE F 186 -25.32 -38.34 18.01
CA PHE F 186 -24.27 -39.33 18.19
C PHE F 186 -23.55 -39.58 16.87
N THR F 187 -22.29 -39.99 16.98
CA THR F 187 -21.40 -40.08 15.83
C THR F 187 -20.87 -41.48 15.69
N GLY F 188 -20.79 -41.94 14.45
CA GLY F 188 -20.21 -43.24 14.13
C GLY F 188 -18.76 -43.10 13.71
N TYR F 189 -17.94 -44.06 14.10
CA TYR F 189 -16.52 -44.07 13.78
C TYR F 189 -16.16 -45.34 13.05
N ARG F 190 -15.41 -45.17 11.96
CA ARG F 190 -15.18 -46.19 10.93
C ARG F 190 -13.76 -46.71 10.98
N VAL F 191 -13.30 -47.13 12.16
CA VAL F 191 -11.90 -47.46 12.44
C VAL F 191 -11.61 -48.85 11.89
N THR F 192 -12.47 -49.32 10.96
CA THR F 192 -12.64 -50.70 10.55
C THR F 192 -11.34 -51.50 10.48
N LYS F 193 -10.39 -51.12 9.62
CA LYS F 193 -9.12 -51.80 9.75
C LYS F 193 -7.90 -50.90 9.94
N ASN F 194 -7.47 -50.02 9.02
CA ASN F 194 -8.07 -49.11 7.98
C ASN F 194 -8.85 -47.88 8.41
N SER F 195 -8.11 -46.92 8.98
CA SER F 195 -8.31 -45.50 8.69
C SER F 195 -9.69 -45.00 9.16
N LYS F 196 -9.80 -44.86 10.47
CA LYS F 196 -10.92 -44.17 11.10
C LYS F 196 -11.26 -42.84 10.44
N VAL F 197 -12.46 -42.74 9.83
CA VAL F 197 -13.04 -41.49 9.37
C VAL F 197 -14.54 -41.53 9.68
N GLN F 198 -15.24 -40.46 9.28
CA GLN F 198 -16.66 -40.33 9.55
C GLN F 198 -17.50 -40.74 8.35
N ILE F 199 -18.65 -41.36 8.64
CA ILE F 199 -19.64 -41.65 7.61
C ILE F 199 -20.94 -40.88 7.80
N GLY F 200 -21.30 -40.49 9.02
CA GLY F 200 -22.56 -39.83 9.27
C GLY F 200 -22.98 -39.92 10.72
N GLU F 201 -23.80 -38.96 11.12
CA GLU F 201 -24.26 -38.84 12.50
C GLU F 201 -25.67 -39.39 12.62
N TYR F 202 -25.91 -40.19 13.65
CA TYR F 202 -27.23 -40.69 13.97
C TYR F 202 -27.60 -40.24 15.38
N THR F 203 -28.84 -39.80 15.55
CA THR F 203 -29.39 -39.52 16.87
C THR F 203 -30.23 -40.73 17.29
N PHE F 204 -30.23 -41.00 18.60
CA PHE F 204 -30.74 -42.26 19.11
C PHE F 204 -31.86 -42.01 20.12
N GLU F 205 -32.67 -43.05 20.32
CA GLU F 205 -33.81 -43.00 21.21
C GLU F 205 -34.20 -44.42 21.60
N LYS F 206 -34.61 -44.58 22.86
CA LYS F 206 -34.89 -45.88 23.45
C LYS F 206 -35.89 -46.67 22.62
N GLY F 207 -35.70 -48.00 22.58
CA GLY F 207 -36.56 -48.86 21.81
C GLY F 207 -37.76 -49.37 22.58
N ASP F 208 -38.45 -50.34 21.98
CA ASP F 208 -39.68 -50.86 22.55
C ASP F 208 -39.41 -51.61 23.86
N TYR F 209 -38.60 -52.67 23.79
CA TYR F 209 -38.33 -53.51 24.95
C TYR F 209 -36.91 -54.04 24.86
N GLY F 210 -36.39 -54.47 26.00
CA GLY F 210 -35.05 -55.03 26.02
C GLY F 210 -34.01 -53.98 25.69
N ASP F 211 -33.42 -54.08 24.51
CA ASP F 211 -32.42 -53.14 24.04
C ASP F 211 -32.65 -52.89 22.56
N ALA F 212 -32.96 -51.64 22.21
CA ALA F 212 -33.20 -51.24 20.82
C ALA F 212 -33.08 -49.73 20.74
N VAL F 213 -32.89 -49.23 19.52
CA VAL F 213 -32.96 -47.79 19.29
C VAL F 213 -33.85 -47.54 18.08
N VAL F 214 -34.80 -46.62 18.24
CA VAL F 214 -35.55 -46.05 17.12
C VAL F 214 -34.99 -44.66 16.91
N TYR F 215 -34.39 -44.42 15.75
CA TYR F 215 -33.38 -43.38 15.61
C TYR F 215 -33.80 -42.28 14.65
N ARG F 216 -32.88 -41.37 14.38
CA ARG F 216 -33.01 -40.38 13.31
C ARG F 216 -31.66 -40.28 12.61
N GLY F 217 -31.66 -40.35 11.28
CA GLY F 217 -30.45 -40.55 10.51
C GLY F 217 -29.88 -39.26 9.94
N THR F 218 -28.57 -39.27 9.68
CA THR F 218 -27.94 -38.18 8.95
C THR F 218 -27.59 -38.58 7.52
N THR F 219 -26.83 -39.65 7.34
CA THR F 219 -26.37 -40.06 6.03
C THR F 219 -26.90 -41.45 5.68
N THR F 220 -27.11 -41.68 4.38
CA THR F 220 -27.59 -42.95 3.85
C THR F 220 -26.52 -44.04 3.89
N TYR F 221 -25.25 -43.68 4.12
CA TYR F 221 -24.17 -44.66 4.10
C TYR F 221 -24.34 -45.67 5.24
N LYS F 222 -24.77 -46.89 4.89
CA LYS F 222 -25.18 -47.89 5.87
C LYS F 222 -23.96 -48.71 6.28
N LEU F 223 -23.62 -48.63 7.56
CA LEU F 223 -22.44 -49.31 8.09
C LEU F 223 -22.74 -50.75 8.44
N ASN F 224 -21.68 -51.55 8.51
CA ASN F 224 -21.71 -52.83 9.21
C ASN F 224 -21.41 -52.57 10.68
N VAL F 225 -21.06 -53.62 11.43
CA VAL F 225 -20.60 -53.44 12.80
C VAL F 225 -19.31 -52.62 12.87
N GLY F 226 -18.62 -52.42 11.75
CA GLY F 226 -17.34 -51.74 11.73
C GLY F 226 -17.28 -50.31 12.24
N ASP F 227 -18.40 -49.76 12.69
CA ASP F 227 -18.41 -48.43 13.28
C ASP F 227 -18.83 -48.50 14.74
N TYR F 228 -18.23 -47.64 15.57
CA TYR F 228 -18.71 -47.51 16.94
C TYR F 228 -19.00 -46.05 17.25
N PHE F 229 -20.03 -45.84 18.06
CA PHE F 229 -20.64 -44.54 18.30
C PHE F 229 -20.06 -43.87 19.54
N VAL F 230 -19.68 -42.60 19.38
CA VAL F 230 -19.30 -41.68 20.44
C VAL F 230 -20.30 -40.52 20.40
N LEU F 231 -20.14 -39.63 21.38
CA LEU F 231 -20.99 -38.46 21.58
C LEU F 231 -20.92 -37.32 20.56
N THR F 232 -19.70 -36.99 20.16
CA THR F 232 -19.37 -35.90 19.24
C THR F 232 -19.07 -34.65 20.09
N SER F 233 -18.21 -33.75 19.62
CA SER F 233 -17.85 -32.54 20.40
C SER F 233 -17.25 -31.39 19.58
N HIS F 234 -17.16 -30.21 20.20
CA HIS F 234 -16.61 -29.05 19.51
C HIS F 234 -16.07 -27.93 20.41
N THR F 235 -15.20 -27.11 19.83
CA THR F 235 -14.59 -25.92 20.44
C THR F 235 -15.67 -24.88 20.69
N VAL F 236 -15.42 -24.02 21.67
CA VAL F 236 -16.31 -22.90 21.98
C VAL F 236 -15.55 -21.62 21.66
N MET F 237 -16.10 -20.83 20.74
CA MET F 237 -15.45 -19.59 20.37
C MET F 237 -15.69 -18.54 21.46
N PRO F 238 -14.79 -17.55 21.59
CA PRO F 238 -15.03 -16.46 22.53
C PRO F 238 -16.18 -15.58 22.07
N LEU F 239 -17.39 -14.93 22.91
CA LEU F 239 -18.55 -14.07 22.71
C LEU F 239 -18.20 -12.66 23.17
N SER F 240 -18.70 -11.67 22.43
CA SER F 240 -18.30 -10.29 22.66
C SER F 240 -19.51 -9.37 22.87
N ALA F 241 -20.60 -9.64 22.17
CA ALA F 241 -21.76 -8.78 22.27
C ALA F 241 -22.41 -8.91 23.65
N PRO F 242 -23.00 -7.84 24.17
CA PRO F 242 -23.68 -7.93 25.45
C PRO F 242 -24.93 -8.79 25.35
N THR F 243 -25.35 -9.30 26.51
CA THR F 243 -26.53 -10.17 26.54
C THR F 243 -27.78 -9.44 26.08
N LEU F 244 -27.99 -8.23 26.57
CA LEU F 244 -29.10 -7.39 26.12
C LEU F 244 -28.57 -6.01 25.76
N VAL F 245 -28.86 -5.57 24.55
CA VAL F 245 -28.51 -4.23 24.10
C VAL F 245 -29.25 -3.24 24.99
N PRO F 246 -28.70 -2.06 25.27
CA PRO F 246 -29.34 -1.16 26.23
C PRO F 246 -30.74 -0.73 25.78
N GLN F 247 -31.64 -0.63 26.75
CA GLN F 247 -33.02 -0.29 26.45
C GLN F 247 -33.14 1.21 26.17
N GLU F 248 -33.36 1.56 24.91
CA GLU F 248 -33.61 2.94 24.55
C GLU F 248 -34.99 3.04 23.92
N HIS F 249 -35.77 4.01 24.41
CA HIS F 249 -37.12 4.21 23.92
C HIS F 249 -37.11 5.10 22.69
N TYR F 250 -38.16 4.97 21.88
CA TYR F 250 -38.37 5.79 20.70
C TYR F 250 -39.71 6.49 20.84
N VAL F 251 -39.81 7.72 20.31
CA VAL F 251 -41.03 8.50 20.44
C VAL F 251 -42.14 7.91 19.58
N ARG F 252 -41.93 7.91 18.27
CA ARG F 252 -42.83 7.31 17.31
C ARG F 252 -42.08 6.23 16.55
N ILE F 253 -42.81 5.25 16.03
CA ILE F 253 -42.20 4.03 15.53
C ILE F 253 -41.29 4.35 14.35
N THR F 254 -40.06 3.86 14.41
CA THR F 254 -39.00 4.22 13.47
C THR F 254 -38.65 3.03 12.59
N GLY F 255 -38.62 3.25 11.28
CA GLY F 255 -38.21 2.23 10.34
C GLY F 255 -39.22 1.12 10.17
N LEU F 256 -40.32 1.21 10.91
CA LEU F 256 -41.44 0.29 10.80
C LEU F 256 -42.66 1.09 10.38
N TYR F 257 -43.26 0.70 9.28
CA TYR F 257 -44.30 1.50 8.65
C TYR F 257 -45.61 0.73 8.58
N PRO F 258 -46.59 1.04 9.45
CA PRO F 258 -47.81 0.21 9.56
C PRO F 258 -48.59 0.02 8.27
N THR F 259 -49.55 -0.90 8.31
CA THR F 259 -50.07 -1.55 7.11
C THR F 259 -51.45 -1.02 6.72
N LEU F 260 -51.94 -1.57 5.61
CA LEU F 260 -53.32 -1.42 5.18
C LEU F 260 -54.03 -2.75 5.30
N ASN F 261 -55.17 -2.76 6.00
CA ASN F 261 -56.00 -3.95 6.19
C ASN F 261 -55.17 -5.14 6.67
N ILE F 262 -54.64 -4.99 7.89
CA ILE F 262 -53.80 -6.03 8.48
C ILE F 262 -54.57 -7.35 8.52
N SER F 263 -55.63 -7.38 9.32
CA SER F 263 -56.67 -8.41 9.36
C SER F 263 -57.64 -8.03 10.46
N ASP F 264 -58.84 -8.60 10.38
CA ASP F 264 -59.74 -8.57 11.52
C ASP F 264 -59.49 -9.73 12.46
N GLU F 265 -58.42 -10.49 12.21
CA GLU F 265 -58.08 -11.64 13.03
C GLU F 265 -57.43 -11.25 14.34
N PHE F 266 -56.34 -10.47 14.28
CA PHE F 266 -55.58 -10.10 15.46
C PHE F 266 -55.51 -8.58 15.64
N SER F 267 -56.65 -7.90 15.51
CA SER F 267 -56.64 -6.45 15.59
C SER F 267 -56.74 -5.94 17.03
N SER F 268 -56.86 -6.84 18.01
CA SER F 268 -56.84 -6.40 19.40
C SER F 268 -55.43 -6.25 19.95
N ASN F 269 -54.41 -6.70 19.22
CA ASN F 269 -53.02 -6.55 19.62
C ASN F 269 -52.36 -5.33 19.01
N VAL F 270 -53.12 -4.48 18.32
CA VAL F 270 -52.54 -3.35 17.60
C VAL F 270 -51.79 -2.44 18.56
N ALA F 271 -52.34 -2.23 19.75
CA ALA F 271 -51.59 -1.51 20.78
C ALA F 271 -50.31 -2.24 21.12
N ASN F 272 -50.38 -3.58 21.23
CA ASN F 272 -49.18 -4.33 21.56
C ASN F 272 -48.21 -4.43 20.39
N TYR F 273 -48.72 -4.45 19.16
CA TYR F 273 -47.83 -4.38 18.00
C TYR F 273 -47.03 -3.08 18.02
N GLN F 274 -47.71 -1.96 18.30
CA GLN F 274 -46.99 -0.70 18.31
C GLN F 274 -46.08 -0.57 19.53
N LYS F 275 -46.47 -1.15 20.67
CA LYS F 275 -45.55 -1.16 21.81
C LYS F 275 -44.33 -2.03 21.54
N VAL F 276 -44.47 -3.06 20.69
CA VAL F 276 -43.31 -3.79 20.20
C VAL F 276 -42.45 -2.88 19.35
N GLY F 277 -43.07 -2.11 18.45
CA GLY F 277 -42.33 -1.26 17.54
C GLY F 277 -41.73 -0.04 18.20
N MET F 278 -42.14 0.27 19.43
CA MET F 278 -41.70 1.50 20.08
C MET F 278 -40.29 1.37 20.67
N GLN F 279 -40.11 0.46 21.62
CA GLN F 279 -38.84 0.37 22.34
C GLN F 279 -37.77 -0.26 21.45
N LYS F 280 -36.57 -0.38 22.01
CA LYS F 280 -35.52 -1.13 21.34
C LYS F 280 -35.80 -2.63 21.42
N TYR F 281 -35.83 -3.18 22.63
CA TYR F 281 -36.20 -4.57 22.83
C TYR F 281 -37.44 -4.64 23.72
N SER F 282 -38.34 -5.51 23.34
CA SER F 282 -39.59 -5.72 24.07
C SER F 282 -39.64 -7.15 24.57
N THR F 283 -40.42 -7.36 25.62
CA THR F 283 -40.53 -8.67 26.26
C THR F 283 -42.00 -9.03 26.39
N LEU F 284 -42.38 -10.19 25.88
CA LEU F 284 -43.75 -10.66 25.91
C LEU F 284 -43.78 -12.07 26.47
N GLN F 285 -44.36 -12.23 27.66
CA GLN F 285 -44.58 -13.54 28.24
C GLN F 285 -46.05 -13.88 28.15
N GLY F 286 -46.35 -14.98 27.50
CA GLY F 286 -47.72 -15.41 27.33
C GLY F 286 -47.91 -16.79 27.89
N PRO F 287 -48.82 -16.92 28.86
CA PRO F 287 -49.10 -18.22 29.47
C PRO F 287 -49.38 -19.27 28.41
N PRO F 288 -49.17 -20.54 28.74
CA PRO F 288 -49.18 -21.59 27.72
C PRO F 288 -50.49 -21.63 26.94
N GLY F 289 -50.39 -21.38 25.64
CA GLY F 289 -51.55 -21.32 24.80
C GLY F 289 -52.26 -19.97 24.87
N THR F 290 -51.56 -18.90 24.51
CA THR F 290 -52.16 -17.56 24.52
C THR F 290 -51.83 -16.75 23.28
N GLY F 291 -51.14 -17.33 22.30
CA GLY F 291 -51.04 -16.72 21.00
C GLY F 291 -49.73 -16.06 20.64
N LYS F 292 -48.66 -16.31 21.40
CA LYS F 292 -47.39 -15.69 21.05
C LYS F 292 -46.84 -16.23 19.74
N SER F 293 -47.00 -17.53 19.49
CA SER F 293 -46.69 -18.06 18.17
C SER F 293 -47.54 -17.42 17.08
N HIS F 294 -48.76 -17.01 17.42
CA HIS F 294 -49.66 -16.28 16.53
C HIS F 294 -49.39 -14.78 16.58
N PHE F 295 -48.90 -14.29 17.72
CA PHE F 295 -48.53 -12.89 17.82
C PHE F 295 -47.38 -12.53 16.90
N ALA F 296 -46.45 -13.46 16.68
CA ALA F 296 -45.35 -13.17 15.77
C ALA F 296 -45.87 -12.96 14.35
N ILE F 297 -46.80 -13.79 13.92
CA ILE F 297 -47.40 -13.61 12.60
C ILE F 297 -48.16 -12.30 12.54
N GLY F 298 -48.91 -11.97 13.60
CA GLY F 298 -49.60 -10.70 13.65
C GLY F 298 -48.68 -9.49 13.59
N LEU F 299 -47.56 -9.54 14.29
CA LEU F 299 -46.57 -8.48 14.21
C LEU F 299 -46.01 -8.37 12.80
N ALA F 300 -45.75 -9.51 12.15
CA ALA F 300 -45.23 -9.46 10.79
C ALA F 300 -46.26 -8.90 9.82
N LEU F 301 -47.54 -9.05 10.13
CA LEU F 301 -48.55 -8.46 9.27
C LEU F 301 -48.90 -7.03 9.67
N TYR F 302 -48.41 -6.54 10.80
CA TYR F 302 -48.66 -5.15 11.19
C TYR F 302 -47.60 -4.18 10.66
N TYR F 303 -46.41 -4.67 10.31
CA TYR F 303 -45.37 -3.89 9.67
C TYR F 303 -44.96 -4.64 8.41
N PRO F 304 -45.79 -4.60 7.37
CA PRO F 304 -45.68 -5.59 6.29
C PRO F 304 -44.38 -5.58 5.54
N SER F 305 -43.70 -4.45 5.44
CA SER F 305 -42.53 -4.34 4.58
C SER F 305 -41.22 -4.41 5.34
N ALA F 306 -41.23 -4.91 6.57
CA ALA F 306 -40.01 -5.02 7.36
C ALA F 306 -39.51 -6.46 7.33
N ARG F 307 -38.26 -6.65 6.90
CA ARG F 307 -37.63 -7.96 7.01
C ARG F 307 -37.55 -8.36 8.47
N ILE F 308 -37.95 -9.58 8.78
CA ILE F 308 -38.00 -10.05 10.16
C ILE F 308 -37.21 -11.35 10.25
N VAL F 309 -36.32 -11.43 11.23
CA VAL F 309 -35.56 -12.63 11.50
C VAL F 309 -36.18 -13.31 12.71
N TYR F 310 -36.89 -14.41 12.46
CA TYR F 310 -37.37 -15.24 13.55
C TYR F 310 -36.27 -16.20 13.97
N THR F 311 -36.14 -16.40 15.28
CA THR F 311 -35.12 -17.29 15.77
C THR F 311 -35.62 -18.00 17.01
N ALA F 312 -35.02 -19.13 17.30
CA ALA F 312 -35.37 -19.91 18.48
C ALA F 312 -34.20 -20.82 18.82
N CYS F 313 -34.25 -21.41 20.00
CA CYS F 313 -33.17 -22.25 20.48
C CYS F 313 -33.14 -23.61 19.78
N SER F 314 -34.29 -24.22 19.56
CA SER F 314 -34.38 -25.57 19.04
C SER F 314 -35.23 -25.60 17.77
N HIS F 315 -35.11 -26.70 17.03
CA HIS F 315 -35.77 -26.80 15.74
C HIS F 315 -37.29 -26.92 15.88
N ALA F 316 -37.78 -27.47 17.00
CA ALA F 316 -39.21 -27.70 17.14
C ALA F 316 -40.00 -26.40 17.13
N ALA F 317 -39.61 -25.45 18.00
CA ALA F 317 -40.34 -24.19 18.08
C ALA F 317 -40.23 -23.41 16.77
N VAL F 318 -39.04 -23.35 16.19
CA VAL F 318 -38.87 -22.58 14.96
C VAL F 318 -39.61 -23.24 13.81
N ASP F 319 -39.74 -24.57 13.82
CA ASP F 319 -40.49 -25.23 12.75
C ASP F 319 -42.00 -25.01 12.91
N ALA F 320 -42.49 -25.01 14.15
CA ALA F 320 -43.90 -24.69 14.36
C ALA F 320 -44.18 -23.25 13.93
N LEU F 321 -43.28 -22.34 14.26
CA LEU F 321 -43.45 -20.95 13.82
C LEU F 321 -43.38 -20.84 12.30
N CYS F 322 -42.51 -21.64 11.68
CA CYS F 322 -42.44 -21.68 10.22
C CYS F 322 -43.75 -22.14 9.61
N GLU F 323 -44.36 -23.18 10.18
CA GLU F 323 -45.62 -23.68 9.66
C GLU F 323 -46.72 -22.63 9.81
N LYS F 324 -46.75 -21.94 10.95
CA LYS F 324 -47.76 -20.90 11.10
C LYS F 324 -47.55 -19.77 10.10
N ALA F 325 -46.30 -19.37 9.88
CA ALA F 325 -46.06 -18.27 8.94
C ALA F 325 -46.30 -18.69 7.50
N LEU F 326 -46.22 -20.00 7.20
CA LEU F 326 -46.70 -20.46 5.91
C LEU F 326 -48.22 -20.39 5.83
N LYS F 327 -48.89 -20.69 6.94
CA LYS F 327 -50.35 -20.74 6.93
C LYS F 327 -50.97 -19.35 6.89
N TYR F 328 -50.28 -18.33 7.39
CA TYR F 328 -50.85 -17.00 7.47
C TYR F 328 -50.15 -15.97 6.59
N LEU F 329 -48.84 -15.79 6.76
CA LEU F 329 -48.05 -14.80 6.05
C LEU F 329 -47.91 -15.18 4.58
N PRO F 330 -47.53 -14.23 3.72
CA PRO F 330 -47.21 -14.60 2.34
C PRO F 330 -46.04 -15.56 2.30
N ILE F 331 -46.04 -16.44 1.30
CA ILE F 331 -45.26 -17.67 1.36
C ILE F 331 -43.97 -17.57 0.58
N ASP F 332 -43.98 -16.83 -0.54
CA ASP F 332 -42.84 -16.90 -1.43
C ASP F 332 -41.67 -16.05 -0.94
N LYS F 333 -41.95 -15.03 -0.13
CA LYS F 333 -40.89 -14.24 0.50
C LYS F 333 -40.59 -14.77 1.90
N CYS F 334 -40.35 -16.07 1.96
CA CYS F 334 -39.96 -16.73 3.20
C CYS F 334 -38.66 -17.47 2.95
N SER F 335 -37.84 -17.58 3.99
CA SER F 335 -36.55 -18.22 3.85
C SER F 335 -36.16 -18.85 5.17
N ARG F 336 -36.20 -20.18 5.22
CA ARG F 336 -35.75 -20.93 6.40
C ARG F 336 -34.30 -21.29 6.18
N ILE F 337 -33.44 -20.92 7.11
CA ILE F 337 -32.00 -21.15 7.00
C ILE F 337 -31.69 -22.47 7.70
N ILE F 338 -31.24 -23.45 6.93
CA ILE F 338 -30.97 -24.78 7.47
C ILE F 338 -29.48 -24.92 7.73
N PRO F 339 -29.06 -25.74 8.67
CA PRO F 339 -27.63 -26.04 8.80
C PRO F 339 -27.13 -26.82 7.60
N ALA F 340 -25.85 -26.62 7.29
CA ALA F 340 -25.24 -27.35 6.18
C ALA F 340 -25.08 -28.83 6.51
N ARG F 341 -24.75 -29.14 7.76
CA ARG F 341 -24.59 -30.54 8.16
C ARG F 341 -25.92 -31.25 8.32
N ALA F 342 -27.00 -30.52 8.63
CA ALA F 342 -28.35 -31.07 8.73
C ALA F 342 -28.42 -32.18 9.77
N ARG F 343 -28.16 -31.80 11.03
CA ARG F 343 -28.22 -32.74 12.14
C ARG F 343 -29.64 -33.15 12.47
N VAL F 344 -30.64 -32.50 11.89
CA VAL F 344 -32.05 -32.78 12.16
C VAL F 344 -32.75 -33.05 10.84
N GLU F 345 -33.88 -33.74 10.92
CA GLU F 345 -34.77 -33.84 9.76
C GLU F 345 -35.39 -32.47 9.56
N CYS F 346 -34.78 -31.67 8.69
CA CYS F 346 -35.05 -30.24 8.63
C CYS F 346 -36.37 -29.98 7.91
N PHE F 347 -36.69 -28.69 7.77
CA PHE F 347 -37.97 -28.25 7.23
C PHE F 347 -37.77 -27.71 5.82
N ASP F 348 -38.28 -28.42 4.82
CA ASP F 348 -38.18 -28.03 3.42
C ASP F 348 -39.59 -27.92 2.85
N LYS F 349 -40.20 -26.74 3.02
CA LYS F 349 -41.48 -26.43 2.40
C LYS F 349 -41.42 -25.08 1.73
N PHE F 350 -40.58 -24.19 2.26
CA PHE F 350 -40.44 -22.83 1.75
C PHE F 350 -39.55 -22.84 0.52
N LYS F 351 -39.12 -21.64 0.10
CA LYS F 351 -37.97 -21.51 -0.78
C LYS F 351 -36.74 -21.36 0.11
N VAL F 352 -36.12 -22.52 0.39
CA VAL F 352 -35.28 -22.66 1.57
C VAL F 352 -33.93 -21.99 1.37
N ASN F 353 -33.40 -21.45 2.47
CA ASN F 353 -32.00 -21.06 2.63
C ASN F 353 -31.57 -20.02 1.59
N SER F 354 -32.15 -18.82 1.72
CA SER F 354 -31.68 -17.63 1.04
C SER F 354 -31.65 -16.50 2.06
N THR F 355 -30.45 -16.19 2.56
CA THR F 355 -30.34 -15.23 3.65
C THR F 355 -30.61 -13.80 3.23
N LEU F 356 -30.81 -13.54 1.95
CA LEU F 356 -31.15 -12.22 1.44
C LEU F 356 -32.63 -12.12 1.09
N GLU F 357 -33.47 -12.76 1.90
CA GLU F 357 -34.91 -12.65 1.76
C GLU F 357 -35.50 -11.88 2.93
N GLN F 358 -36.82 -11.80 2.97
CA GLN F 358 -37.47 -10.84 3.85
C GLN F 358 -37.85 -11.47 5.20
N TYR F 359 -38.67 -12.51 5.17
CA TYR F 359 -39.00 -13.23 6.40
C TYR F 359 -38.01 -14.38 6.51
N VAL F 360 -36.98 -14.20 7.33
CA VAL F 360 -35.94 -15.20 7.47
C VAL F 360 -36.13 -15.89 8.82
N PHE F 361 -36.37 -17.19 8.79
CA PHE F 361 -36.46 -18.01 9.99
C PHE F 361 -35.17 -18.77 10.13
N CYS F 362 -34.70 -18.93 11.37
CA CYS F 362 -33.45 -19.66 11.59
C CYS F 362 -33.40 -20.11 13.04
N THR F 363 -32.41 -20.95 13.33
CA THR F 363 -32.09 -21.34 14.70
C THR F 363 -30.95 -20.46 15.20
N VAL F 364 -30.81 -20.37 16.52
CA VAL F 364 -29.76 -19.52 17.08
C VAL F 364 -28.39 -19.98 16.62
N ASN F 365 -28.14 -21.28 16.66
CA ASN F 365 -26.81 -21.80 16.33
C ASN F 365 -26.44 -21.58 14.88
N ALA F 366 -27.41 -21.41 13.98
CA ALA F 366 -27.14 -21.34 12.55
C ALA F 366 -27.40 -19.96 11.97
N LEU F 367 -27.52 -18.93 12.81
CA LEU F 367 -27.71 -17.59 12.30
C LEU F 367 -26.48 -17.12 11.57
N PRO F 368 -26.60 -16.63 10.34
CA PRO F 368 -25.47 -16.00 9.68
C PRO F 368 -25.43 -14.51 9.99
N GLU F 369 -24.20 -13.99 10.06
CA GLU F 369 -23.99 -12.58 10.37
C GLU F 369 -24.68 -11.72 9.32
N THR F 370 -25.75 -11.04 9.71
CA THR F 370 -26.56 -10.25 8.81
C THR F 370 -27.16 -9.09 9.58
N THR F 371 -28.17 -8.46 8.98
CA THR F 371 -28.89 -7.37 9.61
C THR F 371 -30.38 -7.55 9.35
N ALA F 372 -31.19 -6.91 10.18
CA ALA F 372 -32.63 -7.07 10.09
C ALA F 372 -33.29 -5.76 10.50
N ASP F 373 -34.62 -5.75 10.44
CA ASP F 373 -35.39 -4.60 10.89
C ASP F 373 -36.01 -4.85 12.26
N ILE F 374 -36.52 -6.04 12.50
CA ILE F 374 -36.97 -6.45 13.82
C ILE F 374 -36.84 -7.96 13.92
N VAL F 375 -36.13 -8.43 14.94
CA VAL F 375 -35.83 -9.86 15.08
C VAL F 375 -36.60 -10.39 16.28
N VAL F 376 -37.31 -11.49 16.08
CA VAL F 376 -38.19 -12.07 17.07
C VAL F 376 -37.52 -13.32 17.61
N PHE F 377 -36.99 -13.23 18.83
CA PHE F 377 -36.49 -14.38 19.54
C PHE F 377 -37.64 -15.09 20.23
N ASP F 378 -37.67 -16.40 20.11
CA ASP F 378 -38.77 -17.21 20.61
C ASP F 378 -38.23 -18.22 21.62
N GLU F 379 -39.03 -18.50 22.64
CA GLU F 379 -38.69 -19.44 23.70
C GLU F 379 -37.39 -19.02 24.41
N ILE F 380 -37.47 -17.86 25.08
CA ILE F 380 -36.32 -17.39 25.85
C ILE F 380 -36.11 -18.24 27.09
N SER F 381 -37.09 -19.05 27.48
CA SER F 381 -36.86 -20.01 28.56
C SER F 381 -35.82 -21.04 28.14
N MET F 382 -35.89 -21.51 26.91
CA MET F 382 -34.91 -22.47 26.42
C MET F 382 -33.51 -21.85 26.32
N ALA F 383 -33.43 -20.60 25.89
CA ALA F 383 -32.14 -20.01 25.55
C ALA F 383 -31.30 -19.75 26.80
N THR F 384 -30.02 -20.07 26.71
CA THR F 384 -29.03 -19.72 27.70
C THR F 384 -28.47 -18.35 27.35
N ASN F 385 -27.65 -17.80 28.26
CA ASN F 385 -27.03 -16.50 28.00
C ASN F 385 -26.14 -16.52 26.77
N TYR F 386 -25.57 -17.69 26.46
CA TYR F 386 -24.76 -17.82 25.26
C TYR F 386 -25.59 -17.54 24.02
N ASP F 387 -26.81 -18.06 23.97
CA ASP F 387 -27.67 -17.83 22.81
C ASP F 387 -28.03 -16.35 22.68
N LEU F 388 -28.30 -15.69 23.81
CA LEU F 388 -28.62 -14.26 23.76
C LEU F 388 -27.45 -13.44 23.26
N SER F 389 -26.25 -13.73 23.75
CA SER F 389 -25.09 -12.98 23.26
C SER F 389 -24.80 -13.29 21.80
N VAL F 390 -25.03 -14.53 21.38
CA VAL F 390 -24.85 -14.89 19.98
C VAL F 390 -25.83 -14.14 19.10
N VAL F 391 -27.10 -14.09 19.50
CA VAL F 391 -28.10 -13.40 18.69
C VAL F 391 -27.90 -11.89 18.73
N ASN F 392 -27.21 -11.37 19.73
CA ASN F 392 -26.86 -9.96 19.68
C ASN F 392 -25.61 -9.70 18.84
N ALA F 393 -24.74 -10.69 18.71
CA ALA F 393 -23.53 -10.51 17.92
C ALA F 393 -23.81 -10.67 16.43
N ARG F 394 -24.44 -11.79 16.04
CA ARG F 394 -24.64 -12.06 14.63
C ARG F 394 -25.68 -11.14 14.01
N LEU F 395 -26.71 -10.78 14.76
CA LEU F 395 -27.81 -10.00 14.24
C LEU F 395 -27.80 -8.59 14.81
N ARG F 396 -27.80 -7.60 13.91
CA ARG F 396 -28.05 -6.21 14.27
C ARG F 396 -29.37 -5.82 13.64
N ALA F 397 -30.30 -5.32 14.45
CA ALA F 397 -31.61 -4.97 13.94
C ALA F 397 -32.17 -3.81 14.74
N LYS F 398 -33.11 -3.10 14.11
CA LYS F 398 -33.67 -1.92 14.75
C LYS F 398 -34.47 -2.27 15.99
N HIS F 399 -35.09 -3.45 16.02
CA HIS F 399 -35.87 -3.85 17.19
C HIS F 399 -35.63 -5.32 17.48
N TYR F 400 -35.69 -5.65 18.76
CA TYR F 400 -35.62 -7.02 19.24
C TYR F 400 -36.87 -7.31 20.04
N VAL F 401 -37.47 -8.48 19.84
CA VAL F 401 -38.65 -8.88 20.60
C VAL F 401 -38.41 -10.27 21.15
N TYR F 402 -38.39 -10.41 22.47
CA TYR F 402 -38.21 -11.70 23.11
C TYR F 402 -39.56 -12.18 23.61
N ILE F 403 -40.00 -13.34 23.12
CA ILE F 403 -41.28 -13.91 23.51
C ILE F 403 -41.03 -15.30 24.07
N GLY F 404 -41.78 -15.65 25.09
CA GLY F 404 -41.60 -16.94 25.75
C GLY F 404 -42.07 -16.82 27.18
N ASP F 405 -42.31 -17.99 27.78
CA ASP F 405 -42.88 -18.07 29.12
C ASP F 405 -41.88 -18.69 30.07
N PRO F 406 -41.39 -17.96 31.06
CA PRO F 406 -40.48 -18.57 32.04
C PRO F 406 -41.11 -19.66 32.87
N ALA F 407 -42.45 -19.73 32.95
CA ALA F 407 -43.09 -20.82 33.68
C ALA F 407 -42.94 -22.16 32.96
N GLN F 408 -42.56 -22.16 31.68
CA GLN F 408 -42.27 -23.40 30.99
C GLN F 408 -40.92 -23.93 31.43
N LEU F 409 -40.55 -25.10 30.89
CA LEU F 409 -39.34 -25.75 31.34
C LEU F 409 -38.10 -24.97 30.91
N PRO F 410 -37.03 -25.01 31.70
CA PRO F 410 -35.79 -24.34 31.32
C PRO F 410 -35.00 -25.09 30.28
N ALA F 411 -33.78 -24.63 30.02
CA ALA F 411 -32.81 -25.32 29.19
C ALA F 411 -32.45 -26.65 29.85
N PRO F 412 -31.73 -27.55 29.18
CA PRO F 412 -31.29 -28.79 29.85
C PRO F 412 -30.49 -28.53 31.11
N ARG F 413 -29.42 -27.75 31.00
CA ARG F 413 -28.56 -27.41 32.13
C ARG F 413 -28.05 -28.67 32.82
N THR F 414 -27.26 -29.44 32.07
CA THR F 414 -26.92 -30.80 32.46
C THR F 414 -26.05 -30.83 33.71
N LEU F 415 -25.16 -29.86 33.86
CA LEU F 415 -24.19 -29.90 34.96
C LEU F 415 -24.88 -29.76 36.32
N LEU F 416 -25.95 -28.99 36.38
CA LEU F 416 -26.64 -28.75 37.64
C LEU F 416 -27.20 -30.05 38.20
N THR F 417 -26.78 -30.41 39.41
CA THR F 417 -27.21 -31.65 40.03
C THR F 417 -27.76 -31.48 41.44
N LYS F 418 -27.34 -30.46 42.18
CA LYS F 418 -27.73 -30.29 43.57
C LYS F 418 -28.43 -28.95 43.73
N GLY F 419 -29.65 -28.98 44.23
CA GLY F 419 -30.44 -27.78 44.37
C GLY F 419 -31.24 -27.49 43.11
N THR F 420 -32.18 -26.55 43.25
CA THR F 420 -33.10 -26.18 42.18
C THR F 420 -32.82 -24.77 41.71
N LEU F 421 -32.55 -24.62 40.42
CA LEU F 421 -32.46 -23.30 39.82
C LEU F 421 -33.88 -22.76 39.68
N GLU F 422 -34.20 -21.73 40.45
CA GLU F 422 -35.50 -21.11 40.31
C GLU F 422 -35.60 -20.43 38.95
N PRO F 423 -36.82 -20.18 38.47
CA PRO F 423 -36.96 -19.60 37.13
C PRO F 423 -36.23 -18.29 36.93
N GLU F 424 -36.15 -17.47 37.98
CA GLU F 424 -35.67 -16.10 37.84
C GLU F 424 -34.30 -16.02 37.18
N TYR F 425 -33.42 -16.99 37.42
CA TYR F 425 -32.06 -16.95 36.91
C TYR F 425 -31.85 -17.89 35.73
N PHE F 426 -32.90 -18.15 34.96
CA PHE F 426 -32.72 -18.97 33.76
C PHE F 426 -31.75 -18.30 32.79
N ASN F 427 -31.91 -17.00 32.58
CA ASN F 427 -31.02 -16.19 31.76
C ASN F 427 -31.28 -14.74 32.12
N SER F 428 -30.69 -13.82 31.35
CA SER F 428 -30.90 -12.41 31.64
C SER F 428 -32.34 -12.01 31.37
N VAL F 429 -32.94 -12.55 30.31
CA VAL F 429 -34.26 -12.11 29.91
C VAL F 429 -35.32 -12.58 30.88
N CYS F 430 -35.22 -13.82 31.37
CA CYS F 430 -36.16 -14.26 32.38
C CYS F 430 -36.01 -13.48 33.68
N ARG F 431 -34.76 -13.09 34.01
CA ARG F 431 -34.55 -12.23 35.16
C ARG F 431 -35.22 -10.88 34.97
N LEU F 432 -35.13 -10.30 33.77
CA LEU F 432 -35.88 -9.10 33.46
C LEU F 432 -37.37 -9.33 33.65
N MET F 433 -37.89 -10.43 33.10
CA MET F 433 -39.33 -10.67 33.14
C MET F 433 -39.82 -10.90 34.56
N LYS F 434 -38.95 -11.31 35.48
CA LYS F 434 -39.42 -11.45 36.84
C LYS F 434 -39.12 -10.24 37.71
N THR F 435 -38.11 -9.45 37.36
CA THR F 435 -37.77 -8.29 38.18
C THR F 435 -38.83 -7.20 38.04
N ILE F 436 -39.03 -6.69 36.83
CA ILE F 436 -39.98 -5.62 36.59
C ILE F 436 -41.26 -6.12 35.94
N GLY F 437 -41.22 -7.22 35.21
CA GLY F 437 -42.40 -7.76 34.58
C GLY F 437 -42.27 -7.74 33.07
N PRO F 438 -42.92 -8.68 32.40
CA PRO F 438 -42.95 -8.64 30.94
C PRO F 438 -43.67 -7.39 30.47
N ASP F 439 -43.16 -6.79 29.39
CA ASP F 439 -43.79 -5.58 28.89
C ASP F 439 -45.18 -5.88 28.36
N MET F 440 -45.35 -6.99 27.66
CA MET F 440 -46.65 -7.42 27.18
C MET F 440 -46.96 -8.79 27.76
N PHE F 441 -48.24 -9.06 28.00
CA PHE F 441 -48.65 -10.33 28.55
C PHE F 441 -50.11 -10.54 28.21
N LEU F 442 -50.41 -11.63 27.50
CA LEU F 442 -51.76 -11.95 27.05
C LEU F 442 -52.24 -13.13 27.89
N GLY F 443 -53.29 -12.93 28.67
CA GLY F 443 -53.80 -13.94 29.61
C GLY F 443 -54.90 -14.99 29.45
N THR F 444 -55.58 -15.05 28.32
CA THR F 444 -56.64 -16.05 28.16
C THR F 444 -56.06 -17.42 27.81
N CYS F 445 -56.88 -18.46 27.85
CA CYS F 445 -56.34 -19.79 27.56
C CYS F 445 -57.44 -20.63 26.89
N ARG F 446 -57.13 -21.17 25.71
CA ARG F 446 -58.12 -21.79 24.85
C ARG F 446 -58.07 -23.30 24.86
N ARG F 447 -57.50 -23.92 25.88
CA ARG F 447 -57.35 -25.37 25.87
C ARG F 447 -58.03 -26.06 27.04
N CYS F 448 -57.84 -25.58 28.24
CA CYS F 448 -58.09 -26.36 29.44
C CYS F 448 -59.50 -26.15 29.97
N PRO F 449 -59.97 -27.04 30.85
CA PRO F 449 -61.27 -26.83 31.50
C PRO F 449 -61.30 -25.65 32.44
N ALA F 450 -62.43 -25.41 33.08
CA ALA F 450 -62.63 -24.19 33.86
C ALA F 450 -61.80 -24.19 35.14
N GLU F 451 -62.00 -25.22 35.98
CA GLU F 451 -61.34 -25.26 37.28
C GLU F 451 -59.82 -25.30 37.13
N ILE F 452 -59.30 -26.10 36.21
CA ILE F 452 -57.86 -26.19 36.05
C ILE F 452 -57.29 -24.87 35.58
N VAL F 453 -57.98 -24.18 34.67
CA VAL F 453 -57.39 -22.94 34.14
C VAL F 453 -57.44 -21.83 35.18
N ASP F 454 -58.55 -21.74 35.95
CA ASP F 454 -58.60 -20.75 37.02
C ASP F 454 -57.56 -21.04 38.09
N THR F 455 -57.36 -22.32 38.44
CA THR F 455 -56.41 -22.68 39.47
C THR F 455 -54.96 -22.61 38.98
N VAL F 456 -54.70 -22.81 37.69
CA VAL F 456 -53.37 -22.62 37.16
C VAL F 456 -53.03 -21.14 37.10
N SER F 457 -53.98 -20.31 36.69
CA SER F 457 -53.80 -18.87 36.86
C SER F 457 -53.67 -18.48 38.31
N ALA F 458 -54.19 -19.30 39.23
CA ALA F 458 -53.99 -19.07 40.66
C ALA F 458 -52.86 -19.89 41.26
N LEU F 459 -52.32 -20.87 40.53
CA LEU F 459 -51.18 -21.62 41.03
C LEU F 459 -49.94 -20.73 41.20
N VAL F 460 -49.39 -20.26 40.08
CA VAL F 460 -48.17 -19.46 40.08
C VAL F 460 -48.41 -18.09 39.45
N TYR F 461 -49.25 -18.04 38.42
CA TYR F 461 -49.50 -16.80 37.71
C TYR F 461 -50.21 -15.80 38.63
N ASP F 462 -50.09 -14.51 38.30
CA ASP F 462 -50.75 -13.48 39.09
C ASP F 462 -52.18 -13.31 38.58
N ASN F 463 -52.86 -14.45 38.44
CA ASN F 463 -54.29 -14.53 38.18
C ASN F 463 -54.67 -13.70 36.95
N LYS F 464 -54.17 -14.12 35.80
CA LYS F 464 -54.42 -13.44 34.53
C LYS F 464 -55.07 -14.31 33.46
N LEU F 465 -55.43 -15.56 33.74
CA LEU F 465 -55.86 -16.49 32.71
C LEU F 465 -57.36 -16.83 32.83
N LYS F 466 -57.93 -17.26 31.71
CA LYS F 466 -59.31 -17.74 31.68
C LYS F 466 -59.50 -18.59 30.42
N ALA F 467 -60.63 -19.31 30.39
CA ALA F 467 -60.95 -20.24 29.31
C ALA F 467 -62.21 -19.82 28.59
N HIS F 468 -62.16 -19.88 27.25
CA HIS F 468 -63.32 -19.65 26.39
C HIS F 468 -63.81 -21.02 25.91
N LYS F 469 -64.56 -21.68 26.78
CA LYS F 469 -64.98 -23.06 26.67
C LYS F 469 -65.93 -23.31 27.84
N ASP F 470 -66.33 -24.56 28.03
CA ASP F 470 -66.81 -25.06 29.31
C ASP F 470 -65.92 -26.24 29.69
N LYS F 471 -65.90 -26.58 30.97
CA LYS F 471 -65.08 -27.70 31.42
C LYS F 471 -65.69 -29.00 30.94
N SER F 472 -64.84 -29.84 30.32
CA SER F 472 -65.24 -31.05 29.61
C SER F 472 -65.68 -32.18 30.53
N ALA F 473 -65.56 -31.99 31.85
CA ALA F 473 -65.95 -33.00 32.84
C ALA F 473 -65.28 -34.33 32.57
N GLN F 474 -64.05 -34.29 32.04
CA GLN F 474 -63.26 -35.49 31.83
C GLN F 474 -61.79 -35.25 32.17
N CYS F 475 -61.52 -34.38 33.12
CA CYS F 475 -60.21 -34.29 33.74
C CYS F 475 -60.32 -34.84 35.15
N PHE F 476 -59.32 -35.59 35.58
CA PHE F 476 -59.33 -36.19 36.91
C PHE F 476 -57.95 -36.05 37.55
N LYS F 477 -57.88 -36.47 38.82
CA LYS F 477 -56.61 -36.50 39.54
C LYS F 477 -56.78 -37.47 40.70
N MET F 478 -56.07 -38.60 40.65
CA MET F 478 -56.20 -39.66 41.64
C MET F 478 -54.99 -39.67 42.58
N PHE F 479 -55.14 -40.40 43.69
CA PHE F 479 -54.03 -40.69 44.59
C PHE F 479 -54.01 -42.21 44.82
N TYR F 480 -53.36 -42.92 43.89
CA TYR F 480 -53.13 -44.35 43.98
C TYR F 480 -51.64 -44.57 44.14
N LYS F 481 -51.27 -45.46 45.07
CA LYS F 481 -49.89 -45.53 45.54
C LYS F 481 -48.92 -45.77 44.40
N GLY F 482 -49.21 -46.75 43.54
CA GLY F 482 -48.35 -46.99 42.40
C GLY F 482 -46.96 -47.41 42.84
N VAL F 483 -46.86 -48.63 43.37
CA VAL F 483 -45.61 -49.09 43.98
C VAL F 483 -44.43 -48.94 43.00
N ILE F 484 -43.29 -48.57 43.55
CA ILE F 484 -42.10 -48.22 42.78
C ILE F 484 -41.19 -49.44 42.69
N THR F 485 -40.62 -49.65 41.51
CA THR F 485 -39.57 -50.64 41.30
C THR F 485 -38.22 -49.99 41.09
N HIS F 486 -38.12 -49.09 40.11
CA HIS F 486 -37.00 -48.16 39.92
C HIS F 486 -35.67 -48.88 39.68
N ASP F 487 -35.66 -50.17 39.34
CA ASP F 487 -34.40 -50.89 39.17
C ASP F 487 -33.77 -50.57 37.83
N VAL F 488 -33.69 -49.28 37.51
CA VAL F 488 -32.98 -48.78 36.34
C VAL F 488 -32.71 -47.30 36.61
N SER F 489 -31.83 -46.70 35.80
CA SER F 489 -31.34 -45.34 36.06
C SER F 489 -32.45 -44.32 36.32
N SER F 490 -33.69 -44.61 35.92
CA SER F 490 -34.82 -43.75 36.23
C SER F 490 -35.93 -44.57 36.90
N ALA F 491 -36.84 -43.86 37.58
CA ALA F 491 -37.91 -44.51 38.32
C ALA F 491 -39.06 -44.89 37.40
N ILE F 492 -39.68 -46.03 37.70
CA ILE F 492 -40.76 -46.60 36.89
C ILE F 492 -41.98 -46.76 37.79
N ASN F 493 -43.17 -46.66 37.19
CA ASN F 493 -44.41 -46.95 37.88
C ASN F 493 -45.31 -47.80 36.96
N ARG F 494 -45.08 -49.12 36.97
CA ARG F 494 -45.90 -50.07 36.22
C ARG F 494 -47.23 -50.40 36.90
N PRO F 495 -47.28 -50.85 38.16
CA PRO F 495 -48.60 -51.17 38.73
C PRO F 495 -49.50 -49.96 38.85
N GLN F 496 -48.95 -48.75 38.74
CA GLN F 496 -49.81 -47.58 38.54
C GLN F 496 -50.53 -47.68 37.21
N ILE F 497 -49.84 -48.13 36.16
CA ILE F 497 -50.53 -48.46 34.93
C ILE F 497 -51.52 -49.60 35.17
N GLY F 498 -51.25 -50.45 36.16
CA GLY F 498 -52.24 -51.44 36.55
C GLY F 498 -53.52 -50.82 37.08
N VAL F 499 -53.40 -49.81 37.94
CA VAL F 499 -54.57 -49.13 38.47
C VAL F 499 -55.30 -48.36 37.37
N VAL F 500 -54.54 -47.70 36.49
CA VAL F 500 -55.15 -46.95 35.40
C VAL F 500 -55.82 -47.90 34.41
N ARG F 501 -55.33 -49.13 34.27
CA ARG F 501 -56.03 -50.10 33.44
C ARG F 501 -57.18 -50.75 34.19
N GLU F 502 -57.21 -50.60 35.52
CA GLU F 502 -58.41 -50.94 36.28
C GLU F 502 -59.50 -49.89 36.05
N PHE F 503 -59.11 -48.65 35.81
CA PHE F 503 -59.96 -47.69 35.11
C PHE F 503 -59.76 -47.90 33.60
N LEU F 504 -60.15 -46.91 32.78
CA LEU F 504 -59.86 -46.89 31.36
C LEU F 504 -60.72 -47.91 30.62
N THR F 505 -61.47 -48.73 31.37
CA THR F 505 -62.45 -49.63 30.79
C THR F 505 -63.86 -49.13 30.96
N ARG F 506 -64.13 -48.36 32.01
CA ARG F 506 -65.35 -47.60 32.17
C ARG F 506 -65.23 -46.21 31.58
N ASN F 507 -64.09 -45.89 30.96
CA ASN F 507 -63.86 -44.60 30.32
C ASN F 507 -63.37 -44.85 28.89
N PRO F 508 -64.30 -45.10 27.95
CA PRO F 508 -63.88 -45.42 26.56
C PRO F 508 -63.29 -44.26 25.79
N ALA F 509 -63.33 -43.04 26.35
CA ALA F 509 -62.91 -41.86 25.60
C ALA F 509 -61.46 -41.95 25.14
N TRP F 510 -60.53 -41.98 26.10
CA TRP F 510 -59.10 -41.79 25.80
C TRP F 510 -58.46 -43.10 25.34
N ARG F 511 -59.08 -43.71 24.34
CA ARG F 511 -58.54 -44.96 23.83
C ARG F 511 -57.51 -44.75 22.73
N LYS F 512 -57.21 -43.49 22.42
CA LYS F 512 -56.09 -43.11 21.56
C LYS F 512 -55.10 -42.21 22.28
N ALA F 513 -55.03 -42.31 23.61
CA ALA F 513 -54.37 -41.29 24.41
C ALA F 513 -52.86 -41.29 24.20
N VAL F 514 -52.25 -40.15 24.53
CA VAL F 514 -50.79 -40.03 24.56
C VAL F 514 -50.33 -40.13 26.01
N PHE F 515 -49.42 -41.07 26.26
CA PHE F 515 -48.87 -41.27 27.60
C PHE F 515 -47.72 -40.29 27.83
N ILE F 516 -47.72 -39.68 29.01
CA ILE F 516 -46.61 -38.84 29.43
C ILE F 516 -46.18 -39.32 30.81
N SER F 517 -44.94 -39.01 31.19
CA SER F 517 -44.45 -39.34 32.51
C SER F 517 -43.39 -38.33 32.93
N PRO F 518 -43.17 -38.18 34.24
CA PRO F 518 -41.99 -37.41 34.68
C PRO F 518 -40.68 -38.20 34.62
N TYR F 519 -40.71 -39.43 34.11
CA TYR F 519 -39.53 -40.28 34.02
C TYR F 519 -39.54 -41.02 32.68
N ASN F 520 -38.39 -41.03 32.00
CA ASN F 520 -38.33 -41.63 30.68
C ASN F 520 -38.39 -43.16 30.74
N SER F 521 -38.02 -43.77 31.87
CA SER F 521 -38.07 -45.22 31.98
C SER F 521 -39.52 -45.71 32.04
N GLN F 522 -40.35 -45.06 32.86
CA GLN F 522 -41.76 -45.42 32.91
C GLN F 522 -42.46 -45.09 31.59
N ASN F 523 -42.06 -43.98 30.95
CA ASN F 523 -42.59 -43.66 29.63
C ASN F 523 -42.23 -44.73 28.61
N ALA F 524 -40.99 -45.22 28.66
CA ALA F 524 -40.57 -46.27 27.73
C ALA F 524 -41.32 -47.57 27.99
N VAL F 525 -41.51 -47.93 29.26
CA VAL F 525 -42.23 -49.18 29.55
C VAL F 525 -43.73 -49.05 29.34
N ALA F 526 -44.27 -47.82 29.29
CA ALA F 526 -45.69 -47.63 29.05
C ALA F 526 -46.06 -47.85 27.59
N SER F 527 -45.10 -47.75 26.68
CA SER F 527 -45.32 -48.02 25.27
C SER F 527 -45.08 -49.47 24.91
N LYS F 528 -44.88 -50.35 25.89
CA LYS F 528 -44.55 -51.74 25.61
C LYS F 528 -45.75 -52.66 25.77
N ILE F 529 -46.36 -52.67 26.96
CA ILE F 529 -47.45 -53.62 27.22
C ILE F 529 -48.76 -53.19 26.61
N LEU F 530 -48.97 -51.88 26.43
CA LEU F 530 -50.12 -51.37 25.69
C LEU F 530 -49.60 -50.26 24.79
N GLY F 531 -49.92 -50.34 23.50
CA GLY F 531 -49.32 -49.43 22.55
C GLY F 531 -49.83 -48.02 22.62
N LEU F 532 -49.71 -47.38 23.80
CA LEU F 532 -50.12 -46.00 23.83
C LEU F 532 -49.08 -45.12 23.14
N PRO F 533 -49.50 -44.25 22.23
CA PRO F 533 -48.57 -43.26 21.67
C PRO F 533 -48.06 -42.35 22.78
N THR F 534 -46.75 -42.26 22.91
CA THR F 534 -46.15 -41.55 24.03
C THR F 534 -45.55 -40.24 23.57
N GLN F 535 -45.48 -39.28 24.48
CA GLN F 535 -44.78 -38.02 24.23
C GLN F 535 -44.36 -37.46 25.58
N THR F 536 -43.06 -37.46 25.84
CA THR F 536 -42.57 -37.15 27.18
C THR F 536 -42.82 -35.69 27.52
N VAL F 537 -42.66 -35.38 28.80
CA VAL F 537 -43.01 -34.06 29.31
C VAL F 537 -42.17 -32.98 28.62
N ASP F 538 -40.92 -33.29 28.27
CA ASP F 538 -40.11 -32.34 27.53
C ASP F 538 -40.55 -32.21 26.07
N SER F 539 -40.88 -33.34 25.43
CA SER F 539 -41.28 -33.34 24.02
C SER F 539 -42.64 -32.68 23.80
N SER F 540 -43.38 -32.41 24.86
CA SER F 540 -44.61 -31.61 24.83
C SER F 540 -44.23 -30.14 24.77
N GLN F 541 -45.14 -29.25 25.15
CA GLN F 541 -44.89 -27.81 25.17
C GLN F 541 -44.65 -27.28 23.76
N GLY F 542 -45.75 -27.22 23.02
CA GLY F 542 -45.74 -26.79 21.63
C GLY F 542 -46.80 -27.49 20.82
N SER F 543 -47.47 -28.46 21.44
CA SER F 543 -48.55 -29.19 20.78
C SER F 543 -49.75 -29.26 21.72
N GLU F 544 -50.92 -29.45 21.13
CA GLU F 544 -52.15 -29.65 21.87
C GLU F 544 -52.72 -31.04 21.55
N TYR F 545 -53.32 -31.65 22.57
CA TYR F 545 -53.91 -32.97 22.43
C TYR F 545 -55.28 -32.97 23.10
N ASP F 546 -56.10 -33.95 22.74
CA ASP F 546 -57.39 -34.09 23.40
C ASP F 546 -57.49 -35.39 24.20
N TYR F 547 -56.50 -36.27 24.10
CA TYR F 547 -56.44 -37.48 24.92
C TYR F 547 -55.00 -37.70 25.35
N VAL F 548 -54.74 -37.59 26.65
CA VAL F 548 -53.40 -37.73 27.23
C VAL F 548 -53.57 -38.27 28.65
N ILE F 549 -52.71 -39.20 29.03
CA ILE F 549 -52.73 -39.81 30.36
C ILE F 549 -51.37 -39.61 31.01
N PHE F 550 -51.36 -39.15 32.27
CA PHE F 550 -50.15 -38.81 32.99
C PHE F 550 -50.19 -39.34 34.41
N THR F 551 -49.13 -40.05 34.77
CA THR F 551 -49.04 -40.67 36.09
C THR F 551 -47.84 -40.10 36.82
N GLN F 552 -47.91 -40.09 38.15
CA GLN F 552 -46.79 -39.68 38.96
C GLN F 552 -46.14 -40.91 39.58
N THR F 553 -44.81 -40.99 39.50
CA THR F 553 -44.11 -42.18 40.00
C THR F 553 -43.68 -41.99 41.44
N THR F 554 -43.12 -40.83 41.79
CA THR F 554 -42.45 -40.62 43.06
C THR F 554 -43.04 -39.42 43.79
N GLU F 555 -42.36 -39.05 44.87
CA GLU F 555 -42.65 -37.85 45.64
C GLU F 555 -41.32 -37.21 46.06
N THR F 556 -41.02 -36.05 45.49
CA THR F 556 -39.74 -35.38 45.71
C THR F 556 -39.85 -33.94 45.24
N ALA F 557 -38.71 -33.23 45.24
CA ALA F 557 -38.65 -31.90 44.66
C ALA F 557 -38.71 -31.91 43.15
N HIS F 558 -38.50 -33.06 42.52
CA HIS F 558 -38.77 -33.25 41.10
C HIS F 558 -40.20 -33.66 40.84
N SER F 559 -40.96 -33.97 41.89
CA SER F 559 -42.39 -34.26 41.78
C SER F 559 -43.25 -33.04 42.05
N CYS F 560 -42.72 -32.04 42.74
CA CYS F 560 -43.46 -30.83 43.07
C CYS F 560 -42.98 -29.61 42.29
N ASN F 561 -42.20 -29.80 41.23
CA ASN F 561 -41.76 -28.67 40.42
C ASN F 561 -42.96 -28.13 39.65
N VAL F 562 -43.47 -26.98 40.09
CA VAL F 562 -44.71 -26.48 39.53
C VAL F 562 -44.54 -25.99 38.09
N ASN F 563 -43.32 -25.68 37.66
CA ASN F 563 -43.10 -25.46 36.24
C ASN F 563 -43.41 -26.73 35.44
N ARG F 564 -42.91 -27.87 35.92
CA ARG F 564 -43.18 -29.12 35.23
C ARG F 564 -44.65 -29.51 35.33
N PHE F 565 -45.26 -29.25 36.48
CA PHE F 565 -46.69 -29.54 36.62
C PHE F 565 -47.51 -28.69 35.67
N ASN F 566 -47.16 -27.42 35.54
CA ASN F 566 -47.90 -26.51 34.67
C ASN F 566 -47.70 -26.88 33.21
N VAL F 567 -46.49 -27.29 32.84
CA VAL F 567 -46.29 -27.73 31.47
C VAL F 567 -46.90 -29.10 31.21
N ALA F 568 -47.18 -29.85 32.28
CA ALA F 568 -47.81 -31.16 32.10
C ALA F 568 -49.31 -31.03 31.88
N ILE F 569 -50.03 -30.45 32.84
CA ILE F 569 -51.48 -30.57 32.80
C ILE F 569 -52.14 -29.69 31.77
N THR F 570 -51.37 -28.93 31.00
CA THR F 570 -51.95 -28.01 30.03
C THR F 570 -51.78 -28.47 28.59
N ARG F 571 -51.42 -29.73 28.37
CA ARG F 571 -51.37 -30.24 27.01
C ARG F 571 -52.63 -30.97 26.61
N ALA F 572 -53.39 -31.49 27.57
CA ALA F 572 -54.70 -32.03 27.28
C ALA F 572 -55.71 -30.90 27.08
N LYS F 573 -56.83 -31.23 26.46
CA LYS F 573 -57.88 -30.26 26.20
C LYS F 573 -59.22 -30.67 26.77
N VAL F 574 -59.58 -31.95 26.67
CA VAL F 574 -60.88 -32.40 27.15
C VAL F 574 -60.77 -33.56 28.15
N GLY F 575 -59.69 -34.32 28.16
CA GLY F 575 -59.62 -35.47 29.03
C GLY F 575 -58.22 -35.89 29.46
N ILE F 576 -58.03 -36.05 30.76
CA ILE F 576 -56.76 -36.60 31.27
C ILE F 576 -57.00 -37.33 32.59
N LEU F 577 -56.59 -38.59 32.61
CA LEU F 577 -56.40 -39.37 33.82
C LEU F 577 -54.98 -39.10 34.31
N CYS F 578 -54.85 -38.86 35.61
CA CYS F 578 -53.55 -38.52 36.16
C CYS F 578 -53.44 -39.07 37.56
N ILE F 579 -52.20 -39.38 37.93
CA ILE F 579 -51.89 -39.99 39.23
C ILE F 579 -51.07 -39.01 40.06
N MET F 580 -51.62 -38.63 41.22
CA MET F 580 -50.96 -37.76 42.17
C MET F 580 -50.50 -38.57 43.38
N SER F 581 -49.23 -38.41 43.76
CA SER F 581 -48.68 -39.11 44.92
C SER F 581 -48.81 -38.31 46.21
N ASP F 582 -48.53 -37.02 46.16
CA ASP F 582 -48.46 -36.19 47.36
C ASP F 582 -49.76 -35.44 47.56
N ARG F 583 -50.19 -35.34 48.82
CA ARG F 583 -51.38 -34.56 49.18
C ARG F 583 -51.25 -33.12 48.76
N ASP F 584 -50.01 -32.62 48.63
CA ASP F 584 -49.79 -31.31 48.04
C ASP F 584 -50.36 -31.25 46.63
N LEU F 585 -50.20 -32.34 45.87
CA LEU F 585 -50.58 -32.30 44.46
C LEU F 585 -52.04 -32.71 44.24
N TYR F 586 -52.74 -33.13 45.29
CA TYR F 586 -54.17 -33.35 45.17
C TYR F 586 -54.99 -32.14 45.61
N ASP F 587 -54.36 -31.13 46.21
CA ASP F 587 -55.07 -30.06 46.91
C ASP F 587 -54.81 -28.67 46.36
N LYS F 588 -53.84 -28.48 45.48
CA LYS F 588 -53.70 -27.17 44.84
C LYS F 588 -54.67 -27.01 43.68
N LEU F 589 -55.44 -28.04 43.34
CA LEU F 589 -56.25 -28.09 42.14
C LEU F 589 -57.58 -28.78 42.44
N GLN F 590 -58.60 -28.43 41.67
CA GLN F 590 -59.94 -28.99 41.87
C GLN F 590 -60.30 -29.92 40.73
N PHE F 591 -60.62 -31.17 41.08
CA PHE F 591 -61.04 -32.20 40.13
C PHE F 591 -61.89 -33.23 40.87
N THR F 592 -62.56 -34.07 40.10
CA THR F 592 -63.41 -35.08 40.69
C THR F 592 -62.57 -36.15 41.37
N SER F 593 -63.22 -36.96 42.21
CA SER F 593 -62.53 -37.86 43.13
C SER F 593 -62.46 -39.30 42.63
N LEU F 594 -63.56 -39.79 42.04
CA LEU F 594 -63.74 -41.19 41.65
C LEU F 594 -63.61 -42.13 42.85
#